data_1GKI
#
_entry.id   1GKI
#
_cell.length_a   151.100
_cell.length_b   151.100
_cell.length_c   251.600
_cell.angle_alpha   90.00
_cell.angle_beta   90.00
_cell.angle_gamma   120.00
#
_symmetry.space_group_name_H-M   'P 31 2 1'
#
loop_
_entity.id
_entity.type
_entity.pdbx_description
1 polymer 'CONJUGAL TRANSFER PROTEIN TRWB'
2 non-polymer "ADENOSINE-5'-DIPHOSPHATE"
3 non-polymer 'MAGNESIUM ION'
4 non-polymer '4-(2-HYDROXYETHYL)-1-PIPERAZINE ETHANESULFONIC ACID'
5 water water
#
_entity_poly.entity_id   1
_entity_poly.type   'polypeptide(L)'
_entity_poly.pdbx_seq_one_letter_code
;LNSVGQGEFGGAPFKRFLRGTRIVSGGKLKRMTREKAKQVTVAGVPMPRDAEPRHLLVNGATGTGKSVLLRELAYTGLLR
GDRMVIVDPNGDMLSKFGRDKDIILNPYDQRTKGWSFFNEIRNDYDWQRYALSVVPRGKTDEAEEWASYGRLLLRETAKK
LALIGTPSMRELFHWTTIATFDDLRGFLEGTLAESLFAGSNEASKALTSARFVLSDKLPEHVTMPDGDFSIRSWLEDPNG
GNLFITWREDMGPALRPLISAWVDVVCTSILSLPEEPKRRLWLFIDELASLEKLASLADALTKGRKAGLRVVAGLQSTSQ
LDDVYGVKEAQTLRASFRSLVVLGGSRTDPKTNEDMSLSLGEHEVERDRYSKNTGKHHSTGRALERVRERVVMPAEIANL
PDLTAYVGFAGNRPIAKVPLEIKQFANRQPAFVEGTI
;
_entity_poly.pdbx_strand_id   A,B,D,E,F,G
#
# COMPACT_ATOMS: atom_id res chain seq x y z
N GLY A 7 24.19 22.64 30.15
CA GLY A 7 24.61 21.77 31.30
C GLY A 7 24.04 20.35 31.25
N GLU A 8 22.77 20.22 30.87
CA GLU A 8 22.14 18.92 30.77
C GLU A 8 21.63 18.71 29.35
N PHE A 9 21.42 19.80 28.63
CA PHE A 9 20.98 19.74 27.25
C PHE A 9 22.20 19.49 26.38
N GLY A 10 22.13 18.47 25.52
CA GLY A 10 23.26 18.13 24.67
C GLY A 10 23.64 19.16 23.61
N GLY A 11 22.69 19.95 23.17
CA GLY A 11 22.99 20.94 22.14
C GLY A 11 23.69 22.17 22.67
N ALA A 12 23.73 23.21 21.84
CA ALA A 12 24.35 24.48 22.23
C ALA A 12 23.54 25.12 23.34
N PRO A 13 24.22 25.66 24.36
CA PRO A 13 23.54 26.31 25.49
C PRO A 13 22.67 27.44 24.99
N PHE A 14 21.63 27.76 25.73
CA PHE A 14 20.73 28.83 25.31
C PHE A 14 20.45 29.84 26.40
N LYS A 15 20.00 31.01 25.96
CA LYS A 15 19.69 32.10 26.88
C LYS A 15 18.37 31.89 27.58
N ARG A 16 17.36 31.52 26.80
CA ARG A 16 16.03 31.42 27.36
C ARG A 16 15.18 30.28 26.79
N PHE A 17 14.42 29.59 27.64
CA PHE A 17 13.55 28.49 27.21
C PHE A 17 12.15 29.02 26.95
N LEU A 18 11.58 28.67 25.80
CA LEU A 18 10.24 29.14 25.45
C LEU A 18 9.12 28.12 25.68
N ARG A 19 9.19 26.98 24.99
CA ARG A 19 8.18 25.92 25.13
C ARG A 19 8.71 24.58 24.66
N GLY A 20 7.92 23.54 24.88
CA GLY A 20 8.30 22.21 24.46
C GLY A 20 8.86 21.33 25.55
N THR A 21 9.56 20.27 25.14
CA THR A 21 10.15 19.37 26.11
C THR A 21 11.34 20.04 26.79
N ARG A 22 11.39 19.90 28.11
CA ARG A 22 12.45 20.49 28.90
C ARG A 22 13.32 19.39 29.48
N ILE A 23 14.63 19.55 29.37
CA ILE A 23 15.52 18.55 29.90
C ILE A 23 16.21 19.11 31.14
N VAL A 24 16.37 18.24 32.13
CA VAL A 24 16.97 18.60 33.41
C VAL A 24 18.01 17.55 33.82
N SER A 25 18.87 17.89 34.78
CA SER A 25 19.90 16.96 35.25
C SER A 25 19.31 15.80 36.06
N GLY A 26 19.99 14.66 36.02
CA GLY A 26 19.51 13.50 36.75
C GLY A 26 19.11 13.85 38.18
N GLY A 27 20.02 14.46 38.92
CA GLY A 27 19.73 14.82 40.29
C GLY A 27 18.58 15.77 40.42
N LYS A 28 18.49 16.74 39.52
CA LYS A 28 17.40 17.71 39.60
C LYS A 28 16.03 17.05 39.44
N LEU A 29 15.94 16.05 38.55
CA LEU A 29 14.68 15.34 38.36
C LEU A 29 14.36 14.52 39.61
N LYS A 30 15.38 13.87 40.15
CA LYS A 30 15.20 13.06 41.35
C LYS A 30 14.61 13.92 42.46
N ARG A 31 15.04 15.17 42.53
CA ARG A 31 14.52 16.08 43.55
C ARG A 31 13.07 16.39 43.23
N MET A 32 12.86 16.79 41.98
CA MET A 32 11.54 17.15 41.49
C MET A 32 10.48 16.10 41.67
N THR A 33 10.81 14.85 41.34
CA THR A 33 9.83 13.77 41.44
C THR A 33 9.71 13.14 42.80
N ARG A 34 10.61 13.50 43.71
CA ARG A 34 10.55 12.93 45.05
C ARG A 34 9.25 13.28 45.73
N GLU A 35 8.68 12.30 46.40
CA GLU A 35 7.43 12.51 47.10
C GLU A 35 7.45 12.02 48.54
N LYS A 36 6.45 12.49 49.28
CA LYS A 36 6.27 12.14 50.67
C LYS A 36 6.07 10.65 50.87
N ALA A 37 5.07 10.07 50.20
CA ALA A 37 4.79 8.64 50.33
C ALA A 37 5.94 7.78 49.79
N LYS A 38 5.84 6.48 50.03
CA LYS A 38 6.85 5.54 49.54
C LYS A 38 6.70 5.43 48.03
N GLN A 39 7.81 5.48 47.32
CA GLN A 39 7.77 5.40 45.87
C GLN A 39 8.66 4.28 45.34
N VAL A 40 8.51 3.99 44.05
CA VAL A 40 9.33 2.98 43.40
C VAL A 40 10.29 3.78 42.52
N THR A 41 11.37 3.18 42.07
CA THR A 41 12.30 3.94 41.25
C THR A 41 12.52 3.42 39.84
N VAL A 42 12.75 4.37 38.93
CA VAL A 42 13.01 4.10 37.53
C VAL A 42 14.41 4.64 37.27
N ALA A 43 15.38 3.74 37.16
CA ALA A 43 16.75 4.15 36.93
C ALA A 43 17.19 5.10 38.05
N GLY A 44 16.83 4.76 39.28
CA GLY A 44 17.19 5.59 40.42
C GLY A 44 16.40 6.87 40.59
N VAL A 45 15.38 7.08 39.75
CA VAL A 45 14.55 8.28 39.86
C VAL A 45 13.22 7.90 40.50
N PRO A 46 12.89 8.53 41.63
CA PRO A 46 11.62 8.20 42.28
C PRO A 46 10.45 8.51 41.33
N MET A 47 9.62 7.50 41.09
CA MET A 47 8.49 7.68 40.18
C MET A 47 7.28 8.32 40.83
N PRO A 48 6.76 9.40 40.21
CA PRO A 48 5.58 10.09 40.74
C PRO A 48 4.46 9.08 40.97
N ARG A 49 3.84 9.11 42.14
CA ARG A 49 2.77 8.18 42.45
C ARG A 49 1.67 8.12 41.40
N ASP A 50 1.20 9.29 40.96
CA ASP A 50 0.12 9.37 39.99
C ASP A 50 0.46 8.80 38.62
N ALA A 51 1.76 8.69 38.34
CA ALA A 51 2.20 8.16 37.06
C ALA A 51 2.23 6.62 37.03
N GLU A 52 2.20 6.00 38.20
CA GLU A 52 2.25 4.54 38.26
C GLU A 52 1.13 3.84 37.47
N PRO A 53 -0.14 4.19 37.73
CA PRO A 53 -1.21 3.52 36.99
C PRO A 53 -1.40 4.02 35.55
N ARG A 54 -0.48 4.88 35.10
CA ARG A 54 -0.51 5.42 33.73
C ARG A 54 0.43 4.58 32.88
N HIS A 55 1.09 3.64 33.54
CA HIS A 55 2.01 2.70 32.91
C HIS A 55 3.30 3.28 32.39
N LEU A 56 4.28 2.39 32.22
CA LEU A 56 5.61 2.76 31.75
C LEU A 56 6.10 1.85 30.61
N LEU A 57 6.62 2.47 29.55
CA LEU A 57 7.14 1.74 28.40
C LEU A 57 8.66 1.94 28.36
N VAL A 58 9.41 0.85 28.49
CA VAL A 58 10.86 0.92 28.48
C VAL A 58 11.40 0.44 27.15
N ASN A 59 11.74 1.38 26.27
CA ASN A 59 12.26 1.05 24.95
C ASN A 59 13.77 1.08 24.93
N GLY A 60 14.40 0.05 24.39
CA GLY A 60 15.85 0.00 24.34
C GLY A 60 16.45 -1.15 23.56
N ALA A 61 17.57 -0.90 22.89
CA ALA A 61 18.25 -1.92 22.10
C ALA A 61 18.61 -3.10 22.98
N THR A 62 18.86 -4.24 22.35
CA THR A 62 19.23 -5.43 23.09
C THR A 62 20.53 -5.21 23.84
N GLY A 63 20.52 -5.51 25.13
CA GLY A 63 21.71 -5.36 25.95
C GLY A 63 22.00 -3.98 26.52
N THR A 64 20.97 -3.14 26.60
CA THR A 64 21.14 -1.79 27.11
C THR A 64 20.68 -1.62 28.56
N GLY A 65 19.91 -2.55 29.08
CA GLY A 65 19.48 -2.44 30.47
C GLY A 65 18.00 -2.52 30.80
N LYS A 66 17.16 -2.87 29.83
CA LYS A 66 15.73 -2.97 30.09
C LYS A 66 15.49 -3.88 31.30
N SER A 67 16.15 -5.04 31.29
CA SER A 67 16.00 -6.01 32.36
C SER A 67 16.49 -5.47 33.69
N VAL A 68 17.60 -4.75 33.69
CA VAL A 68 18.12 -4.17 34.92
C VAL A 68 17.06 -3.21 35.45
N LEU A 69 16.58 -2.35 34.57
CA LEU A 69 15.59 -1.36 34.95
C LEU A 69 14.32 -1.96 35.51
N LEU A 70 13.78 -2.96 34.84
CA LEU A 70 12.55 -3.63 35.30
C LEU A 70 12.76 -4.37 36.62
N ARG A 71 13.94 -4.98 36.79
CA ARG A 71 14.24 -5.71 38.01
C ARG A 71 14.27 -4.73 39.19
N GLU A 72 14.90 -3.56 38.99
CA GLU A 72 14.95 -2.55 40.04
C GLU A 72 13.55 -2.05 40.39
N LEU A 73 12.75 -1.81 39.36
CA LEU A 73 11.38 -1.33 39.57
C LEU A 73 10.62 -2.35 40.39
N ALA A 74 10.66 -3.61 39.95
CA ALA A 74 9.99 -4.70 40.64
C ALA A 74 10.42 -4.76 42.10
N TYR A 75 11.73 -4.73 42.32
CA TYR A 75 12.31 -4.78 43.66
C TYR A 75 11.77 -3.71 44.60
N THR A 76 11.92 -2.44 44.21
CA THR A 76 11.43 -1.36 45.06
C THR A 76 9.91 -1.48 45.23
N GLY A 77 9.25 -2.09 44.26
CA GLY A 77 7.82 -2.26 44.37
C GLY A 77 7.50 -3.28 45.45
N LEU A 78 8.34 -4.30 45.53
CA LEU A 78 8.18 -5.35 46.53
C LEU A 78 8.46 -4.82 47.93
N LEU A 79 9.43 -3.91 48.03
CA LEU A 79 9.78 -3.32 49.31
C LEU A 79 8.58 -2.52 49.82
N ARG A 80 7.82 -1.95 48.90
CA ARG A 80 6.64 -1.20 49.30
C ARG A 80 5.49 -2.15 49.61
N GLY A 81 5.72 -3.43 49.31
CA GLY A 81 4.72 -4.46 49.56
C GLY A 81 3.63 -4.60 48.52
N ASP A 82 3.86 -4.13 47.30
CA ASP A 82 2.84 -4.26 46.26
C ASP A 82 2.84 -5.65 45.67
N ARG A 83 1.70 -6.08 45.13
CA ARG A 83 1.61 -7.38 44.50
C ARG A 83 1.96 -7.21 43.03
N MET A 84 2.36 -8.30 42.39
CA MET A 84 2.71 -8.22 40.98
C MET A 84 2.70 -9.55 40.25
N VAL A 85 2.52 -9.46 38.93
CA VAL A 85 2.51 -10.61 38.05
C VAL A 85 3.71 -10.31 37.20
N ILE A 86 4.65 -11.25 37.13
CA ILE A 86 5.85 -11.02 36.35
C ILE A 86 6.04 -12.03 35.23
N VAL A 87 6.03 -11.54 33.99
CA VAL A 87 6.28 -12.41 32.86
C VAL A 87 7.79 -12.54 33.00
N ASP A 88 8.23 -13.62 33.63
CA ASP A 88 9.63 -13.82 33.92
C ASP A 88 10.39 -14.91 33.16
N PRO A 89 11.24 -14.50 32.22
CA PRO A 89 12.07 -15.40 31.39
C PRO A 89 13.14 -16.09 32.24
N ASN A 90 13.31 -17.38 32.02
CA ASN A 90 14.29 -18.17 32.74
C ASN A 90 14.14 -18.08 34.25
N GLY A 91 12.97 -17.63 34.70
CA GLY A 91 12.73 -17.52 36.13
C GLY A 91 13.76 -16.67 36.85
N ASP A 92 14.30 -15.66 36.16
CA ASP A 92 15.29 -14.80 36.78
C ASP A 92 14.70 -14.06 37.98
N MET A 93 13.60 -13.34 37.77
CA MET A 93 12.96 -12.60 38.85
C MET A 93 12.54 -13.54 39.95
N LEU A 94 12.09 -14.72 39.56
CA LEU A 94 11.65 -15.72 40.53
C LEU A 94 12.77 -16.13 41.49
N SER A 95 13.94 -16.42 40.93
CA SER A 95 15.08 -16.83 41.74
C SER A 95 15.60 -15.72 42.66
N LYS A 96 15.20 -14.47 42.38
CA LYS A 96 15.66 -13.34 43.19
C LYS A 96 14.67 -12.86 44.22
N PHE A 97 13.41 -12.70 43.82
CA PHE A 97 12.38 -12.17 44.74
C PHE A 97 11.27 -13.15 45.08
N GLY A 98 11.38 -14.37 44.58
CA GLY A 98 10.36 -15.37 44.85
C GLY A 98 10.34 -15.84 46.29
N ARG A 99 9.16 -15.81 46.89
CA ARG A 99 8.99 -16.27 48.27
C ARG A 99 8.20 -17.56 48.23
N ASP A 100 7.89 -18.10 49.41
CA ASP A 100 7.16 -19.35 49.50
C ASP A 100 5.68 -19.16 49.29
N LYS A 101 5.16 -18.01 49.70
CA LYS A 101 3.73 -17.77 49.51
C LYS A 101 3.44 -17.38 48.05
N ASP A 102 4.50 -17.21 47.26
CA ASP A 102 4.34 -16.83 45.88
C ASP A 102 4.00 -17.98 44.93
N ILE A 103 3.31 -17.63 43.85
CA ILE A 103 2.84 -18.56 42.83
C ILE A 103 3.72 -18.68 41.58
N ILE A 104 3.77 -19.88 41.00
CA ILE A 104 4.56 -20.13 39.80
C ILE A 104 3.69 -20.81 38.74
N LEU A 105 3.68 -20.24 37.54
CA LEU A 105 2.94 -20.81 36.42
C LEU A 105 3.95 -21.17 35.33
N ASN A 106 4.16 -22.47 35.15
CA ASN A 106 5.10 -23.01 34.17
C ASN A 106 4.78 -24.49 34.06
N PRO A 107 4.23 -24.92 32.91
CA PRO A 107 3.90 -26.33 32.75
C PRO A 107 5.04 -27.32 33.01
N TYR A 108 6.28 -26.86 32.90
CA TYR A 108 7.42 -27.74 33.11
C TYR A 108 8.14 -27.61 34.43
N ASP A 109 7.68 -26.70 35.29
CA ASP A 109 8.31 -26.54 36.59
C ASP A 109 7.52 -27.28 37.63
N GLN A 110 8.21 -28.10 38.42
CA GLN A 110 7.60 -28.89 39.46
C GLN A 110 6.74 -28.10 40.45
N ARG A 111 7.10 -26.84 40.67
CA ARG A 111 6.37 -26.00 41.61
C ARG A 111 5.12 -25.32 41.05
N THR A 112 4.88 -25.50 39.76
CA THR A 112 3.72 -24.86 39.13
C THR A 112 2.40 -25.28 39.73
N LYS A 113 1.42 -24.38 39.69
CA LYS A 113 0.10 -24.70 40.20
C LYS A 113 -0.57 -25.44 39.05
N GLY A 114 -1.68 -26.11 39.33
CA GLY A 114 -2.42 -26.80 38.27
C GLY A 114 -3.42 -25.79 37.71
N TRP A 115 -3.54 -25.74 36.39
CA TRP A 115 -4.45 -24.76 35.79
C TRP A 115 -5.06 -25.15 34.46
N SER A 116 -6.24 -24.59 34.20
CA SER A 116 -7.00 -24.80 32.98
C SER A 116 -7.84 -23.53 32.88
N PHE A 117 -8.17 -23.08 31.68
CA PHE A 117 -8.96 -21.85 31.58
C PHE A 117 -10.37 -22.08 32.14
N PHE A 118 -10.73 -23.35 32.32
CA PHE A 118 -12.03 -23.67 32.88
C PHE A 118 -12.15 -23.00 34.23
N ASN A 119 -11.05 -23.05 34.99
CA ASN A 119 -10.97 -22.49 36.34
C ASN A 119 -11.31 -21.00 36.43
N GLU A 120 -11.40 -20.32 35.30
CA GLU A 120 -11.70 -18.90 35.32
C GLU A 120 -13.16 -18.58 34.98
N ILE A 121 -13.87 -19.59 34.49
CA ILE A 121 -15.27 -19.42 34.11
C ILE A 121 -16.18 -19.27 35.33
N ARG A 122 -16.94 -18.18 35.36
CA ARG A 122 -17.84 -17.94 36.48
C ARG A 122 -19.27 -17.55 36.06
N ASN A 123 -19.38 -16.97 34.87
CA ASN A 123 -20.67 -16.57 34.29
C ASN A 123 -20.66 -17.00 32.85
N ASP A 124 -21.79 -16.86 32.16
CA ASP A 124 -21.82 -17.29 30.77
C ASP A 124 -20.95 -16.43 29.85
N TYR A 125 -20.94 -15.12 30.07
CA TYR A 125 -20.15 -14.25 29.21
C TYR A 125 -18.65 -14.53 29.34
N ASP A 126 -18.29 -15.32 30.37
CA ASP A 126 -16.89 -15.66 30.58
C ASP A 126 -16.31 -16.64 29.56
N TRP A 127 -17.16 -17.42 28.89
CA TRP A 127 -16.63 -18.36 27.91
C TRP A 127 -15.92 -17.64 26.76
N GLN A 128 -16.63 -16.77 26.06
CA GLN A 128 -15.99 -16.05 24.97
C GLN A 128 -14.86 -15.22 25.55
N ARG A 129 -15.11 -14.62 26.69
CA ARG A 129 -14.13 -13.77 27.36
C ARG A 129 -12.76 -14.43 27.46
N TYR A 130 -12.72 -15.69 27.88
CA TYR A 130 -11.46 -16.39 28.01
C TYR A 130 -11.09 -17.22 26.79
N ALA A 131 -12.00 -17.33 25.83
CA ALA A 131 -11.67 -18.04 24.60
C ALA A 131 -10.79 -17.04 23.88
N LEU A 132 -11.04 -15.76 24.19
CA LEU A 132 -10.31 -14.64 23.62
C LEU A 132 -8.89 -14.62 24.15
N SER A 133 -8.68 -15.29 25.27
CA SER A 133 -7.37 -15.37 25.87
C SER A 133 -6.63 -16.60 25.38
N VAL A 134 -7.35 -17.70 25.23
CA VAL A 134 -6.75 -18.96 24.77
C VAL A 134 -6.33 -18.84 23.31
N VAL A 135 -7.17 -18.17 22.54
CA VAL A 135 -6.93 -17.94 21.12
C VAL A 135 -6.77 -16.44 20.90
N PRO A 136 -5.54 -15.92 21.00
CA PRO A 136 -5.30 -14.49 20.80
C PRO A 136 -5.71 -14.00 19.42
N ARG A 137 -5.65 -12.69 19.20
CA ARG A 137 -6.03 -12.11 17.92
C ARG A 137 -5.12 -12.54 16.80
N GLY A 138 -5.68 -12.65 15.60
CA GLY A 138 -4.90 -13.04 14.45
C GLY A 138 -4.01 -11.90 13.98
N LYS A 139 -2.87 -12.24 13.39
CA LYS A 139 -1.93 -11.24 12.89
C LYS A 139 -2.57 -10.45 11.75
N THR A 140 -3.18 -11.18 10.82
CA THR A 140 -3.84 -10.56 9.67
C THR A 140 -5.35 -10.75 9.78
N ASP A 141 -6.11 -9.94 9.04
CA ASP A 141 -7.56 -10.02 9.05
C ASP A 141 -8.03 -11.45 8.80
N GLU A 142 -7.43 -12.11 7.82
CA GLU A 142 -7.83 -13.48 7.50
C GLU A 142 -7.47 -14.44 8.62
N ALA A 143 -6.33 -14.21 9.26
CA ALA A 143 -5.89 -15.06 10.36
C ALA A 143 -6.83 -14.92 11.54
N GLU A 144 -7.36 -13.71 11.71
CA GLU A 144 -8.29 -13.44 12.80
C GLU A 144 -9.65 -14.08 12.52
N GLU A 145 -10.00 -14.17 11.24
CA GLU A 145 -11.27 -14.77 10.89
C GLU A 145 -11.20 -16.24 11.31
N TRP A 146 -10.09 -16.91 11.03
CA TRP A 146 -9.94 -18.30 11.41
C TRP A 146 -10.02 -18.38 12.92
N ALA A 147 -9.28 -17.51 13.58
CA ALA A 147 -9.25 -17.46 15.03
C ALA A 147 -10.66 -17.40 15.59
N SER A 148 -11.50 -16.52 15.03
CA SER A 148 -12.88 -16.38 15.50
C SER A 148 -13.63 -17.71 15.38
N TYR A 149 -13.38 -18.45 14.29
CA TYR A 149 -14.03 -19.74 14.08
C TYR A 149 -13.53 -20.67 15.18
N GLY A 150 -12.24 -20.55 15.47
CA GLY A 150 -11.64 -21.37 16.51
C GLY A 150 -12.25 -21.10 17.86
N ARG A 151 -12.51 -19.83 18.18
CA ARG A 151 -13.11 -19.50 19.46
C ARG A 151 -14.54 -20.01 19.54
N LEU A 152 -15.27 -19.92 18.43
CA LEU A 152 -16.64 -20.42 18.39
C LEU A 152 -16.58 -21.90 18.74
N LEU A 153 -15.75 -22.65 18.02
CA LEU A 153 -15.60 -24.07 18.27
C LEU A 153 -15.13 -24.34 19.70
N LEU A 154 -14.19 -23.53 20.17
CA LEU A 154 -13.67 -23.72 21.51
C LEU A 154 -14.70 -23.48 22.61
N ARG A 155 -15.33 -22.31 22.60
CA ARG A 155 -16.31 -21.98 23.63
C ARG A 155 -17.51 -22.90 23.69
N GLU A 156 -18.05 -23.31 22.54
CA GLU A 156 -19.21 -24.19 22.54
C GLU A 156 -18.88 -25.61 23.00
N THR A 157 -17.74 -26.13 22.57
CA THR A 157 -17.33 -27.48 22.93
C THR A 157 -16.98 -27.56 24.41
N ALA A 158 -16.31 -26.53 24.92
CA ALA A 158 -15.93 -26.50 26.34
C ALA A 158 -17.18 -26.31 27.21
N LYS A 159 -18.10 -25.47 26.72
CA LYS A 159 -19.33 -25.19 27.45
C LYS A 159 -20.08 -26.52 27.66
N LYS A 160 -20.19 -27.31 26.60
CA LYS A 160 -20.89 -28.59 26.69
C LYS A 160 -20.15 -29.56 27.60
N LEU A 161 -18.84 -29.67 27.42
CA LEU A 161 -18.05 -30.58 28.25
C LEU A 161 -18.28 -30.24 29.73
N ALA A 162 -18.23 -28.95 30.05
CA ALA A 162 -18.45 -28.50 31.42
C ALA A 162 -19.86 -28.88 31.86
N LEU A 163 -20.82 -28.68 30.96
CA LEU A 163 -22.21 -28.99 31.24
C LEU A 163 -22.40 -30.46 31.64
N ILE A 164 -21.91 -31.37 30.80
CA ILE A 164 -22.05 -32.80 31.07
C ILE A 164 -21.11 -33.28 32.18
N GLY A 165 -20.52 -32.33 32.90
CA GLY A 165 -19.64 -32.66 34.01
C GLY A 165 -18.24 -33.18 33.74
N THR A 166 -17.71 -32.95 32.54
CA THR A 166 -16.35 -33.41 32.24
C THR A 166 -15.49 -32.27 31.67
N PRO A 167 -15.24 -31.23 32.48
CA PRO A 167 -14.42 -30.07 32.09
C PRO A 167 -12.96 -30.46 31.94
N SER A 168 -12.69 -31.30 30.95
CA SER A 168 -11.33 -31.78 30.68
C SER A 168 -10.68 -31.16 29.45
N MET A 169 -9.46 -30.65 29.62
CA MET A 169 -8.75 -30.06 28.50
C MET A 169 -8.39 -31.16 27.52
N ARG A 170 -8.14 -32.34 28.06
CA ARG A 170 -7.81 -33.51 27.26
C ARG A 170 -8.98 -33.83 26.33
N GLU A 171 -10.17 -33.87 26.92
CA GLU A 171 -11.39 -34.15 26.16
C GLU A 171 -11.63 -33.02 25.16
N LEU A 172 -11.46 -31.78 25.62
CA LEU A 172 -11.65 -30.63 24.75
C LEU A 172 -10.74 -30.71 23.54
N PHE A 173 -9.47 -31.04 23.79
CA PHE A 173 -8.49 -31.16 22.73
C PHE A 173 -8.83 -32.33 21.79
N HIS A 174 -9.32 -33.43 22.36
CA HIS A 174 -9.66 -34.59 21.54
C HIS A 174 -10.79 -34.28 20.56
N TRP A 175 -11.89 -33.74 21.08
CA TRP A 175 -13.04 -33.38 20.26
C TRP A 175 -12.73 -32.34 19.18
N THR A 176 -12.00 -31.30 19.55
CA THR A 176 -11.67 -30.22 18.62
C THR A 176 -10.53 -30.47 17.65
N THR A 177 -9.72 -31.51 17.85
CA THR A 177 -8.64 -31.75 16.91
C THR A 177 -8.38 -33.19 16.53
N ILE A 178 -8.95 -34.14 17.25
CA ILE A 178 -8.72 -35.56 16.93
C ILE A 178 -9.97 -36.25 16.42
N ALA A 179 -11.08 -36.06 17.12
CA ALA A 179 -12.34 -36.68 16.71
C ALA A 179 -12.59 -36.41 15.23
N THR A 180 -13.12 -37.41 14.53
CA THR A 180 -13.40 -37.23 13.10
C THR A 180 -14.44 -36.12 12.93
N PHE A 181 -14.37 -35.47 11.78
CA PHE A 181 -15.25 -34.37 11.43
C PHE A 181 -16.69 -34.64 11.81
N ASP A 182 -17.20 -35.81 11.41
CA ASP A 182 -18.58 -36.18 11.70
C ASP A 182 -18.85 -36.29 13.21
N ASP A 183 -18.01 -37.03 13.91
CA ASP A 183 -18.17 -37.20 15.36
C ASP A 183 -18.27 -35.84 16.04
N LEU A 184 -17.38 -34.92 15.65
CA LEU A 184 -17.37 -33.58 16.24
C LEU A 184 -18.71 -32.91 15.99
N ARG A 185 -19.14 -32.91 14.73
CA ARG A 185 -20.42 -32.30 14.38
C ARG A 185 -21.48 -32.87 15.29
N GLY A 186 -21.39 -34.19 15.50
CA GLY A 186 -22.33 -34.88 16.35
C GLY A 186 -22.28 -34.31 17.75
N PHE A 187 -21.08 -34.29 18.33
CA PHE A 187 -20.91 -33.77 19.69
C PHE A 187 -21.41 -32.32 19.79
N LEU A 188 -21.37 -31.58 18.69
CA LEU A 188 -21.81 -30.19 18.68
C LEU A 188 -23.32 -30.03 18.70
N GLU A 189 -24.02 -31.05 18.20
CA GLU A 189 -25.48 -31.03 18.16
C GLU A 189 -25.98 -30.62 19.53
N GLY A 190 -26.82 -29.58 19.57
CA GLY A 190 -27.34 -29.12 20.84
C GLY A 190 -26.67 -27.83 21.29
N THR A 191 -25.53 -27.51 20.69
CA THR A 191 -24.80 -26.28 21.00
C THR A 191 -25.07 -25.26 19.89
N LEU A 192 -24.78 -23.99 20.16
CA LEU A 192 -25.00 -22.94 19.18
C LEU A 192 -24.20 -23.23 17.91
N ALA A 193 -23.16 -24.05 18.05
CA ALA A 193 -22.30 -24.41 16.94
C ALA A 193 -22.88 -25.55 16.10
N GLU A 194 -24.06 -26.03 16.48
CA GLU A 194 -24.68 -27.15 15.77
C GLU A 194 -24.79 -26.92 14.28
N SER A 195 -25.55 -25.91 13.88
CA SER A 195 -25.73 -25.64 12.46
C SER A 195 -24.69 -24.73 11.84
N LEU A 196 -24.11 -23.84 12.63
CA LEU A 196 -23.11 -22.92 12.09
C LEU A 196 -22.00 -23.59 11.29
N PHE A 197 -21.55 -24.76 11.74
CA PHE A 197 -20.48 -25.51 11.08
C PHE A 197 -20.96 -26.60 10.13
N ALA A 198 -22.12 -26.39 9.50
CA ALA A 198 -22.65 -27.38 8.57
C ALA A 198 -23.64 -26.78 7.59
N GLY A 199 -23.84 -27.46 6.46
CA GLY A 199 -24.79 -26.96 5.47
C GLY A 199 -24.21 -26.40 4.17
N SER A 200 -22.89 -26.29 4.10
CA SER A 200 -22.26 -25.76 2.88
C SER A 200 -20.77 -26.03 2.95
N ASN A 201 -20.08 -25.84 1.83
CA ASN A 201 -18.65 -26.05 1.81
C ASN A 201 -18.03 -25.02 2.75
N GLU A 202 -18.49 -23.78 2.63
CA GLU A 202 -17.99 -22.70 3.46
C GLU A 202 -18.05 -23.10 4.93
N ALA A 203 -19.21 -23.60 5.36
CA ALA A 203 -19.37 -24.03 6.74
C ALA A 203 -18.28 -25.03 7.11
N SER A 204 -18.08 -26.04 6.27
CA SER A 204 -17.06 -27.05 6.50
C SER A 204 -15.67 -26.46 6.52
N LYS A 205 -15.40 -25.53 5.61
CA LYS A 205 -14.11 -24.88 5.56
C LYS A 205 -13.86 -24.18 6.88
N ALA A 206 -14.89 -23.46 7.35
CA ALA A 206 -14.80 -22.72 8.61
C ALA A 206 -14.44 -23.66 9.76
N LEU A 207 -15.09 -24.82 9.79
CA LEU A 207 -14.82 -25.79 10.83
C LEU A 207 -13.37 -26.25 10.73
N THR A 208 -12.90 -26.50 9.51
CA THR A 208 -11.53 -26.93 9.32
C THR A 208 -10.57 -25.86 9.80
N SER A 209 -10.91 -24.60 9.58
CA SER A 209 -10.06 -23.51 10.04
C SER A 209 -10.00 -23.55 11.56
N ALA A 210 -11.15 -23.66 12.20
CA ALA A 210 -11.22 -23.71 13.66
C ALA A 210 -10.32 -24.81 14.21
N ARG A 211 -10.42 -26.00 13.65
CA ARG A 211 -9.61 -27.15 14.09
C ARG A 211 -8.13 -26.78 14.10
N PHE A 212 -7.64 -26.30 12.96
CA PHE A 212 -6.24 -25.93 12.86
C PHE A 212 -5.85 -24.95 13.95
N VAL A 213 -6.59 -23.85 14.08
CA VAL A 213 -6.27 -22.86 15.10
C VAL A 213 -6.10 -23.50 16.48
N LEU A 214 -7.16 -24.17 16.94
CA LEU A 214 -7.12 -24.82 18.24
C LEU A 214 -6.02 -25.86 18.34
N SER A 215 -5.69 -26.51 17.22
CA SER A 215 -4.63 -27.51 17.22
C SER A 215 -3.30 -26.82 17.44
N ASP A 216 -3.26 -25.51 17.15
CA ASP A 216 -2.05 -24.73 17.32
C ASP A 216 -1.95 -24.14 18.72
N LYS A 217 -3.06 -23.66 19.26
CA LYS A 217 -3.04 -23.05 20.59
C LYS A 217 -3.12 -24.02 21.76
N LEU A 218 -4.11 -24.89 21.73
CA LEU A 218 -4.36 -25.84 22.82
C LEU A 218 -3.26 -26.74 23.39
N PRO A 219 -2.40 -27.34 22.54
CA PRO A 219 -1.31 -28.22 23.00
C PRO A 219 -0.71 -27.99 24.39
N GLU A 220 -0.06 -26.86 24.60
CA GLU A 220 0.54 -26.57 25.90
C GLU A 220 -0.48 -26.46 27.04
N HIS A 221 -1.71 -26.10 26.70
CA HIS A 221 -2.78 -26.00 27.69
C HIS A 221 -3.11 -27.41 28.20
N VAL A 222 -3.12 -28.38 27.28
CA VAL A 222 -3.43 -29.77 27.61
C VAL A 222 -2.36 -30.41 28.50
N THR A 223 -1.10 -30.26 28.11
CA THR A 223 0.03 -30.83 28.87
C THR A 223 0.30 -30.08 30.16
N MET A 224 -0.55 -29.12 30.49
CA MET A 224 -0.37 -28.35 31.70
C MET A 224 -0.86 -29.19 32.87
N PRO A 225 -0.08 -29.26 33.97
CA PRO A 225 -0.47 -30.03 35.14
C PRO A 225 -1.83 -29.55 35.62
N ASP A 226 -2.74 -30.49 35.89
CA ASP A 226 -4.06 -30.10 36.35
C ASP A 226 -4.13 -29.61 37.77
N GLY A 227 -5.02 -28.65 38.00
CA GLY A 227 -5.18 -28.09 39.31
C GLY A 227 -6.39 -27.20 39.32
N ASP A 228 -6.71 -26.66 40.48
CA ASP A 228 -7.87 -25.79 40.62
C ASP A 228 -7.49 -24.32 40.80
N PHE A 229 -6.22 -24.00 40.54
CA PHE A 229 -5.77 -22.63 40.69
C PHE A 229 -6.53 -21.72 39.73
N SER A 230 -6.92 -20.55 40.23
CA SER A 230 -7.65 -19.58 39.43
C SER A 230 -7.03 -18.19 39.54
N ILE A 231 -6.57 -17.66 38.41
CA ILE A 231 -5.96 -16.32 38.40
C ILE A 231 -6.96 -15.30 38.91
N ARG A 232 -8.25 -15.56 38.66
CA ARG A 232 -9.29 -14.64 39.10
C ARG A 232 -9.34 -14.61 40.63
N SER A 233 -9.48 -15.80 41.23
CA SER A 233 -9.53 -15.93 42.68
C SER A 233 -8.27 -15.35 43.32
N TRP A 234 -7.12 -15.68 42.74
CA TRP A 234 -5.81 -15.21 43.20
C TRP A 234 -5.74 -13.68 43.28
N LEU A 235 -6.32 -13.00 42.30
CA LEU A 235 -6.32 -11.55 42.29
C LEU A 235 -7.13 -10.99 43.45
N GLU A 236 -8.18 -11.72 43.83
CA GLU A 236 -9.08 -11.32 44.91
C GLU A 236 -8.51 -11.58 46.31
N ASP A 237 -7.64 -12.57 46.41
CA ASP A 237 -7.03 -12.92 47.69
C ASP A 237 -5.86 -11.98 48.00
N PRO A 238 -6.07 -11.02 48.92
CA PRO A 238 -5.01 -10.07 49.29
C PRO A 238 -3.78 -10.83 49.78
N ASN A 239 -4.03 -11.85 50.61
CA ASN A 239 -2.97 -12.67 51.17
C ASN A 239 -2.25 -13.51 50.14
N GLY A 240 -2.78 -13.54 48.93
CA GLY A 240 -2.14 -14.27 47.86
C GLY A 240 -0.81 -13.59 47.63
N GLY A 241 0.17 -14.31 47.11
CA GLY A 241 1.47 -13.71 46.90
C GLY A 241 1.59 -13.02 45.57
N ASN A 242 2.75 -13.18 44.93
CA ASN A 242 3.00 -12.61 43.63
C ASN A 242 2.99 -13.77 42.61
N LEU A 243 2.65 -13.46 41.36
CA LEU A 243 2.60 -14.51 40.35
C LEU A 243 3.80 -14.42 39.43
N PHE A 244 4.54 -15.51 39.31
CA PHE A 244 5.70 -15.56 38.43
C PHE A 244 5.42 -16.49 37.26
N ILE A 245 5.36 -15.94 36.06
CA ILE A 245 5.12 -16.75 34.87
C ILE A 245 6.50 -16.99 34.27
N THR A 246 7.03 -18.19 34.43
CA THR A 246 8.36 -18.49 33.93
C THR A 246 8.38 -19.54 32.83
N TRP A 247 9.52 -19.61 32.14
CA TRP A 247 9.72 -20.56 31.05
C TRP A 247 11.18 -20.50 30.63
N ARG A 248 11.69 -21.59 30.06
CA ARG A 248 13.06 -21.63 29.60
C ARG A 248 13.10 -21.11 28.17
N GLU A 249 14.02 -20.18 27.91
CA GLU A 249 14.15 -19.56 26.61
C GLU A 249 14.06 -20.47 25.38
N ASP A 250 14.64 -21.66 25.45
CA ASP A 250 14.61 -22.54 24.29
C ASP A 250 13.20 -23.02 23.98
N MET A 251 12.29 -22.85 24.92
CA MET A 251 10.90 -23.27 24.70
C MET A 251 9.97 -22.06 24.51
N GLY A 252 10.57 -20.87 24.39
CA GLY A 252 9.78 -19.67 24.22
C GLY A 252 8.72 -19.80 23.15
N PRO A 253 9.11 -20.13 21.91
CA PRO A 253 8.11 -20.26 20.85
C PRO A 253 7.02 -21.29 21.15
N ALA A 254 7.37 -22.35 21.85
CA ALA A 254 6.42 -23.39 22.20
C ALA A 254 5.37 -22.91 23.21
N LEU A 255 5.81 -22.13 24.18
CA LEU A 255 4.91 -21.63 25.20
C LEU A 255 4.34 -20.27 24.91
N ARG A 256 4.61 -19.73 23.73
CA ARG A 256 4.11 -18.40 23.37
C ARG A 256 2.61 -18.28 23.54
N PRO A 257 1.83 -19.19 22.94
CA PRO A 257 0.37 -19.09 23.09
C PRO A 257 -0.18 -19.30 24.50
N LEU A 258 0.52 -20.05 25.34
CA LEU A 258 0.06 -20.30 26.70
C LEU A 258 0.31 -19.06 27.56
N ILE A 259 1.53 -18.54 27.51
CA ILE A 259 1.90 -17.36 28.27
C ILE A 259 1.06 -16.18 27.84
N SER A 260 0.76 -16.11 26.55
CA SER A 260 -0.05 -15.01 26.04
C SER A 260 -1.45 -15.11 26.60
N ALA A 261 -1.85 -16.34 26.93
CA ALA A 261 -3.17 -16.58 27.49
C ALA A 261 -3.20 -16.12 28.94
N TRP A 262 -2.22 -16.56 29.73
CA TRP A 262 -2.17 -16.15 31.12
C TRP A 262 -2.12 -14.64 31.26
N VAL A 263 -1.26 -13.97 30.48
CA VAL A 263 -1.14 -12.53 30.56
C VAL A 263 -2.47 -11.87 30.21
N ASP A 264 -3.15 -12.40 29.20
CA ASP A 264 -4.43 -11.81 28.83
C ASP A 264 -5.48 -12.05 29.92
N VAL A 265 -5.45 -13.24 30.52
CA VAL A 265 -6.40 -13.56 31.58
C VAL A 265 -6.30 -12.51 32.69
N VAL A 266 -5.08 -12.17 33.07
CA VAL A 266 -4.84 -11.17 34.09
C VAL A 266 -5.45 -9.85 33.63
N CYS A 267 -5.29 -9.54 32.35
CA CYS A 267 -5.80 -8.30 31.77
C CYS A 267 -7.32 -8.09 31.84
N THR A 268 -8.11 -9.11 31.49
CA THR A 268 -9.57 -8.97 31.54
C THR A 268 -10.06 -9.08 32.97
N SER A 269 -9.50 -10.08 33.66
CA SER A 269 -9.86 -10.37 35.03
C SER A 269 -9.78 -9.19 35.99
N ILE A 270 -8.74 -8.37 35.90
CA ILE A 270 -8.66 -7.23 36.81
C ILE A 270 -9.86 -6.30 36.65
N LEU A 271 -10.48 -6.37 35.48
CA LEU A 271 -11.64 -5.52 35.19
C LEU A 271 -12.87 -5.95 35.97
N SER A 272 -12.81 -7.09 36.63
CA SER A 272 -13.95 -7.59 37.40
C SER A 272 -13.73 -7.50 38.91
N LEU A 273 -12.48 -7.26 39.31
CA LEU A 273 -12.16 -7.14 40.73
C LEU A 273 -13.03 -6.07 41.36
N PRO A 274 -13.41 -6.27 42.64
CA PRO A 274 -14.25 -5.32 43.37
C PRO A 274 -13.58 -3.99 43.67
N GLU A 275 -14.41 -2.98 43.89
CA GLU A 275 -13.98 -1.63 44.19
C GLU A 275 -13.03 -1.55 45.37
N GLU A 276 -11.74 -1.42 45.07
CA GLU A 276 -10.73 -1.34 46.12
C GLU A 276 -9.60 -0.37 45.76
N PRO A 277 -9.67 0.87 46.29
CA PRO A 277 -8.70 1.95 46.06
C PRO A 277 -7.27 1.63 46.51
N LYS A 278 -7.13 0.91 47.61
CA LYS A 278 -5.81 0.57 48.12
C LYS A 278 -5.05 -0.48 47.32
N ARG A 279 -5.70 -1.10 46.35
CA ARG A 279 -5.01 -2.14 45.58
C ARG A 279 -3.93 -1.57 44.68
N ARG A 280 -2.83 -2.31 44.57
CA ARG A 280 -1.71 -1.94 43.71
C ARG A 280 -1.16 -3.23 43.11
N LEU A 281 -1.46 -3.44 41.83
CA LEU A 281 -1.03 -4.64 41.13
C LEU A 281 -0.18 -4.29 39.92
N TRP A 282 1.05 -4.77 39.89
CA TRP A 282 1.95 -4.51 38.77
C TRP A 282 1.90 -5.66 37.78
N LEU A 283 2.02 -5.33 36.50
CA LEU A 283 2.06 -6.34 35.44
C LEU A 283 3.37 -6.10 34.74
N PHE A 284 4.37 -6.93 35.03
CA PHE A 284 5.68 -6.78 34.40
C PHE A 284 5.80 -7.68 33.16
N ILE A 285 5.94 -7.04 32.00
CA ILE A 285 6.09 -7.76 30.74
C ILE A 285 7.46 -7.41 30.19
N ASP A 286 8.40 -8.35 30.29
CA ASP A 286 9.76 -8.11 29.83
C ASP A 286 9.82 -7.69 28.37
N GLU A 287 9.09 -8.39 27.51
CA GLU A 287 9.10 -8.05 26.09
C GLU A 287 7.70 -8.13 25.49
N LEU A 288 7.05 -6.97 25.42
CA LEU A 288 5.71 -6.88 24.89
C LEU A 288 5.52 -7.50 23.51
N ALA A 289 6.52 -7.34 22.64
CA ALA A 289 6.41 -7.86 21.28
C ALA A 289 6.56 -9.37 21.17
N SER A 290 7.05 -10.02 22.22
CA SER A 290 7.24 -11.46 22.19
C SER A 290 5.97 -12.27 22.47
N LEU A 291 4.92 -11.57 22.88
CA LEU A 291 3.65 -12.20 23.17
C LEU A 291 2.81 -12.10 21.90
N GLU A 292 1.61 -12.68 21.92
CA GLU A 292 0.76 -12.60 20.75
C GLU A 292 -0.03 -11.32 20.85
N LYS A 293 -0.91 -11.10 19.88
CA LYS A 293 -1.74 -9.91 19.85
C LYS A 293 -2.78 -10.11 20.95
N LEU A 294 -2.53 -9.54 22.12
CA LEU A 294 -3.44 -9.67 23.25
C LEU A 294 -4.79 -8.98 23.08
N ALA A 295 -5.86 -9.75 23.21
CA ALA A 295 -7.19 -9.23 23.07
C ALA A 295 -7.64 -8.25 24.17
N SER A 296 -7.03 -8.34 25.35
CA SER A 296 -7.43 -7.48 26.46
C SER A 296 -6.44 -6.44 26.95
N LEU A 297 -5.20 -6.51 26.48
CA LEU A 297 -4.18 -5.56 26.91
C LEU A 297 -4.65 -4.11 26.82
N ALA A 298 -5.27 -3.75 25.69
CA ALA A 298 -5.75 -2.39 25.47
C ALA A 298 -6.69 -1.91 26.56
N ASP A 299 -7.78 -2.64 26.79
CA ASP A 299 -8.73 -2.22 27.82
C ASP A 299 -8.06 -2.16 29.18
N ALA A 300 -7.20 -3.13 29.46
CA ALA A 300 -6.49 -3.18 30.74
C ALA A 300 -5.68 -1.90 30.95
N LEU A 301 -5.00 -1.46 29.90
CA LEU A 301 -4.19 -0.25 29.97
C LEU A 301 -5.04 1.01 30.04
N THR A 302 -6.34 0.87 29.80
CA THR A 302 -7.22 2.01 29.80
C THR A 302 -8.26 2.07 30.91
N LYS A 303 -8.67 0.91 31.41
CA LYS A 303 -9.68 0.84 32.46
C LYS A 303 -9.19 0.13 33.72
N GLY A 304 -7.87 -0.04 33.85
CA GLY A 304 -7.32 -0.73 34.99
C GLY A 304 -6.98 0.14 36.18
N ARG A 305 -7.25 1.41 36.04
CA ARG A 305 -6.96 2.34 37.08
C ARG A 305 -7.69 2.03 38.41
N LYS A 306 -8.99 1.79 38.32
CA LYS A 306 -9.80 1.46 39.50
C LYS A 306 -9.21 0.28 40.22
N ALA A 307 -8.75 -0.71 39.47
CA ALA A 307 -8.15 -1.91 40.06
C ALA A 307 -6.73 -1.63 40.54
N GLY A 308 -6.17 -0.50 40.15
CA GLY A 308 -4.82 -0.17 40.56
C GLY A 308 -3.80 -0.95 39.75
N LEU A 309 -4.13 -1.21 38.49
CA LEU A 309 -3.25 -1.93 37.58
C LEU A 309 -2.13 -1.01 37.13
N ARG A 310 -0.91 -1.52 37.21
CA ARG A 310 0.29 -0.77 36.80
C ARG A 310 1.06 -1.68 35.86
N VAL A 311 1.11 -1.30 34.58
CA VAL A 311 1.81 -2.11 33.60
C VAL A 311 3.15 -1.49 33.20
N VAL A 312 4.17 -2.34 33.16
CA VAL A 312 5.51 -1.95 32.76
C VAL A 312 5.95 -2.97 31.71
N ALA A 313 6.21 -2.49 30.50
CA ALA A 313 6.62 -3.37 29.42
C ALA A 313 7.92 -2.96 28.73
N GLY A 314 8.72 -3.96 28.40
CA GLY A 314 9.97 -3.72 27.70
C GLY A 314 9.69 -3.80 26.22
N LEU A 315 10.51 -3.15 25.41
CA LEU A 315 10.30 -3.13 23.96
C LEU A 315 11.62 -2.81 23.27
N GLN A 316 11.95 -3.53 22.21
CA GLN A 316 13.20 -3.26 21.51
C GLN A 316 12.98 -2.39 20.29
N SER A 317 12.27 -2.91 19.30
CA SER A 317 12.00 -2.14 18.10
C SER A 317 10.52 -1.85 17.99
N THR A 318 10.19 -0.66 17.50
CA THR A 318 8.78 -0.29 17.32
C THR A 318 8.24 -1.11 16.15
N SER A 319 9.15 -1.59 15.31
CA SER A 319 8.74 -2.39 14.17
C SER A 319 8.18 -3.74 14.62
N GLN A 320 8.64 -4.24 15.76
CA GLN A 320 8.13 -5.51 16.27
C GLN A 320 6.64 -5.38 16.60
N LEU A 321 6.34 -4.53 17.59
CA LEU A 321 4.96 -4.31 18.02
C LEU A 321 4.07 -4.09 16.80
N ASP A 322 4.57 -3.36 15.80
CA ASP A 322 3.83 -3.09 14.58
C ASP A 322 3.50 -4.37 13.86
N ASP A 323 4.49 -5.23 13.73
CA ASP A 323 4.30 -6.49 13.04
C ASP A 323 3.33 -7.42 13.76
N VAL A 324 3.22 -7.27 15.07
CA VAL A 324 2.33 -8.09 15.88
C VAL A 324 0.90 -7.55 15.94
N TYR A 325 0.75 -6.28 16.32
CA TYR A 325 -0.57 -5.68 16.43
C TYR A 325 -1.00 -4.93 15.17
N GLY A 326 -0.04 -4.54 14.35
CA GLY A 326 -0.39 -3.79 13.16
C GLY A 326 -0.14 -2.34 13.51
N VAL A 327 0.26 -1.54 12.54
CA VAL A 327 0.55 -0.14 12.80
C VAL A 327 -0.49 0.64 13.60
N LYS A 328 -1.69 0.79 13.05
CA LYS A 328 -2.75 1.57 13.69
C LYS A 328 -2.96 1.14 15.13
N GLU A 329 -3.11 -0.16 15.28
CA GLU A 329 -3.36 -0.77 16.54
C GLU A 329 -2.20 -0.69 17.54
N ALA A 330 -0.97 -0.84 17.02
CA ALA A 330 0.22 -0.76 17.85
C ALA A 330 0.42 0.68 18.34
N GLN A 331 0.01 1.63 17.51
CA GLN A 331 0.13 3.04 17.87
C GLN A 331 -0.73 3.29 19.10
N THR A 332 -1.96 2.80 19.06
CA THR A 332 -2.88 2.96 20.16
C THR A 332 -2.33 2.30 21.41
N LEU A 333 -1.72 1.13 21.24
CA LEU A 333 -1.15 0.39 22.35
C LEU A 333 -0.08 1.23 23.02
N ARG A 334 0.90 1.67 22.24
CA ARG A 334 1.97 2.49 22.77
C ARG A 334 1.44 3.77 23.42
N ALA A 335 0.48 4.41 22.77
CA ALA A 335 -0.09 5.64 23.29
C ALA A 335 -0.70 5.48 24.68
N SER A 336 -1.01 4.23 25.06
CA SER A 336 -1.62 3.93 26.35
C SER A 336 -0.62 3.96 27.51
N PHE A 337 0.67 3.93 27.18
CA PHE A 337 1.73 4.00 28.20
C PHE A 337 2.15 5.48 28.28
N ARG A 338 1.70 6.17 29.33
CA ARG A 338 1.98 7.58 29.53
C ARG A 338 3.43 7.95 29.85
N SER A 339 4.14 7.07 30.56
CA SER A 339 5.54 7.33 30.93
C SER A 339 6.47 6.54 30.01
N LEU A 340 7.54 7.18 29.57
CA LEU A 340 8.50 6.56 28.65
C LEU A 340 9.94 6.57 29.15
N VAL A 341 10.70 5.55 28.77
CA VAL A 341 12.11 5.43 29.12
C VAL A 341 12.83 5.01 27.85
N VAL A 342 13.84 5.78 27.45
CA VAL A 342 14.59 5.48 26.24
C VAL A 342 16.04 5.12 26.56
N LEU A 343 16.38 3.85 26.31
CA LEU A 343 17.71 3.33 26.59
C LEU A 343 18.73 3.36 25.45
N GLY A 344 18.41 4.06 24.37
CA GLY A 344 19.37 4.12 23.28
C GLY A 344 19.43 2.84 22.48
N GLY A 345 19.25 2.97 21.16
CA GLY A 345 19.27 1.81 20.30
C GLY A 345 20.48 1.72 19.39
N SER A 346 20.42 0.78 18.46
CA SER A 346 21.50 0.54 17.51
C SER A 346 21.50 1.57 16.39
N ARG A 347 22.68 1.84 15.85
CA ARG A 347 22.80 2.81 14.76
C ARG A 347 22.39 2.20 13.44
N THR A 348 22.19 0.89 13.41
CA THR A 348 21.78 0.25 12.17
C THR A 348 20.28 0.44 11.98
N ASP A 349 19.60 0.95 13.00
CA ASP A 349 18.16 1.18 12.94
C ASP A 349 17.81 2.64 13.21
N PRO A 350 18.09 3.53 12.24
CA PRO A 350 17.82 4.96 12.35
C PRO A 350 16.34 5.32 12.49
N LYS A 351 15.44 4.45 12.06
CA LYS A 351 14.01 4.75 12.16
C LYS A 351 13.57 4.81 13.61
N THR A 352 13.90 3.78 14.38
CA THR A 352 13.52 3.77 15.78
C THR A 352 14.17 4.95 16.50
N ASN A 353 15.44 5.23 16.21
CA ASN A 353 16.15 6.35 16.84
C ASN A 353 15.41 7.65 16.54
N GLU A 354 14.83 7.72 15.35
CA GLU A 354 14.08 8.89 14.95
C GLU A 354 12.78 8.95 15.75
N ASP A 355 12.09 7.81 15.86
CA ASP A 355 10.85 7.76 16.62
C ASP A 355 11.08 8.15 18.06
N MET A 356 12.12 7.56 18.66
CA MET A 356 12.45 7.85 20.04
C MET A 356 12.81 9.31 20.21
N SER A 357 13.57 9.84 19.26
CA SER A 357 13.96 11.23 19.28
C SER A 357 12.71 12.11 19.25
N LEU A 358 11.83 11.82 18.29
CA LEU A 358 10.60 12.58 18.14
C LEU A 358 9.70 12.40 19.35
N SER A 359 9.71 11.21 19.94
CA SER A 359 8.88 10.96 21.12
C SER A 359 9.37 11.83 22.25
N LEU A 360 10.69 11.91 22.43
CA LEU A 360 11.26 12.73 23.48
C LEU A 360 10.90 14.20 23.27
N GLY A 361 10.58 14.54 22.02
CA GLY A 361 10.16 15.90 21.70
C GLY A 361 11.16 16.98 21.40
N GLU A 362 10.66 18.09 20.86
CA GLU A 362 11.47 19.26 20.52
C GLU A 362 11.18 20.34 21.55
N HIS A 363 11.95 21.41 21.48
CA HIS A 363 11.76 22.55 22.36
C HIS A 363 12.05 23.80 21.56
N GLU A 364 11.42 24.90 21.94
CA GLU A 364 11.65 26.16 21.25
C GLU A 364 12.48 26.97 22.23
N VAL A 365 13.63 27.43 21.76
CA VAL A 365 14.57 28.15 22.60
C VAL A 365 15.07 29.46 22.03
N GLU A 366 15.55 30.33 22.91
CA GLU A 366 16.06 31.64 22.53
C GLU A 366 17.55 31.67 22.83
N ARG A 367 18.36 31.90 21.80
CA ARG A 367 19.81 31.89 21.93
C ARG A 367 20.50 33.17 21.49
N ASP A 368 21.81 33.09 21.34
CA ASP A 368 22.64 34.26 20.95
C ASP A 368 23.45 34.14 19.67
N ALA A 383 20.98 40.33 18.12
CA ALA A 383 21.11 39.91 19.55
C ALA A 383 20.76 38.42 19.75
N LEU A 384 19.45 38.14 19.87
CA LEU A 384 18.98 36.78 20.07
C LEU A 384 18.38 36.13 18.82
N GLU A 385 18.13 34.83 18.91
CA GLU A 385 17.49 34.11 17.82
C GLU A 385 16.59 33.02 18.41
N ARG A 386 15.60 32.59 17.64
CA ARG A 386 14.67 31.54 18.09
C ARG A 386 14.95 30.26 17.34
N VAL A 387 14.98 29.16 18.07
CA VAL A 387 15.25 27.90 17.44
C VAL A 387 14.39 26.76 17.97
N ARG A 388 13.97 25.91 17.06
CA ARG A 388 13.19 24.74 17.40
C ARG A 388 14.18 23.63 17.16
N GLU A 389 14.27 22.69 18.10
CA GLU A 389 15.22 21.59 17.94
C GLU A 389 14.87 20.41 18.82
N ARG A 390 15.32 19.23 18.43
CA ARG A 390 15.06 18.05 19.22
C ARG A 390 15.90 18.16 20.49
N VAL A 391 15.30 17.84 21.63
CA VAL A 391 16.05 17.90 22.88
C VAL A 391 17.11 16.80 22.84
N VAL A 392 16.76 15.69 22.20
CA VAL A 392 17.68 14.57 22.07
C VAL A 392 17.68 14.15 20.60
N MET A 393 18.82 14.28 19.95
CA MET A 393 18.95 13.92 18.54
C MET A 393 18.92 12.41 18.33
N PRO A 394 18.50 11.97 17.13
CA PRO A 394 18.47 10.53 16.89
C PRO A 394 19.87 9.99 17.13
N ALA A 395 20.87 10.73 16.66
CA ALA A 395 22.24 10.32 16.84
C ALA A 395 22.61 10.19 18.30
N GLU A 396 22.12 11.09 19.14
CA GLU A 396 22.41 11.04 20.57
C GLU A 396 21.90 9.72 21.16
N ILE A 397 20.74 9.29 20.70
CA ILE A 397 20.15 8.05 21.17
C ILE A 397 20.94 6.85 20.66
N ALA A 398 21.53 7.00 19.48
CA ALA A 398 22.30 5.90 18.89
C ALA A 398 23.68 5.79 19.52
N ASN A 399 24.08 6.82 20.25
CA ASN A 399 25.39 6.79 20.87
C ASN A 399 25.39 6.55 22.36
N LEU A 400 24.21 6.38 22.93
CA LEU A 400 24.12 6.12 24.37
C LEU A 400 24.86 4.85 24.74
N PRO A 401 25.65 4.90 25.83
CA PRO A 401 26.36 3.69 26.24
C PRO A 401 25.34 2.84 26.98
N ASP A 402 25.56 1.54 27.12
CA ASP A 402 24.58 0.73 27.83
C ASP A 402 24.36 1.28 29.26
N LEU A 403 23.28 0.84 29.90
CA LEU A 403 22.96 1.27 31.25
C LEU A 403 22.82 2.79 31.42
N THR A 404 22.40 3.47 30.36
CA THR A 404 22.18 4.90 30.37
C THR A 404 20.81 5.14 29.76
N ALA A 405 19.96 5.91 30.43
CA ALA A 405 18.62 6.11 29.90
C ALA A 405 18.02 7.49 30.09
N TYR A 406 17.13 7.84 29.16
CA TYR A 406 16.40 9.09 29.23
C TYR A 406 15.08 8.72 29.91
N VAL A 407 14.76 9.42 30.99
CA VAL A 407 13.54 9.16 31.74
C VAL A 407 12.55 10.30 31.53
N GLY A 408 11.41 9.97 30.93
CA GLY A 408 10.38 10.97 30.69
C GLY A 408 9.04 10.54 31.26
N PHE A 409 8.81 10.90 32.52
CA PHE A 409 7.56 10.55 33.20
C PHE A 409 6.37 11.24 32.57
N ALA A 410 5.20 10.62 32.72
CA ALA A 410 3.97 11.15 32.16
C ALA A 410 3.63 12.52 32.74
N GLY A 411 2.94 13.33 31.95
CA GLY A 411 2.55 14.65 32.42
C GLY A 411 3.53 15.76 32.13
N ASN A 412 3.42 16.83 32.93
CA ASN A 412 4.27 18.00 32.75
C ASN A 412 5.55 17.97 33.57
N ARG A 413 6.48 17.08 33.19
CA ARG A 413 7.75 16.96 33.89
C ARG A 413 8.88 16.90 32.88
N PRO A 414 10.04 17.45 33.24
CA PRO A 414 11.17 17.42 32.31
C PRO A 414 11.75 16.02 32.23
N ILE A 415 12.50 15.74 31.16
CA ILE A 415 13.12 14.45 30.99
C ILE A 415 14.55 14.59 31.51
N ALA A 416 15.20 13.47 31.77
CA ALA A 416 16.57 13.52 32.27
C ALA A 416 17.36 12.30 31.85
N LYS A 417 18.66 12.49 31.63
CA LYS A 417 19.56 11.41 31.24
C LYS A 417 20.20 10.88 32.52
N VAL A 418 19.77 9.70 32.93
CA VAL A 418 20.25 9.10 34.17
C VAL A 418 20.99 7.80 33.98
N PRO A 419 21.98 7.51 34.85
CA PRO A 419 22.77 6.28 34.78
C PRO A 419 22.04 5.16 35.49
N LEU A 420 22.00 4.00 34.85
CA LEU A 420 21.32 2.84 35.42
C LEU A 420 22.34 1.99 36.17
N GLU A 421 22.18 1.83 37.48
CA GLU A 421 23.12 1.03 38.28
C GLU A 421 22.72 -0.43 38.34
N ILE A 422 23.69 -1.31 38.15
CA ILE A 422 23.44 -2.74 38.19
C ILE A 422 23.46 -3.24 39.64
N LYS A 423 22.30 -3.33 40.26
CA LYS A 423 22.25 -3.80 41.64
C LYS A 423 22.31 -5.34 41.66
N GLN A 424 22.97 -5.89 42.68
CA GLN A 424 23.10 -7.34 42.83
C GLN A 424 22.06 -7.90 43.78
N PHE A 425 21.43 -8.99 43.37
CA PHE A 425 20.42 -9.63 44.20
C PHE A 425 20.76 -11.10 44.45
N ALA A 426 20.73 -11.48 45.73
CA ALA A 426 21.03 -12.85 46.14
C ALA A 426 19.99 -13.82 45.62
N ASN A 427 20.44 -14.99 45.14
CA ASN A 427 19.51 -16.00 44.63
C ASN A 427 18.86 -16.82 45.73
N ARG A 428 17.77 -16.28 46.28
CA ARG A 428 17.03 -16.91 47.36
C ARG A 428 16.02 -17.97 46.90
N GLN A 429 16.35 -18.71 45.85
CA GLN A 429 15.44 -19.74 45.33
C GLN A 429 15.87 -20.14 43.92
N PRO A 430 15.72 -21.44 43.57
CA PRO A 430 16.12 -21.88 42.22
C PRO A 430 15.19 -21.35 41.14
N ALA A 431 15.77 -20.99 40.00
CA ALA A 431 15.00 -20.45 38.88
C ALA A 431 14.07 -21.48 38.24
N PHE A 432 14.56 -22.71 38.14
CA PHE A 432 13.78 -23.78 37.52
C PHE A 432 13.98 -25.05 38.32
N VAL A 433 12.93 -25.87 38.40
CA VAL A 433 12.98 -27.14 39.11
C VAL A 433 12.30 -28.17 38.22
N GLU A 434 13.12 -28.95 37.50
CA GLU A 434 12.63 -29.94 36.55
C GLU A 434 11.56 -30.84 37.15
N GLY A 435 10.36 -30.71 36.59
CA GLY A 435 9.20 -31.46 37.05
C GLY A 435 9.11 -32.91 36.63
N THR A 436 9.61 -33.80 37.49
CA THR A 436 9.55 -35.25 37.27
C THR A 436 9.13 -35.86 38.62
N SER B 3 41.37 24.29 12.74
CA SER B 3 40.13 23.97 13.53
C SER B 3 40.05 22.47 13.82
N VAL B 4 38.82 21.97 13.85
CA VAL B 4 38.52 20.55 14.08
C VAL B 4 37.88 19.96 12.80
N GLY B 5 37.99 18.65 12.63
CA GLY B 5 37.40 18.00 11.48
C GLY B 5 38.26 18.02 10.24
N GLN B 6 39.56 17.77 10.42
CA GLN B 6 40.47 17.76 9.29
C GLN B 6 41.15 16.42 9.20
N GLY B 7 41.06 15.79 8.03
CA GLY B 7 41.64 14.48 7.84
C GLY B 7 40.75 13.47 8.57
N GLU B 8 39.76 14.01 9.26
CA GLU B 8 38.80 13.20 10.00
C GLU B 8 37.39 13.36 9.44
N PHE B 9 36.89 14.58 9.52
CA PHE B 9 35.56 14.89 9.04
C PHE B 9 35.66 15.40 7.61
N GLY B 10 34.89 14.80 6.71
CA GLY B 10 34.93 15.20 5.33
C GLY B 10 34.44 16.60 4.98
N GLY B 11 33.52 17.11 5.81
CA GLY B 11 32.98 18.43 5.57
C GLY B 11 33.88 19.57 5.99
N ALA B 12 33.31 20.77 6.08
CA ALA B 12 34.08 21.94 6.47
C ALA B 12 34.51 21.83 7.92
N PRO B 13 35.77 22.18 8.23
CA PRO B 13 36.28 22.11 9.60
C PRO B 13 35.40 22.97 10.50
N PHE B 14 35.32 22.60 11.78
CA PHE B 14 34.50 23.36 12.72
C PHE B 14 35.23 23.75 13.98
N LYS B 15 34.69 24.75 14.66
CA LYS B 15 35.27 25.25 15.89
C LYS B 15 34.98 24.35 17.10
N ARG B 16 33.71 23.99 17.27
CA ARG B 16 33.33 23.18 18.42
C ARG B 16 32.28 22.10 18.10
N PHE B 17 32.42 20.93 18.71
CA PHE B 17 31.49 19.84 18.51
C PHE B 17 30.43 19.90 19.61
N LEU B 18 29.15 19.80 19.24
CA LEU B 18 28.07 19.87 20.21
C LEU B 18 27.50 18.52 20.64
N ARG B 19 26.91 17.79 19.68
CA ARG B 19 26.32 16.47 19.94
C ARG B 19 26.22 15.65 18.66
N GLY B 20 25.80 14.40 18.79
CA GLY B 20 25.64 13.55 17.63
C GLY B 20 26.79 12.60 17.36
N THR B 21 26.83 12.07 16.15
CA THR B 21 27.90 11.16 15.80
C THR B 21 29.24 11.89 15.68
N ARG B 22 30.28 11.35 16.35
CA ARG B 22 31.70 11.82 16.34
C ARG B 22 32.51 11.10 15.37
N ILE B 23 33.23 11.78 14.48
CA ILE B 23 34.10 11.02 13.62
C ILE B 23 35.57 11.26 14.05
N VAL B 24 36.39 10.21 14.03
CA VAL B 24 37.80 10.29 14.46
C VAL B 24 38.69 9.60 13.43
N SER B 25 40.00 9.87 13.48
CA SER B 25 40.93 9.26 12.53
C SER B 25 41.11 7.76 12.79
N GLY B 26 41.45 7.02 11.75
CA GLY B 26 41.64 5.59 11.90
C GLY B 26 42.52 5.23 13.09
N GLY B 27 43.73 5.77 13.11
CA GLY B 27 44.64 5.50 14.20
C GLY B 27 44.06 5.90 15.55
N LYS B 28 43.40 7.04 15.61
CA LYS B 28 42.86 7.46 16.88
C LYS B 28 41.84 6.44 17.41
N LEU B 29 41.02 5.87 16.54
CA LEU B 29 40.03 4.87 16.97
C LEU B 29 40.69 3.56 17.44
N LYS B 30 41.62 3.07 16.63
CA LYS B 30 42.38 1.89 16.97
C LYS B 30 42.93 1.92 18.36
N ARG B 31 43.56 3.03 18.72
CA ARG B 31 44.14 3.28 20.00
C ARG B 31 43.03 3.40 21.04
N MET B 32 42.01 4.18 20.68
CA MET B 32 40.89 4.36 21.61
C MET B 32 40.16 3.05 21.98
N THR B 33 40.03 2.18 21.02
CA THR B 33 39.32 0.93 21.25
C THR B 33 40.19 -0.22 21.70
N ARG B 34 41.49 0.01 21.72
CA ARG B 34 42.44 -1.00 22.12
C ARG B 34 42.20 -1.40 23.56
N GLU B 35 42.26 -2.70 23.83
CA GLU B 35 42.04 -3.19 25.17
C GLU B 35 43.13 -4.10 25.69
N LYS B 36 43.05 -4.37 26.99
CA LYS B 36 43.99 -5.25 27.66
C LYS B 36 43.97 -6.66 27.15
N ALA B 37 42.79 -7.26 27.22
CA ALA B 37 42.62 -8.65 26.78
C ALA B 37 42.85 -8.81 25.29
N LYS B 38 42.92 -10.06 24.82
CA LYS B 38 43.11 -10.31 23.40
C LYS B 38 41.83 -9.91 22.69
N GLN B 39 41.97 -9.26 21.54
CA GLN B 39 40.81 -8.82 20.78
C GLN B 39 40.90 -9.30 19.35
N VAL B 40 39.79 -9.14 18.63
CA VAL B 40 39.72 -9.50 17.22
C VAL B 40 39.70 -8.15 16.51
N THR B 41 40.00 -8.13 15.21
CA THR B 41 40.01 -6.85 14.51
C THR B 41 39.02 -6.71 13.37
N VAL B 42 38.50 -5.49 13.22
CA VAL B 42 37.56 -5.14 12.17
C VAL B 42 38.27 -4.09 11.32
N ALA B 43 38.74 -4.49 10.14
CA ALA B 43 39.45 -3.56 9.27
C ALA B 43 40.66 -2.99 10.02
N GLY B 44 41.36 -3.84 10.76
CA GLY B 44 42.52 -3.39 11.51
C GLY B 44 42.22 -2.62 12.78
N VAL B 45 40.95 -2.51 13.14
CA VAL B 45 40.60 -1.79 14.36
C VAL B 45 40.24 -2.81 15.43
N PRO B 46 40.98 -2.81 16.56
CA PRO B 46 40.65 -3.78 17.61
C PRO B 46 39.21 -3.56 18.08
N MET B 47 38.42 -4.63 18.07
CA MET B 47 37.02 -4.57 18.47
C MET B 47 36.77 -4.68 19.95
N PRO B 48 36.01 -3.72 20.50
CA PRO B 48 35.71 -3.71 21.94
C PRO B 48 35.14 -5.07 22.34
N ARG B 49 35.68 -5.65 23.41
CA ARG B 49 35.22 -6.96 23.86
C ARG B 49 33.71 -7.02 24.06
N ASP B 50 33.17 -6.03 24.75
CA ASP B 50 31.73 -5.99 25.03
C ASP B 50 30.86 -5.87 23.79
N ALA B 51 31.45 -5.41 22.69
CA ALA B 51 30.70 -5.25 21.45
C ALA B 51 30.58 -6.54 20.65
N GLU B 52 31.42 -7.53 20.96
CA GLU B 52 31.41 -8.80 20.24
C GLU B 52 30.05 -9.52 20.28
N PRO B 53 29.49 -9.76 21.47
CA PRO B 53 28.20 -10.44 21.47
C PRO B 53 27.01 -9.54 21.12
N ARG B 54 27.29 -8.32 20.68
CA ARG B 54 26.23 -7.38 20.29
C ARG B 54 26.09 -7.49 18.77
N HIS B 55 26.97 -8.29 18.17
CA HIS B 55 26.97 -8.55 16.74
C HIS B 55 27.41 -7.41 15.84
N LEU B 56 27.82 -7.79 14.63
CA LEU B 56 28.33 -6.85 13.63
C LEU B 56 27.69 -7.04 12.26
N LEU B 57 27.22 -5.95 11.66
CA LEU B 57 26.62 -6.00 10.34
C LEU B 57 27.55 -5.28 9.37
N VAL B 58 28.06 -6.01 8.38
CA VAL B 58 28.97 -5.42 7.40
C VAL B 58 28.24 -5.18 6.10
N ASN B 59 27.83 -3.94 5.86
CA ASN B 59 27.11 -3.58 4.65
C ASN B 59 28.06 -3.00 3.61
N GLY B 60 27.95 -3.45 2.36
CA GLY B 60 28.83 -2.95 1.32
C GLY B 60 28.53 -3.47 -0.08
N ALA B 61 28.76 -2.62 -1.08
CA ALA B 61 28.50 -3.00 -2.47
C ALA B 61 29.34 -4.20 -2.87
N THR B 62 28.92 -4.87 -3.93
CA THR B 62 29.63 -6.03 -4.41
C THR B 62 31.05 -5.65 -4.84
N GLY B 63 32.04 -6.35 -4.28
CA GLY B 63 33.42 -6.10 -4.62
C GLY B 63 34.13 -5.01 -3.82
N THR B 64 33.59 -4.68 -2.66
CA THR B 64 34.18 -3.64 -1.82
C THR B 64 35.05 -4.17 -0.68
N GLY B 65 34.89 -5.45 -0.31
CA GLY B 65 35.71 -6.00 0.76
C GLY B 65 35.01 -6.69 1.91
N LYS B 66 33.72 -6.96 1.80
CA LYS B 66 33.02 -7.63 2.89
C LYS B 66 33.72 -8.93 3.23
N SER B 67 34.07 -9.69 2.20
CA SER B 67 34.75 -10.98 2.38
C SER B 67 36.14 -10.84 3.00
N VAL B 68 36.90 -9.83 2.58
CA VAL B 68 38.22 -9.60 3.14
C VAL B 68 38.04 -9.32 4.61
N LEU B 69 37.12 -8.40 4.94
CA LEU B 69 36.85 -8.03 6.32
C LEU B 69 36.45 -9.22 7.18
N LEU B 70 35.49 -10.01 6.72
CA LEU B 70 35.06 -11.18 7.49
C LEU B 70 36.16 -12.22 7.64
N ARG B 71 37.00 -12.37 6.63
CA ARG B 71 38.08 -13.34 6.69
C ARG B 71 39.08 -12.94 7.76
N GLU B 72 39.38 -11.63 7.83
CA GLU B 72 40.31 -11.11 8.82
C GLU B 72 39.73 -11.28 10.22
N LEU B 73 38.45 -10.99 10.36
CA LEU B 73 37.78 -11.12 11.65
C LEU B 73 37.88 -12.56 12.12
N ALA B 74 37.49 -13.48 11.24
CA ALA B 74 37.53 -14.91 11.53
C ALA B 74 38.94 -15.34 11.94
N TYR B 75 39.93 -14.91 11.15
CA TYR B 75 41.33 -15.25 11.39
C TYR B 75 41.77 -14.86 12.80
N THR B 76 41.67 -13.57 13.14
CA THR B 76 42.07 -13.09 14.46
C THR B 76 41.25 -13.79 15.55
N GLY B 77 40.05 -14.20 15.21
CA GLY B 77 39.22 -14.88 16.19
C GLY B 77 39.82 -16.26 16.46
N LEU B 78 40.34 -16.89 15.41
CA LEU B 78 40.93 -18.22 15.54
C LEU B 78 42.21 -18.13 16.33
N LEU B 79 42.98 -17.06 16.12
CA LEU B 79 44.22 -16.87 16.84
C LEU B 79 43.94 -16.81 18.34
N ARG B 80 42.78 -16.28 18.69
CA ARG B 80 42.41 -16.16 20.09
C ARG B 80 41.85 -17.48 20.57
N GLY B 81 41.67 -18.40 19.63
CA GLY B 81 41.16 -19.72 19.95
C GLY B 81 39.66 -19.85 20.11
N ASP B 82 38.89 -18.94 19.53
CA ASP B 82 37.43 -19.03 19.62
C ASP B 82 36.88 -20.04 18.61
N ARG B 83 35.71 -20.61 18.91
CA ARG B 83 35.10 -21.56 18.01
C ARG B 83 34.18 -20.76 17.10
N MET B 84 33.86 -21.33 15.95
CA MET B 84 32.99 -20.64 15.01
C MET B 84 32.31 -21.53 13.99
N VAL B 85 31.18 -21.04 13.49
CA VAL B 85 30.42 -21.73 12.46
C VAL B 85 30.52 -20.75 11.32
N ILE B 86 31.03 -21.20 10.18
CA ILE B 86 31.18 -20.30 9.05
C ILE B 86 30.37 -20.70 7.82
N VAL B 87 29.43 -19.85 7.43
CA VAL B 87 28.67 -20.13 6.22
C VAL B 87 29.72 -19.75 5.17
N ASP B 88 30.40 -20.77 4.66
CA ASP B 88 31.50 -20.58 3.72
C ASP B 88 31.31 -20.95 2.26
N PRO B 89 31.12 -19.94 1.40
CA PRO B 89 30.92 -20.15 -0.04
C PRO B 89 32.20 -20.67 -0.69
N ASN B 90 32.05 -21.66 -1.57
CA ASN B 90 33.20 -22.24 -2.26
C ASN B 90 34.28 -22.74 -1.33
N GLY B 91 33.93 -22.95 -0.06
CA GLY B 91 34.90 -23.43 0.89
C GLY B 91 36.16 -22.59 0.98
N ASP B 92 36.03 -21.29 0.75
CA ASP B 92 37.20 -20.43 0.81
C ASP B 92 37.81 -20.40 2.20
N MET B 93 37.00 -20.08 3.21
CA MET B 93 37.49 -20.04 4.59
C MET B 93 38.03 -21.42 4.99
N LEU B 94 37.37 -22.46 4.52
CA LEU B 94 37.76 -23.83 4.82
C LEU B 94 39.18 -24.11 4.35
N SER B 95 39.46 -23.76 3.10
CA SER B 95 40.78 -23.99 2.52
C SER B 95 41.89 -23.19 3.19
N LYS B 96 41.51 -22.14 3.93
CA LYS B 96 42.50 -21.29 4.60
C LYS B 96 42.71 -21.57 6.08
N PHE B 97 41.62 -21.76 6.82
CA PHE B 97 41.73 -21.99 8.25
C PHE B 97 41.23 -23.34 8.72
N GLY B 98 40.84 -24.18 7.78
CA GLY B 98 40.33 -25.49 8.16
C GLY B 98 41.41 -26.43 8.67
N ARG B 99 41.16 -27.04 9.82
CA ARG B 99 42.11 -27.99 10.40
C ARG B 99 41.50 -29.39 10.29
N ASP B 100 42.17 -30.37 10.87
CA ASP B 100 41.70 -31.74 10.81
C ASP B 100 40.60 -32.03 11.81
N LYS B 101 40.66 -31.38 12.97
CA LYS B 101 39.64 -31.59 13.99
C LYS B 101 38.36 -30.84 13.63
N ASP B 102 38.42 -30.04 12.57
CA ASP B 102 37.26 -29.26 12.14
C ASP B 102 36.22 -30.06 11.36
N ILE B 103 34.99 -29.59 11.41
CA ILE B 103 33.84 -30.21 10.75
C ILE B 103 33.43 -29.55 9.42
N ILE B 104 32.94 -30.37 8.50
CA ILE B 104 32.47 -29.88 7.20
C ILE B 104 31.06 -30.39 6.91
N LEU B 105 30.16 -29.48 6.57
CA LEU B 105 28.80 -29.86 6.23
C LEU B 105 28.57 -29.43 4.78
N ASN B 106 28.46 -30.40 3.90
CA ASN B 106 28.25 -30.17 2.47
C ASN B 106 27.84 -31.54 1.90
N PRO B 107 26.60 -31.66 1.44
CA PRO B 107 26.16 -32.95 0.89
C PRO B 107 27.00 -33.49 -0.25
N TYR B 108 27.75 -32.62 -0.92
CA TYR B 108 28.56 -33.05 -2.04
C TYR B 108 30.07 -33.14 -1.79
N ASP B 109 30.51 -32.86 -0.57
CA ASP B 109 31.92 -32.95 -0.28
C ASP B 109 32.18 -34.26 0.43
N GLN B 110 33.22 -34.96 -0.01
CA GLN B 110 33.58 -36.25 0.57
C GLN B 110 33.85 -36.24 2.08
N ARG B 111 34.30 -35.10 2.58
CA ARG B 111 34.62 -34.96 3.98
C ARG B 111 33.44 -34.62 4.88
N THR B 112 32.28 -34.39 4.28
CA THR B 112 31.11 -34.02 5.06
C THR B 112 30.73 -35.07 6.09
N LYS B 113 30.12 -34.62 7.18
CA LYS B 113 29.69 -35.55 8.21
C LYS B 113 28.33 -36.01 7.72
N GLY B 114 27.80 -37.06 8.35
CA GLY B 114 26.48 -37.54 7.96
C GLY B 114 25.50 -36.83 8.86
N TRP B 115 24.37 -36.37 8.31
CA TRP B 115 23.42 -35.63 9.11
C TRP B 115 21.97 -35.71 8.64
N SER B 116 21.08 -35.55 9.61
CA SER B 116 19.65 -35.57 9.39
C SER B 116 19.10 -34.73 10.55
N PHE B 117 18.00 -34.04 10.37
CA PHE B 117 17.50 -33.22 11.46
C PHE B 117 17.02 -34.10 12.63
N PHE B 118 16.88 -35.41 12.36
CA PHE B 118 16.47 -36.34 13.40
C PHE B 118 17.51 -36.29 14.51
N ASN B 119 18.77 -36.23 14.11
CA ASN B 119 19.91 -36.17 15.03
C ASN B 119 19.86 -35.03 16.04
N GLU B 120 18.96 -34.07 15.86
CA GLU B 120 18.88 -32.95 16.78
C GLU B 120 17.72 -33.07 17.77
N ILE B 121 16.84 -34.03 17.53
CA ILE B 121 15.68 -34.22 18.40
C ILE B 121 16.07 -34.86 19.72
N ARG B 122 15.67 -34.23 20.82
CA ARG B 122 15.99 -34.75 22.14
C ARG B 122 14.79 -34.75 23.10
N ASN B 123 13.84 -33.85 22.85
CA ASN B 123 12.63 -33.74 23.66
C ASN B 123 11.50 -33.58 22.67
N ASP B 124 10.26 -33.62 23.15
CA ASP B 124 9.13 -33.49 22.26
C ASP B 124 9.00 -32.12 21.60
N TYR B 125 9.26 -31.05 22.36
CA TYR B 125 9.15 -29.70 21.79
C TYR B 125 10.19 -29.47 20.68
N ASP B 126 11.16 -30.37 20.56
CA ASP B 126 12.19 -30.26 19.53
C ASP B 126 11.69 -30.52 18.12
N TRP B 127 10.61 -31.29 17.97
CA TRP B 127 10.10 -31.58 16.64
C TRP B 127 9.69 -30.31 15.92
N GLN B 128 8.75 -29.54 16.48
CA GLN B 128 8.35 -28.31 15.83
C GLN B 128 9.55 -27.39 15.74
N ARG B 129 10.33 -27.37 16.81
CA ARG B 129 11.52 -26.53 16.89
C ARG B 129 12.40 -26.65 15.67
N TYR B 130 12.68 -27.87 15.24
CA TYR B 130 13.53 -28.09 14.08
C TYR B 130 12.76 -28.22 12.77
N ALA B 131 11.44 -28.32 12.85
CA ALA B 131 10.63 -28.38 11.65
C ALA B 131 10.69 -26.93 11.16
N LEU B 132 10.87 -26.03 12.11
CA LEU B 132 10.96 -24.60 11.87
C LEU B 132 12.26 -24.29 11.15
N SER B 133 13.23 -25.19 11.27
CA SER B 133 14.50 -25.00 10.63
C SER B 133 14.50 -25.63 9.25
N VAL B 134 13.86 -26.78 9.12
CA VAL B 134 13.79 -27.48 7.84
C VAL B 134 12.94 -26.70 6.87
N VAL B 135 11.84 -26.17 7.37
CA VAL B 135 10.88 -25.37 6.58
C VAL B 135 10.92 -23.94 7.10
N PRO B 136 11.80 -23.10 6.54
CA PRO B 136 11.89 -21.71 6.98
C PRO B 136 10.60 -20.93 6.77
N ARG B 137 10.55 -19.70 7.30
CA ARG B 137 9.36 -18.87 7.18
C ARG B 137 9.03 -18.51 5.74
N GLY B 138 7.74 -18.40 5.45
CA GLY B 138 7.31 -18.05 4.11
C GLY B 138 7.58 -16.58 3.80
N LYS B 139 7.79 -16.27 2.53
CA LYS B 139 8.05 -14.90 2.13
C LYS B 139 6.84 -14.03 2.36
N THR B 140 5.67 -14.54 1.99
CA THR B 140 4.41 -13.82 2.14
C THR B 140 3.54 -14.52 3.19
N ASP B 141 2.51 -13.86 3.67
CA ASP B 141 1.63 -14.45 4.67
C ASP B 141 1.05 -15.76 4.18
N GLU B 142 0.62 -15.78 2.93
CA GLU B 142 0.03 -16.99 2.33
C GLU B 142 1.06 -18.12 2.21
N ALA B 143 2.28 -17.75 1.83
CA ALA B 143 3.37 -18.71 1.68
C ALA B 143 3.71 -19.34 3.02
N GLU B 144 3.59 -18.54 4.09
CA GLU B 144 3.87 -19.01 5.45
C GLU B 144 2.77 -19.92 5.95
N GLU B 145 1.54 -19.68 5.49
CA GLU B 145 0.43 -20.51 5.89
C GLU B 145 0.71 -21.90 5.32
N TRP B 146 1.13 -21.96 4.06
CA TRP B 146 1.45 -23.25 3.46
C TRP B 146 2.56 -23.89 4.28
N ALA B 147 3.62 -23.12 4.52
CA ALA B 147 4.75 -23.59 5.29
C ALA B 147 4.30 -24.24 6.59
N SER B 148 3.37 -23.59 7.28
CA SER B 148 2.89 -24.12 8.55
C SER B 148 2.26 -25.50 8.35
N TYR B 149 1.49 -25.66 7.27
CA TYR B 149 0.85 -26.94 6.98
C TYR B 149 1.96 -27.95 6.74
N GLY B 150 2.99 -27.51 6.03
CA GLY B 150 4.12 -28.38 5.74
C GLY B 150 4.81 -28.84 7.01
N ARG B 151 4.98 -27.95 7.99
CA ARG B 151 5.64 -28.32 9.23
C ARG B 151 4.77 -29.30 10.02
N LEU B 152 3.45 -29.10 9.98
CA LEU B 152 2.53 -29.99 10.67
C LEU B 152 2.73 -31.38 10.11
N LEU B 153 2.66 -31.49 8.79
CA LEU B 153 2.87 -32.77 8.10
C LEU B 153 4.25 -33.32 8.39
N LEU B 154 5.27 -32.47 8.36
CA LEU B 154 6.64 -32.93 8.61
C LEU B 154 6.84 -33.46 10.01
N ARG B 155 6.50 -32.65 11.01
CA ARG B 155 6.71 -33.07 12.39
C ARG B 155 5.94 -34.32 12.82
N GLU B 156 4.69 -34.46 12.38
CA GLU B 156 3.90 -35.64 12.76
C GLU B 156 4.37 -36.91 12.07
N THR B 157 4.72 -36.79 10.79
CA THR B 157 5.20 -37.93 10.01
C THR B 157 6.56 -38.40 10.51
N ALA B 158 7.43 -37.45 10.80
CA ALA B 158 8.76 -37.78 11.30
C ALA B 158 8.67 -38.36 12.69
N LYS B 159 7.77 -37.81 13.50
CA LYS B 159 7.58 -38.27 14.88
C LYS B 159 7.20 -39.76 14.87
N LYS B 160 6.27 -40.12 13.99
CA LYS B 160 5.83 -41.50 13.88
C LYS B 160 6.93 -42.41 13.35
N LEU B 161 7.60 -41.98 12.29
CA LEU B 161 8.68 -42.79 11.73
C LEU B 161 9.70 -43.10 12.82
N ALA B 162 10.06 -42.08 13.60
CA ALA B 162 11.02 -42.25 14.68
C ALA B 162 10.47 -43.23 15.71
N LEU B 163 9.18 -43.09 16.01
CA LEU B 163 8.48 -43.93 16.97
C LEU B 163 8.56 -45.41 16.59
N ILE B 164 8.18 -45.72 15.36
CA ILE B 164 8.20 -47.09 14.89
C ILE B 164 9.62 -47.55 14.56
N GLY B 165 10.62 -46.82 15.04
CA GLY B 165 12.01 -47.18 14.81
C GLY B 165 12.66 -47.00 13.45
N THR B 166 12.05 -46.23 12.54
CA THR B 166 12.64 -46.03 11.23
C THR B 166 12.79 -44.54 10.91
N PRO B 167 13.67 -43.84 11.65
CA PRO B 167 13.95 -42.41 11.47
C PRO B 167 14.74 -42.17 10.19
N SER B 168 14.09 -42.44 9.05
CA SER B 168 14.70 -42.30 7.74
C SER B 168 14.20 -41.09 6.95
N MET B 169 15.12 -40.29 6.44
CA MET B 169 14.72 -39.13 5.65
C MET B 169 14.11 -39.63 4.35
N ARG B 170 14.63 -40.74 3.87
CA ARG B 170 14.15 -41.36 2.64
C ARG B 170 12.68 -41.72 2.83
N GLU B 171 12.38 -42.39 3.94
CA GLU B 171 11.02 -42.78 4.25
C GLU B 171 10.15 -41.54 4.45
N LEU B 172 10.69 -40.56 5.18
CA LEU B 172 9.98 -39.32 5.44
C LEU B 172 9.61 -38.65 4.12
N PHE B 173 10.57 -38.59 3.21
CA PHE B 173 10.34 -37.97 1.92
C PHE B 173 9.34 -38.75 1.08
N HIS B 174 9.38 -40.07 1.18
CA HIS B 174 8.46 -40.91 0.41
C HIS B 174 7.01 -40.70 0.86
N TRP B 175 6.77 -40.77 2.17
CA TRP B 175 5.42 -40.59 2.70
C TRP B 175 4.85 -39.20 2.47
N THR B 176 5.70 -38.17 2.62
CA THR B 176 5.24 -36.80 2.46
C THR B 176 5.14 -36.27 1.04
N THR B 177 5.76 -36.94 0.07
CA THR B 177 5.68 -36.42 -1.28
C THR B 177 5.46 -37.44 -2.40
N ILE B 178 5.59 -38.73 -2.11
CA ILE B 178 5.38 -39.76 -3.12
C ILE B 178 4.15 -40.63 -2.87
N ALA B 179 4.04 -41.13 -1.64
CA ALA B 179 2.90 -41.96 -1.28
C ALA B 179 1.61 -41.28 -1.74
N THR B 180 0.66 -42.07 -2.23
CA THR B 180 -0.60 -41.49 -2.68
C THR B 180 -1.31 -40.83 -1.50
N PHE B 181 -2.12 -39.83 -1.82
CA PHE B 181 -2.89 -39.08 -0.82
C PHE B 181 -3.53 -39.97 0.24
N ASP B 182 -4.22 -41.02 -0.20
CA ASP B 182 -4.88 -41.92 0.73
C ASP B 182 -3.90 -42.65 1.63
N ASP B 183 -2.86 -43.22 1.04
CA ASP B 183 -1.86 -43.94 1.83
C ASP B 183 -1.30 -43.05 2.93
N LEU B 184 -0.97 -41.81 2.57
CA LEU B 184 -0.42 -40.86 3.53
C LEU B 184 -1.40 -40.67 4.68
N ARG B 185 -2.65 -40.34 4.33
CA ARG B 185 -3.67 -40.15 5.34
C ARG B 185 -3.68 -41.37 6.26
N GLY B 186 -3.52 -42.54 5.64
CA GLY B 186 -3.51 -43.78 6.37
C GLY B 186 -2.36 -43.78 7.35
N PHE B 187 -1.16 -43.50 6.84
CA PHE B 187 0.01 -43.48 7.68
C PHE B 187 -0.13 -42.44 8.80
N LEU B 188 -0.92 -41.40 8.56
CA LEU B 188 -1.10 -40.35 9.56
C LEU B 188 -2.02 -40.77 10.68
N GLU B 189 -2.93 -41.70 10.41
CA GLU B 189 -3.85 -42.19 11.44
C GLU B 189 -3.08 -42.49 12.72
N GLY B 190 -3.49 -41.89 13.83
CA GLY B 190 -2.80 -42.14 15.08
C GLY B 190 -1.96 -40.94 15.51
N THR B 191 -1.68 -40.05 14.56
CA THR B 191 -0.91 -38.84 14.85
C THR B 191 -1.90 -37.68 14.95
N LEU B 192 -1.43 -36.55 15.48
CA LEU B 192 -2.25 -35.36 15.64
C LEU B 192 -2.76 -34.89 14.29
N ALA B 193 -2.05 -35.29 13.23
CA ALA B 193 -2.39 -34.92 11.88
C ALA B 193 -3.47 -35.80 11.27
N GLU B 194 -3.93 -36.78 12.04
CA GLU B 194 -4.95 -37.70 11.56
C GLU B 194 -6.19 -37.01 10.98
N SER B 195 -6.90 -36.26 11.81
CA SER B 195 -8.10 -35.58 11.36
C SER B 195 -7.87 -34.20 10.78
N LEU B 196 -6.81 -33.52 11.20
CA LEU B 196 -6.55 -32.18 10.70
C LEU B 196 -6.51 -32.08 9.18
N PHE B 197 -5.97 -33.11 8.53
CA PHE B 197 -5.87 -33.14 7.08
C PHE B 197 -6.99 -33.91 6.37
N ALA B 198 -8.19 -33.90 6.94
CA ALA B 198 -9.30 -34.64 6.33
C ALA B 198 -10.65 -34.10 6.82
N GLY B 199 -11.69 -34.35 6.02
CA GLY B 199 -13.02 -33.91 6.40
C GLY B 199 -13.61 -32.76 5.60
N SER B 200 -12.84 -32.17 4.69
CA SER B 200 -13.36 -31.07 3.89
C SER B 200 -12.40 -30.79 2.76
N ASN B 201 -12.83 -29.99 1.80
CA ASN B 201 -11.95 -29.65 0.69
C ASN B 201 -10.79 -28.87 1.27
N GLU B 202 -11.11 -27.92 2.15
CA GLU B 202 -10.07 -27.11 2.77
C GLU B 202 -8.99 -27.99 3.36
N ALA B 203 -9.41 -29.00 4.12
CA ALA B 203 -8.47 -29.91 4.75
C ALA B 203 -7.56 -30.54 3.70
N SER B 204 -8.14 -31.01 2.60
CA SER B 204 -7.36 -31.64 1.51
C SER B 204 -6.44 -30.63 0.83
N LYS B 205 -6.93 -29.42 0.67
CA LYS B 205 -6.14 -28.35 0.06
C LYS B 205 -4.91 -28.12 0.93
N ALA B 206 -5.13 -28.03 2.24
CA ALA B 206 -4.05 -27.81 3.18
C ALA B 206 -3.00 -28.91 3.06
N LEU B 207 -3.44 -30.15 2.97
CA LEU B 207 -2.52 -31.28 2.85
C LEU B 207 -1.72 -31.14 1.56
N THR B 208 -2.39 -30.75 0.48
CA THR B 208 -1.73 -30.58 -0.79
C THR B 208 -0.67 -29.49 -0.66
N SER B 209 -0.99 -28.44 0.07
CA SER B 209 -0.03 -27.35 0.27
C SER B 209 1.20 -27.89 0.99
N ALA B 210 0.97 -28.65 2.05
CA ALA B 210 2.07 -29.23 2.83
C ALA B 210 2.98 -30.04 1.95
N ARG B 211 2.40 -30.92 1.13
CA ARG B 211 3.17 -31.77 0.23
C ARG B 211 4.12 -30.94 -0.62
N PHE B 212 3.57 -29.96 -1.31
CA PHE B 212 4.38 -29.09 -2.16
C PHE B 212 5.55 -28.49 -1.38
N VAL B 213 5.27 -27.87 -0.25
CA VAL B 213 6.34 -27.25 0.55
C VAL B 213 7.46 -28.24 0.85
N LEU B 214 7.11 -29.37 1.45
CA LEU B 214 8.11 -30.37 1.79
C LEU B 214 8.82 -30.90 0.56
N SER B 215 8.12 -30.96 -0.57
CA SER B 215 8.72 -31.46 -1.80
C SER B 215 9.77 -30.47 -2.27
N ASP B 216 9.64 -29.22 -1.81
CA ASP B 216 10.58 -28.16 -2.16
C ASP B 216 11.78 -28.13 -1.22
N LYS B 217 11.52 -28.33 0.06
CA LYS B 217 12.58 -28.26 1.05
C LYS B 217 13.40 -29.54 1.24
N LEU B 218 12.70 -30.64 1.50
CA LEU B 218 13.33 -31.92 1.76
C LEU B 218 14.41 -32.49 0.84
N PRO B 219 14.23 -32.41 -0.49
CA PRO B 219 15.20 -32.93 -1.46
C PRO B 219 16.68 -33.04 -1.05
N GLU B 220 17.33 -31.91 -0.80
CA GLU B 220 18.75 -31.92 -0.42
C GLU B 220 18.99 -32.58 0.94
N HIS B 221 17.96 -32.62 1.78
CA HIS B 221 18.04 -33.25 3.10
C HIS B 221 18.17 -34.76 2.90
N VAL B 222 17.39 -35.28 1.94
CA VAL B 222 17.37 -36.70 1.63
C VAL B 222 18.69 -37.18 1.04
N THR B 223 19.18 -36.46 0.03
CA THR B 223 20.43 -36.82 -0.65
C THR B 223 21.68 -36.54 0.18
N MET B 224 21.46 -36.14 1.44
CA MET B 224 22.57 -35.85 2.34
C MET B 224 23.12 -37.16 2.90
N PRO B 225 24.46 -37.35 2.82
CA PRO B 225 25.09 -38.55 3.33
C PRO B 225 24.64 -38.69 4.78
N ASP B 226 24.26 -39.88 5.22
CA ASP B 226 23.86 -40.12 6.61
C ASP B 226 24.95 -40.27 7.57
N GLY B 227 24.64 -39.95 8.81
CA GLY B 227 25.59 -40.07 9.88
C GLY B 227 24.80 -39.73 11.11
N ASP B 228 25.54 -39.76 12.20
CA ASP B 228 24.96 -39.45 13.48
C ASP B 228 25.44 -38.12 14.02
N PHE B 229 26.03 -37.29 13.17
CA PHE B 229 26.51 -35.98 13.61
C PHE B 229 25.35 -35.12 14.09
N SER B 230 25.57 -34.41 15.19
CA SER B 230 24.54 -33.55 15.75
C SER B 230 25.11 -32.17 16.09
N ILE B 231 24.58 -31.14 15.44
CA ILE B 231 25.04 -29.79 15.65
C ILE B 231 24.88 -29.43 17.12
N ARG B 232 23.85 -29.99 17.77
CA ARG B 232 23.62 -29.72 19.19
C ARG B 232 24.77 -30.27 20.02
N SER B 233 25.07 -31.56 19.86
CA SER B 233 26.17 -32.20 20.58
C SER B 233 27.48 -31.48 20.30
N TRP B 234 27.72 -31.18 19.03
CA TRP B 234 28.93 -30.48 18.60
C TRP B 234 29.15 -29.18 19.38
N LEU B 235 28.06 -28.44 19.61
CA LEU B 235 28.15 -27.18 20.33
C LEU B 235 28.57 -27.42 21.78
N GLU B 236 28.14 -28.55 22.33
CA GLU B 236 28.46 -28.88 23.72
C GLU B 236 29.88 -29.39 23.91
N ASP B 237 30.44 -30.00 22.87
CA ASP B 237 31.80 -30.54 22.94
C ASP B 237 32.83 -29.43 22.75
N PRO B 238 33.50 -29.02 23.85
CA PRO B 238 34.51 -27.96 23.78
C PRO B 238 35.62 -28.33 22.79
N ASN B 239 36.05 -29.59 22.88
CA ASN B 239 37.10 -30.11 22.02
C ASN B 239 36.70 -30.21 20.57
N GLY B 240 35.41 -30.02 20.31
CA GLY B 240 34.92 -30.06 18.94
C GLY B 240 35.62 -28.91 18.25
N GLY B 241 35.79 -28.99 16.93
CA GLY B 241 36.48 -27.92 16.22
C GLY B 241 35.56 -26.81 15.78
N ASN B 242 35.78 -26.34 14.56
CA ASN B 242 34.96 -25.28 13.98
C ASN B 242 34.12 -25.93 12.88
N LEU B 243 32.94 -25.36 12.62
CA LEU B 243 32.05 -25.91 11.61
C LEU B 243 32.08 -25.10 10.33
N PHE B 244 32.41 -25.75 9.23
CA PHE B 244 32.43 -25.07 7.94
C PHE B 244 31.27 -25.55 7.07
N ILE B 245 30.32 -24.67 6.76
CA ILE B 245 29.20 -25.03 5.91
C ILE B 245 29.58 -24.52 4.53
N THR B 246 29.97 -25.44 3.65
CA THR B 246 30.40 -25.06 2.30
C THR B 246 29.49 -25.55 1.18
N TRP B 247 29.67 -24.97 0.01
CA TRP B 247 28.90 -25.34 -1.16
C TRP B 247 29.48 -24.61 -2.36
N ARG B 248 29.28 -25.17 -3.55
CA ARG B 248 29.79 -24.53 -4.77
C ARG B 248 28.75 -23.56 -5.27
N GLU B 249 29.18 -22.35 -5.59
CA GLU B 249 28.28 -21.31 -6.06
C GLU B 249 27.20 -21.66 -7.08
N ASP B 250 27.53 -22.50 -8.06
CA ASP B 250 26.53 -22.86 -9.07
C ASP B 250 25.40 -23.69 -8.48
N MET B 251 25.57 -24.20 -7.27
CA MET B 251 24.53 -24.98 -6.62
C MET B 251 23.89 -24.21 -5.47
N GLY B 252 24.24 -22.94 -5.35
CA GLY B 252 23.70 -22.11 -4.29
C GLY B 252 22.20 -22.19 -4.17
N PRO B 253 21.46 -21.87 -5.24
CA PRO B 253 20.01 -21.95 -5.14
C PRO B 253 19.47 -23.34 -4.75
N ALA B 254 20.18 -24.40 -5.15
CA ALA B 254 19.76 -25.75 -4.83
C ALA B 254 19.90 -26.06 -3.34
N LEU B 255 21.00 -25.60 -2.76
CA LEU B 255 21.26 -25.84 -1.35
C LEU B 255 20.76 -24.74 -0.43
N ARG B 256 20.04 -23.76 -0.97
CA ARG B 256 19.55 -22.66 -0.16
C ARG B 256 18.73 -23.16 1.04
N PRO B 257 17.72 -24.01 0.81
CA PRO B 257 16.93 -24.49 1.95
C PRO B 257 17.67 -25.38 2.96
N LEU B 258 18.72 -26.06 2.53
CA LEU B 258 19.45 -26.93 3.45
C LEU B 258 20.35 -26.09 4.32
N ILE B 259 21.09 -25.18 3.69
CA ILE B 259 22.01 -24.30 4.40
C ILE B 259 21.24 -23.43 5.36
N SER B 260 20.05 -23.00 4.96
CA SER B 260 19.22 -22.17 5.80
C SER B 260 18.77 -22.96 7.01
N ALA B 261 18.71 -24.28 6.86
CA ALA B 261 18.28 -25.13 7.96
C ALA B 261 19.43 -25.26 8.96
N TRP B 262 20.62 -25.56 8.45
CA TRP B 262 21.77 -25.69 9.32
C TRP B 262 22.02 -24.42 10.12
N VAL B 263 22.00 -23.27 9.46
CA VAL B 263 22.21 -22.00 10.13
C VAL B 263 21.15 -21.79 11.20
N ASP B 264 19.90 -22.10 10.90
CA ASP B 264 18.84 -21.93 11.88
C ASP B 264 18.99 -22.90 13.05
N VAL B 265 19.44 -24.12 12.77
CA VAL B 265 19.66 -25.13 13.81
C VAL B 265 20.64 -24.56 14.84
N VAL B 266 21.75 -24.00 14.35
CA VAL B 266 22.74 -23.42 15.22
C VAL B 266 22.07 -22.32 16.06
N CYS B 267 21.21 -21.54 15.44
CA CYS B 267 20.53 -20.45 16.13
C CYS B 267 19.63 -20.84 17.31
N THR B 268 18.80 -21.87 17.16
CA THR B 268 17.93 -22.27 18.26
C THR B 268 18.75 -23.05 19.27
N SER B 269 19.58 -23.94 18.74
CA SER B 269 20.40 -24.81 19.57
C SER B 269 21.28 -24.12 20.60
N ILE B 270 21.86 -22.98 20.27
CA ILE B 270 22.72 -22.29 21.24
C ILE B 270 21.90 -21.84 22.44
N LEU B 271 20.61 -21.66 22.25
CA LEU B 271 19.72 -21.26 23.34
C LEU B 271 19.50 -22.36 24.39
N SER B 272 20.01 -23.56 24.10
CA SER B 272 19.85 -24.69 25.03
C SER B 272 21.16 -25.08 25.70
N LEU B 273 22.27 -24.56 25.18
CA LEU B 273 23.57 -24.85 25.75
C LEU B 273 23.59 -24.46 27.22
N PRO B 274 24.33 -25.22 28.05
CA PRO B 274 24.43 -24.97 29.49
C PRO B 274 25.18 -23.68 29.84
N GLU B 275 24.91 -23.19 31.05
CA GLU B 275 25.50 -21.96 31.59
C GLU B 275 27.01 -21.98 31.56
N GLU B 276 27.59 -21.29 30.59
CA GLU B 276 29.03 -21.29 30.47
C GLU B 276 29.53 -19.91 29.94
N PRO B 277 29.97 -19.03 30.87
CA PRO B 277 30.48 -17.67 30.61
C PRO B 277 31.69 -17.60 29.68
N LYS B 278 32.58 -18.58 29.82
CA LYS B 278 33.79 -18.61 28.99
C LYS B 278 33.58 -18.97 27.54
N ARG B 279 32.37 -19.37 27.16
CA ARG B 279 32.13 -19.74 25.79
C ARG B 279 32.14 -18.55 24.84
N ARG B 280 32.67 -18.77 23.64
CA ARG B 280 32.74 -17.77 22.61
C ARG B 280 32.53 -18.49 21.29
N LEU B 281 31.35 -18.29 20.71
CA LEU B 281 31.00 -18.92 19.45
C LEU B 281 30.62 -17.87 18.41
N TRP B 282 31.36 -17.82 17.31
CA TRP B 282 31.05 -16.88 16.24
C TRP B 282 30.18 -17.53 15.18
N LEU B 283 29.27 -16.75 14.60
CA LEU B 283 28.41 -17.24 13.53
C LEU B 283 28.68 -16.31 12.35
N PHE B 284 29.49 -16.77 11.40
CA PHE B 284 29.82 -15.98 10.24
C PHE B 284 28.90 -16.29 9.07
N ILE B 285 28.12 -15.29 8.67
CA ILE B 285 27.19 -15.43 7.56
C ILE B 285 27.64 -14.45 6.48
N ASP B 286 28.26 -14.96 5.43
CA ASP B 286 28.76 -14.11 4.35
C ASP B 286 27.70 -13.19 3.77
N GLU B 287 26.53 -13.73 3.47
CA GLU B 287 25.44 -12.94 2.91
C GLU B 287 24.09 -13.28 3.52
N LEU B 288 23.71 -12.51 4.53
CA LEU B 288 22.45 -12.71 5.23
C LEU B 288 21.22 -12.78 4.32
N ALA B 289 21.22 -12.00 3.25
CA ALA B 289 20.07 -11.98 2.35
C ALA B 289 19.96 -13.19 1.44
N SER B 290 21.02 -13.98 1.31
CA SER B 290 20.98 -15.15 0.45
C SER B 290 20.40 -16.40 1.11
N LEU B 291 20.10 -16.32 2.40
CA LEU B 291 19.49 -17.44 3.11
C LEU B 291 17.99 -17.18 3.10
N GLU B 292 17.21 -18.12 3.64
CA GLU B 292 15.77 -17.93 3.67
C GLU B 292 15.44 -17.13 4.91
N LYS B 293 14.15 -16.89 5.11
CA LYS B 293 13.68 -16.15 6.28
C LYS B 293 13.87 -17.10 7.46
N LEU B 294 14.96 -16.93 8.21
CA LEU B 294 15.27 -17.79 9.35
C LEU B 294 14.34 -17.59 10.52
N ALA B 295 13.74 -18.68 10.99
CA ALA B 295 12.80 -18.63 12.10
C ALA B 295 13.44 -18.34 13.46
N SER B 296 14.73 -18.60 13.61
CA SER B 296 15.39 -18.39 14.91
C SER B 296 16.47 -17.32 14.98
N LEU B 297 16.87 -16.76 13.84
CA LEU B 297 17.92 -15.75 13.84
C LEU B 297 17.64 -14.64 14.83
N ALA B 298 16.41 -14.15 14.82
CA ALA B 298 16.03 -13.07 15.71
C ALA B 298 16.32 -13.37 17.18
N ASP B 299 15.77 -14.45 17.71
CA ASP B 299 16.01 -14.80 19.12
C ASP B 299 17.49 -15.01 19.39
N ALA B 300 18.19 -15.61 18.45
CA ALA B 300 19.62 -15.87 18.60
C ALA B 300 20.36 -14.55 18.79
N LEU B 301 20.00 -13.55 17.98
CA LEU B 301 20.64 -12.24 18.04
C LEU B 301 20.24 -11.47 19.30
N THR B 302 19.24 -11.97 20.00
CA THR B 302 18.75 -11.31 21.21
C THR B 302 18.98 -12.04 22.54
N LYS B 303 19.02 -13.36 22.49
CA LYS B 303 19.20 -14.15 23.70
C LYS B 303 20.44 -15.01 23.67
N GLY B 304 21.34 -14.73 22.74
CA GLY B 304 22.54 -15.54 22.61
C GLY B 304 23.73 -15.07 23.42
N ARG B 305 23.54 -14.00 24.21
CA ARG B 305 24.64 -13.48 25.01
C ARG B 305 25.13 -14.49 26.03
N LYS B 306 24.21 -15.15 26.72
CA LYS B 306 24.60 -16.14 27.72
C LYS B 306 25.50 -17.21 27.11
N ALA B 307 25.13 -17.64 25.90
CA ALA B 307 25.88 -18.66 25.19
C ALA B 307 27.16 -18.10 24.59
N GLY B 308 27.29 -16.78 24.58
CA GLY B 308 28.47 -16.15 24.02
C GLY B 308 28.43 -16.16 22.50
N LEU B 309 27.22 -16.07 21.95
CA LEU B 309 27.04 -16.07 20.50
C LEU B 309 27.44 -14.71 19.92
N ARG B 310 28.25 -14.75 18.88
CA ARG B 310 28.72 -13.56 18.21
C ARG B 310 28.41 -13.72 16.74
N VAL B 311 27.45 -12.94 16.24
CA VAL B 311 27.07 -13.03 14.83
C VAL B 311 27.66 -11.91 13.99
N VAL B 312 28.21 -12.27 12.85
CA VAL B 312 28.78 -11.31 11.91
C VAL B 312 28.18 -11.66 10.57
N ALA B 313 27.44 -10.71 9.99
CA ALA B 313 26.80 -10.95 8.70
C ALA B 313 27.09 -9.90 7.64
N GLY B 314 27.26 -10.36 6.41
CA GLY B 314 27.51 -9.46 5.31
C GLY B 314 26.18 -9.10 4.68
N LEU B 315 26.11 -7.95 4.03
CA LEU B 315 24.86 -7.53 3.41
C LEU B 315 25.18 -6.55 2.30
N GLN B 316 24.51 -6.67 1.15
CA GLN B 316 24.75 -5.74 0.04
C GLN B 316 23.72 -4.61 -0.02
N SER B 317 22.46 -4.96 -0.26
CA SER B 317 21.42 -3.96 -0.30
C SER B 317 20.43 -4.20 0.82
N THR B 318 19.93 -3.11 1.40
CA THR B 318 18.95 -3.22 2.45
C THR B 318 17.66 -3.73 1.83
N SER B 319 17.51 -3.49 0.52
CA SER B 319 16.31 -3.92 -0.20
C SER B 319 16.21 -5.44 -0.25
N GLN B 320 17.35 -6.13 -0.18
CA GLN B 320 17.38 -7.59 -0.21
C GLN B 320 16.72 -8.13 1.04
N LEU B 321 17.34 -7.83 2.17
CA LEU B 321 16.83 -8.27 3.47
C LEU B 321 15.34 -7.98 3.55
N ASP B 322 14.94 -6.81 3.06
CA ASP B 322 13.53 -6.40 3.06
C ASP B 322 12.65 -7.37 2.26
N ASP B 323 13.11 -7.72 1.07
CA ASP B 323 12.37 -8.63 0.22
C ASP B 323 12.29 -10.03 0.83
N VAL B 324 13.26 -10.40 1.66
CA VAL B 324 13.27 -11.72 2.31
C VAL B 324 12.46 -11.77 3.59
N TYR B 325 12.74 -10.86 4.52
CA TYR B 325 12.04 -10.83 5.80
C TYR B 325 10.83 -9.91 5.82
N GLY B 326 10.82 -8.93 4.93
CA GLY B 326 9.71 -7.98 4.91
C GLY B 326 10.26 -6.76 5.62
N VAL B 327 9.77 -5.58 5.28
CA VAL B 327 10.25 -4.35 5.90
C VAL B 327 10.28 -4.33 7.42
N LYS B 328 9.12 -4.46 8.06
CA LYS B 328 9.04 -4.45 9.51
C LYS B 328 10.00 -5.43 10.15
N GLU B 329 9.91 -6.68 9.71
CA GLU B 329 10.76 -7.73 10.25
C GLU B 329 12.23 -7.50 9.99
N ALA B 330 12.56 -7.04 8.79
CA ALA B 330 13.94 -6.78 8.42
C ALA B 330 14.53 -5.64 9.26
N GLN B 331 13.69 -4.68 9.61
CA GLN B 331 14.13 -3.56 10.42
C GLN B 331 14.58 -4.09 11.77
N THR B 332 13.72 -4.92 12.38
CA THR B 332 14.03 -5.51 13.67
C THR B 332 15.32 -6.32 13.59
N LEU B 333 15.47 -7.09 12.51
CA LEU B 333 16.65 -7.92 12.34
C LEU B 333 17.88 -7.05 12.35
N ARG B 334 17.89 -6.03 11.52
CA ARG B 334 19.03 -5.13 11.48
C ARG B 334 19.33 -4.43 12.76
N ALA B 335 18.28 -3.99 13.41
CA ALA B 335 18.44 -3.31 14.67
C ALA B 335 19.10 -4.20 15.71
N SER B 336 19.10 -5.51 15.49
CA SER B 336 19.71 -6.44 16.43
C SER B 336 21.23 -6.46 16.36
N PHE B 337 21.79 -5.92 15.28
CA PHE B 337 23.24 -5.85 15.11
C PHE B 337 23.65 -4.46 15.61
N ARG B 338 24.24 -4.39 16.80
CA ARG B 338 24.66 -3.13 17.40
C ARG B 338 25.84 -2.42 16.73
N SER B 339 26.79 -3.18 16.20
CA SER B 339 27.95 -2.58 15.53
C SER B 339 27.77 -2.63 14.02
N LEU B 340 28.15 -1.54 13.36
CA LEU B 340 28.00 -1.41 11.92
C LEU B 340 29.30 -1.07 11.17
N VAL B 341 29.41 -1.56 9.94
CA VAL B 341 30.56 -1.29 9.09
C VAL B 341 29.99 -0.95 7.71
N VAL B 342 30.37 0.19 7.16
CA VAL B 342 29.87 0.61 5.86
C VAL B 342 31.01 0.70 4.86
N LEU B 343 30.95 -0.15 3.85
CA LEU B 343 31.98 -0.23 2.82
C LEU B 343 31.72 0.55 1.55
N GLY B 344 30.73 1.43 1.55
CA GLY B 344 30.48 2.21 0.35
C GLY B 344 29.83 1.40 -0.75
N GLY B 345 28.70 1.91 -1.24
CA GLY B 345 27.97 1.23 -2.28
C GLY B 345 28.04 1.89 -3.64
N SER B 346 27.19 1.40 -4.53
CA SER B 346 27.09 1.89 -5.90
C SER B 346 26.30 3.19 -5.98
N ARG B 347 26.63 4.03 -6.96
CA ARG B 347 25.91 5.28 -7.07
C ARG B 347 24.59 5.14 -7.81
N THR B 348 24.33 3.94 -8.33
CA THR B 348 23.09 3.68 -9.03
C THR B 348 22.00 3.36 -8.00
N ASP B 349 22.41 3.25 -6.73
CA ASP B 349 21.49 2.95 -5.65
C ASP B 349 21.57 3.99 -4.54
N PRO B 350 21.06 5.19 -4.80
CA PRO B 350 21.07 6.29 -3.83
C PRO B 350 20.28 6.04 -2.54
N LYS B 351 19.31 5.14 -2.59
CA LYS B 351 18.50 4.86 -1.40
C LYS B 351 19.37 4.22 -0.31
N THR B 352 20.11 3.17 -0.67
CA THR B 352 20.98 2.52 0.31
C THR B 352 22.01 3.53 0.82
N ASN B 353 22.61 4.30 -0.08
CA ASN B 353 23.60 5.29 0.33
C ASN B 353 23.00 6.25 1.34
N GLU B 354 21.72 6.55 1.17
CA GLU B 354 21.04 7.45 2.07
C GLU B 354 20.84 6.74 3.41
N ASP B 355 20.43 5.47 3.39
CA ASP B 355 20.22 4.70 4.61
C ASP B 355 21.52 4.62 5.40
N MET B 356 22.58 4.27 4.70
CA MET B 356 23.88 4.14 5.33
C MET B 356 24.33 5.49 5.88
N SER B 357 24.07 6.55 5.13
CA SER B 357 24.45 7.89 5.58
C SER B 357 23.69 8.22 6.84
N LEU B 358 22.40 7.97 6.81
CA LEU B 358 21.55 8.26 7.95
C LEU B 358 21.93 7.36 9.13
N SER B 359 22.29 6.11 8.84
CA SER B 359 22.70 5.20 9.90
C SER B 359 23.93 5.73 10.59
N LEU B 360 24.90 6.19 9.82
CA LEU B 360 26.13 6.74 10.38
C LEU B 360 25.80 7.95 11.27
N GLY B 361 24.67 8.58 11.01
CA GLY B 361 24.23 9.71 11.81
C GLY B 361 24.73 11.11 11.49
N GLU B 362 24.06 12.10 12.09
CA GLU B 362 24.41 13.51 11.91
C GLU B 362 25.11 13.97 13.18
N HIS B 363 25.61 15.20 13.14
CA HIS B 363 26.24 15.80 14.31
C HIS B 363 25.86 17.27 14.33
N GLU B 364 25.80 17.87 15.51
CA GLU B 364 25.50 19.28 15.61
C GLU B 364 26.84 19.93 15.93
N VAL B 365 27.22 20.90 15.12
CA VAL B 365 28.51 21.53 15.26
C VAL B 365 28.45 23.05 15.29
N GLU B 366 29.51 23.66 15.83
CA GLU B 366 29.60 25.12 15.93
C GLU B 366 30.76 25.58 15.05
N ARG B 367 30.44 26.37 14.02
CA ARG B 367 31.44 26.86 13.08
C ARG B 367 31.50 28.38 13.01
N ASP B 368 32.45 28.87 12.22
CA ASP B 368 32.67 30.31 12.08
C ASP B 368 31.96 31.06 10.94
N ARG B 369 31.38 32.21 11.29
CA ARG B 369 30.65 33.13 10.38
C ARG B 369 29.13 32.92 10.37
N GLU B 385 27.80 29.08 11.99
CA GLU B 385 27.62 29.00 13.46
C GLU B 385 26.95 27.69 13.89
N ARG B 386 25.65 27.58 14.14
CA ARG B 386 25.17 26.26 14.50
C ARG B 386 24.70 25.45 13.30
N VAL B 387 25.29 24.27 13.13
CA VAL B 387 24.91 23.44 12.01
C VAL B 387 24.70 21.96 12.32
N ARG B 388 23.67 21.38 11.72
CA ARG B 388 23.38 19.97 11.85
C ARG B 388 23.72 19.40 10.48
N GLU B 389 24.49 18.33 10.43
CA GLU B 389 24.86 17.77 9.15
C GLU B 389 25.26 16.31 9.27
N ARG B 390 25.17 15.59 8.16
CA ARG B 390 25.55 14.18 8.15
C ARG B 390 27.07 14.14 8.27
N VAL B 391 27.58 13.27 9.13
CA VAL B 391 29.01 13.13 9.28
C VAL B 391 29.55 12.56 7.99
N VAL B 392 28.77 11.69 7.35
CA VAL B 392 29.15 11.10 6.08
C VAL B 392 27.98 11.25 5.12
N MET B 393 28.20 12.00 4.05
CA MET B 393 27.18 12.23 3.03
C MET B 393 26.88 10.98 2.20
N PRO B 394 25.66 10.89 1.66
CA PRO B 394 25.37 9.71 0.84
C PRO B 394 26.38 9.65 -0.29
N ALA B 395 26.72 10.81 -0.82
CA ALA B 395 27.68 10.89 -1.91
C ALA B 395 29.06 10.39 -1.48
N GLU B 396 29.45 10.68 -0.24
CA GLU B 396 30.75 10.24 0.24
C GLU B 396 30.80 8.71 0.25
N ILE B 397 29.70 8.07 0.64
CA ILE B 397 29.65 6.61 0.68
C ILE B 397 29.66 6.04 -0.73
N ALA B 398 29.09 6.77 -1.68
CA ALA B 398 29.04 6.32 -3.06
C ALA B 398 30.39 6.49 -3.76
N ASN B 399 31.26 7.29 -3.18
CA ASN B 399 32.56 7.52 -3.78
C ASN B 399 33.70 6.76 -3.11
N LEU B 400 33.40 5.99 -2.08
CA LEU B 400 34.45 5.23 -1.41
C LEU B 400 35.12 4.25 -2.35
N PRO B 401 36.46 4.17 -2.31
CA PRO B 401 37.16 3.24 -3.19
C PRO B 401 37.05 1.88 -2.49
N ASP B 402 37.22 0.79 -3.24
CA ASP B 402 37.10 -0.52 -2.59
C ASP B 402 38.11 -0.63 -1.45
N LEU B 403 37.90 -1.61 -0.57
CA LEU B 403 38.78 -1.83 0.58
C LEU B 403 38.91 -0.63 1.51
N THR B 404 37.86 0.16 1.62
CA THR B 404 37.83 1.33 2.50
C THR B 404 36.50 1.28 3.23
N ALA B 405 36.53 1.40 4.55
CA ALA B 405 35.30 1.29 5.31
C ALA B 405 35.15 2.22 6.50
N TYR B 406 33.90 2.52 6.82
CA TYR B 406 33.57 3.34 7.97
C TYR B 406 33.24 2.33 9.05
N VAL B 407 33.92 2.43 10.19
CA VAL B 407 33.69 1.50 11.29
C VAL B 407 33.02 2.21 12.45
N GLY B 408 31.82 1.75 12.78
CA GLY B 408 31.07 2.34 13.87
C GLY B 408 30.65 1.30 14.87
N PHE B 409 31.50 1.07 15.87
CA PHE B 409 31.22 0.09 16.92
C PHE B 409 30.03 0.49 17.78
N ALA B 410 29.37 -0.51 18.35
CA ALA B 410 28.20 -0.28 19.18
C ALA B 410 28.52 0.58 20.39
N GLY B 411 27.51 1.31 20.88
CA GLY B 411 27.72 2.15 22.04
C GLY B 411 28.18 3.58 21.77
N ASN B 412 28.81 4.18 22.76
CA ASN B 412 29.28 5.56 22.65
C ASN B 412 30.72 5.69 22.18
N ARG B 413 30.97 5.38 20.91
CA ARG B 413 32.32 5.44 20.35
C ARG B 413 32.23 6.14 19.00
N PRO B 414 33.29 6.88 18.61
CA PRO B 414 33.28 7.57 17.34
C PRO B 414 33.47 6.61 16.17
N ILE B 415 33.08 7.04 14.98
CA ILE B 415 33.26 6.20 13.81
C ILE B 415 34.55 6.67 13.17
N ALA B 416 35.10 5.85 12.28
CA ALA B 416 36.33 6.21 11.61
C ALA B 416 36.40 5.56 10.24
N LYS B 417 37.07 6.23 9.31
CA LYS B 417 37.23 5.73 7.96
C LYS B 417 38.59 5.06 7.93
N VAL B 418 38.58 3.74 7.83
CA VAL B 418 39.80 2.93 7.85
C VAL B 418 40.06 2.14 6.57
N PRO B 419 41.35 1.94 6.22
CA PRO B 419 41.69 1.19 5.01
C PRO B 419 41.70 -0.30 5.34
N LEU B 420 41.10 -1.10 4.47
CA LEU B 420 41.05 -2.55 4.68
C LEU B 420 42.19 -3.19 3.92
N GLU B 421 43.09 -3.86 4.64
CA GLU B 421 44.23 -4.49 3.97
C GLU B 421 43.94 -5.94 3.56
N ILE B 422 44.37 -6.28 2.35
CA ILE B 422 44.18 -7.63 1.82
C ILE B 422 45.28 -8.57 2.31
N LYS B 423 45.05 -9.24 3.43
CA LYS B 423 46.04 -10.16 3.95
C LYS B 423 46.00 -11.48 3.17
N GLN B 424 47.18 -12.09 2.97
CA GLN B 424 47.26 -13.34 2.23
C GLN B 424 47.32 -14.56 3.14
N PHE B 425 46.49 -15.55 2.85
CA PHE B 425 46.48 -16.77 3.64
C PHE B 425 46.80 -18.01 2.82
N ALA B 426 47.76 -18.80 3.30
CA ALA B 426 48.18 -20.03 2.63
C ALA B 426 47.06 -21.06 2.61
N ASN B 427 46.91 -21.74 1.47
CA ASN B 427 45.85 -22.75 1.35
C ASN B 427 46.24 -24.07 1.98
N ARG B 428 46.01 -24.17 3.28
CA ARG B 428 46.33 -25.37 4.05
C ARG B 428 45.28 -26.48 3.99
N GLN B 429 44.61 -26.65 2.85
CA GLN B 429 43.59 -27.69 2.68
C GLN B 429 42.74 -27.38 1.46
N PRO B 430 42.28 -28.42 0.75
CA PRO B 430 41.47 -28.19 -0.45
C PRO B 430 40.07 -27.68 -0.10
N ALA B 431 39.58 -26.76 -0.91
CA ALA B 431 38.25 -26.17 -0.68
C ALA B 431 37.12 -27.16 -0.88
N PHE B 432 37.25 -28.00 -1.90
CA PHE B 432 36.22 -28.97 -2.22
C PHE B 432 36.88 -30.31 -2.55
N VAL B 433 36.21 -31.40 -2.22
CA VAL B 433 36.72 -32.75 -2.50
C VAL B 433 35.58 -33.68 -2.89
N GLU B 434 35.73 -34.32 -4.05
CA GLU B 434 34.73 -35.26 -4.58
C GLU B 434 33.94 -34.50 -5.62
N GLN C 6 32.56 27.56 -13.83
CA GLN C 6 33.68 26.69 -13.34
C GLN C 6 34.29 25.95 -14.54
N GLY C 7 33.49 25.76 -15.58
CA GLY C 7 33.93 25.05 -16.77
C GLY C 7 33.56 23.57 -16.78
N GLU C 8 33.28 23.03 -15.60
CA GLU C 8 32.89 21.63 -15.43
C GLU C 8 31.59 21.57 -14.63
N PHE C 9 31.50 22.38 -13.58
CA PHE C 9 30.32 22.42 -12.74
C PHE C 9 29.32 23.43 -13.29
N GLY C 10 28.08 22.98 -13.51
CA GLY C 10 27.06 23.86 -14.06
C GLY C 10 26.57 24.96 -13.16
N GLY C 11 26.71 24.80 -11.85
CA GLY C 11 26.24 25.82 -10.93
C GLY C 11 27.21 26.98 -10.79
N ALA C 12 27.00 27.80 -9.77
CA ALA C 12 27.87 28.95 -9.52
C ALA C 12 29.25 28.46 -9.12
N PRO C 13 30.30 29.09 -9.66
CA PRO C 13 31.68 28.71 -9.34
C PRO C 13 31.90 28.80 -7.84
N PHE C 14 32.84 28.02 -7.32
CA PHE C 14 33.10 28.05 -5.90
C PHE C 14 34.57 28.19 -5.56
N LYS C 15 34.83 28.63 -4.33
CA LYS C 15 36.18 28.84 -3.85
C LYS C 15 36.88 27.54 -3.47
N ARG C 16 36.21 26.71 -2.67
CA ARG C 16 36.81 25.46 -2.22
C ARG C 16 35.84 24.27 -2.17
N PHE C 17 36.33 23.09 -2.57
CA PHE C 17 35.53 21.87 -2.55
C PHE C 17 35.73 21.15 -1.24
N LEU C 18 34.63 20.74 -0.60
CA LEU C 18 34.72 20.06 0.69
C LEU C 18 34.59 18.54 0.64
N ARG C 19 33.46 18.05 0.16
CA ARG C 19 33.20 16.61 0.06
C ARG C 19 32.08 16.32 -0.92
N GLY C 20 31.86 15.04 -1.18
CA GLY C 20 30.79 14.63 -2.09
C GLY C 20 31.25 14.30 -3.49
N THR C 21 30.30 14.33 -4.43
CA THR C 21 30.60 14.05 -5.81
C THR C 21 31.35 15.22 -6.43
N ARG C 22 32.42 14.90 -7.14
CA ARG C 22 33.24 15.90 -7.79
C ARG C 22 33.09 15.81 -9.29
N ILE C 23 32.91 16.95 -9.94
CA ILE C 23 32.77 16.96 -11.38
C ILE C 23 34.04 17.55 -12.00
N VAL C 24 34.46 16.96 -13.11
CA VAL C 24 35.66 17.35 -13.83
C VAL C 24 35.39 17.44 -15.33
N SER C 25 36.27 18.10 -16.07
CA SER C 25 36.09 18.25 -17.52
C SER C 25 36.30 16.93 -18.25
N GLY C 26 35.63 16.80 -19.39
CA GLY C 26 35.77 15.58 -20.16
C GLY C 26 37.22 15.16 -20.32
N GLY C 27 38.02 16.07 -20.87
CA GLY C 27 39.43 15.78 -21.07
C GLY C 27 40.18 15.41 -19.80
N LYS C 28 39.88 16.11 -18.72
CA LYS C 28 40.54 15.82 -17.46
C LYS C 28 40.24 14.40 -16.97
N LEU C 29 39.01 13.94 -17.16
CA LEU C 29 38.67 12.58 -16.73
C LEU C 29 39.40 11.57 -17.63
N LYS C 30 39.42 11.86 -18.93
CA LYS C 30 40.10 11.00 -19.89
C LYS C 30 41.54 10.81 -19.46
N ARG C 31 42.16 11.87 -18.96
CA ARG C 31 43.54 11.78 -18.51
C ARG C 31 43.60 10.92 -17.26
N MET C 32 42.75 11.26 -16.31
CA MET C 32 42.67 10.56 -15.04
C MET C 32 42.47 9.04 -15.16
N THR C 33 41.49 8.63 -15.98
CA THR C 33 41.20 7.21 -16.14
C THR C 33 42.11 6.47 -17.10
N ARG C 34 42.94 7.20 -17.84
CA ARG C 34 43.83 6.53 -18.78
C ARG C 34 44.76 5.58 -18.05
N GLU C 35 44.97 4.42 -18.66
CA GLU C 35 45.85 3.42 -18.07
C GLU C 35 46.82 2.83 -19.06
N LYS C 36 47.82 2.17 -18.50
CA LYS C 36 48.87 1.54 -19.25
C LYS C 36 48.36 0.43 -20.18
N ALA C 37 47.66 -0.55 -19.62
CA ALA C 37 47.12 -1.65 -20.44
C ALA C 37 46.08 -1.15 -21.45
N LYS C 38 45.63 -2.06 -22.32
CA LYS C 38 44.60 -1.72 -23.31
C LYS C 38 43.27 -1.58 -22.59
N GLN C 39 42.53 -0.52 -22.93
CA GLN C 39 41.24 -0.30 -22.30
C GLN C 39 40.13 -0.14 -23.32
N VAL C 40 38.91 -0.16 -22.83
CA VAL C 40 37.75 0.03 -23.67
C VAL C 40 37.24 1.42 -23.33
N THR C 41 36.44 2.02 -24.21
CA THR C 41 35.96 3.37 -23.93
C THR C 41 34.45 3.52 -23.76
N VAL C 42 34.09 4.46 -22.89
CA VAL C 42 32.72 4.80 -22.59
C VAL C 42 32.58 6.26 -23.00
N ALA C 43 31.93 6.50 -24.12
CA ALA C 43 31.76 7.86 -24.62
C ALA C 43 33.12 8.53 -24.76
N GLY C 44 34.07 7.77 -25.30
CA GLY C 44 35.41 8.30 -25.50
C GLY C 44 36.28 8.39 -24.27
N VAL C 45 35.78 7.91 -23.13
CA VAL C 45 36.57 7.97 -21.92
C VAL C 45 37.12 6.59 -21.62
N PRO C 46 38.45 6.45 -21.55
CA PRO C 46 39.00 5.12 -21.26
C PRO C 46 38.50 4.62 -19.90
N MET C 47 37.90 3.44 -19.91
CA MET C 47 37.34 2.85 -18.68
C MET C 47 38.37 2.13 -17.82
N PRO C 48 38.41 2.48 -16.53
CA PRO C 48 39.35 1.86 -15.60
C PRO C 48 39.22 0.35 -15.68
N ARG C 49 40.33 -0.34 -15.80
CA ARG C 49 40.29 -1.80 -15.89
C ARG C 49 39.49 -2.46 -14.77
N ASP C 50 39.77 -2.06 -13.53
CA ASP C 50 39.10 -2.63 -12.38
C ASP C 50 37.59 -2.41 -12.34
N ALA C 51 37.12 -1.41 -13.10
CA ALA C 51 35.70 -1.10 -13.10
C ALA C 51 34.92 -1.96 -14.09
N GLU C 52 35.63 -2.64 -14.98
CA GLU C 52 35.00 -3.48 -15.99
C GLU C 52 34.11 -4.57 -15.41
N PRO C 53 34.65 -5.41 -14.52
CA PRO C 53 33.82 -6.48 -13.95
C PRO C 53 32.84 -6.01 -12.87
N ARG C 54 32.75 -4.70 -12.67
CA ARG C 54 31.84 -4.12 -11.68
C ARG C 54 30.58 -3.71 -12.41
N HIS C 55 30.59 -3.89 -13.73
CA HIS C 55 29.45 -3.58 -14.59
C HIS C 55 29.11 -2.11 -14.78
N LEU C 56 28.40 -1.85 -15.86
CA LEU C 56 28.02 -0.50 -16.25
C LEU C 56 26.55 -0.42 -16.62
N LEU C 57 25.85 0.57 -16.05
CA LEU C 57 24.44 0.78 -16.34
C LEU C 57 24.30 2.09 -17.12
N VAL C 58 23.80 2.00 -18.35
CA VAL C 58 23.64 3.18 -19.18
C VAL C 58 22.18 3.61 -19.23
N ASN C 59 21.84 4.62 -18.44
CA ASN C 59 20.47 5.10 -18.39
C ASN C 59 20.27 6.31 -19.29
N GLY C 60 19.21 6.30 -20.09
CA GLY C 60 18.97 7.41 -21.00
C GLY C 60 17.66 7.35 -21.75
N ALA C 61 17.07 8.51 -21.99
CA ALA C 61 15.81 8.60 -22.70
C ALA C 61 15.94 8.00 -24.08
N THR C 62 14.81 7.70 -24.69
CA THR C 62 14.80 7.11 -26.02
C THR C 62 15.38 8.12 -27.02
N GLY C 63 16.34 7.65 -27.81
CA GLY C 63 16.97 8.49 -28.82
C GLY C 63 18.13 9.37 -28.35
N THR C 64 18.71 9.07 -27.19
CA THR C 64 19.81 9.86 -26.66
C THR C 64 21.21 9.30 -26.92
N GLY C 65 21.31 8.02 -27.25
CA GLY C 65 22.63 7.49 -27.53
C GLY C 65 23.05 6.21 -26.84
N LYS C 66 22.13 5.56 -26.11
CA LYS C 66 22.49 4.31 -25.44
C LYS C 66 23.13 3.33 -26.43
N SER C 67 22.47 3.16 -27.57
CA SER C 67 22.96 2.24 -28.59
C SER C 67 24.31 2.65 -29.14
N VAL C 68 24.49 3.94 -29.41
CA VAL C 68 25.77 4.42 -29.91
C VAL C 68 26.84 4.06 -28.88
N LEU C 69 26.58 4.42 -27.63
CA LEU C 69 27.53 4.14 -26.54
C LEU C 69 27.88 2.67 -26.42
N LEU C 70 26.86 1.80 -26.40
CA LEU C 70 27.12 0.37 -26.28
C LEU C 70 27.85 -0.19 -27.49
N ARG C 71 27.60 0.36 -28.66
CA ARG C 71 28.24 -0.12 -29.88
C ARG C 71 29.71 0.20 -29.80
N GLU C 72 30.04 1.40 -29.34
CA GLU C 72 31.44 1.82 -29.21
C GLU C 72 32.16 0.96 -28.18
N LEU C 73 31.49 0.69 -27.06
CA LEU C 73 32.08 -0.12 -26.01
C LEU C 73 32.40 -1.48 -26.57
N ALA C 74 31.42 -2.08 -27.23
CA ALA C 74 31.56 -3.40 -27.83
C ALA C 74 32.73 -3.42 -28.81
N TYR C 75 32.77 -2.42 -29.67
CA TYR C 75 33.82 -2.31 -30.67
C TYR C 75 35.22 -2.31 -30.05
N THR C 76 35.48 -1.36 -29.17
CA THR C 76 36.80 -1.28 -28.55
C THR C 76 37.10 -2.54 -27.76
N GLY C 77 36.05 -3.22 -27.32
CA GLY C 77 36.25 -4.44 -26.59
C GLY C 77 36.74 -5.51 -27.55
N LEU C 78 36.20 -5.51 -28.77
CA LEU C 78 36.58 -6.47 -29.78
C LEU C 78 38.02 -6.23 -30.22
N LEU C 79 38.40 -4.97 -30.32
CA LEU C 79 39.76 -4.63 -30.72
C LEU C 79 40.76 -5.19 -29.73
N ARG C 80 40.35 -5.27 -28.47
CA ARG C 80 41.22 -5.81 -27.42
C ARG C 80 41.15 -7.33 -27.47
N GLY C 81 40.24 -7.85 -28.29
CA GLY C 81 40.09 -9.27 -28.44
C GLY C 81 39.25 -9.98 -27.39
N ASP C 82 38.38 -9.25 -26.69
CA ASP C 82 37.55 -9.89 -25.66
C ASP C 82 36.36 -10.59 -26.30
N ARG C 83 35.84 -11.60 -25.62
CA ARG C 83 34.67 -12.33 -26.13
C ARG C 83 33.45 -11.65 -25.57
N MET C 84 32.31 -11.83 -26.23
CA MET C 84 31.09 -11.22 -25.75
C MET C 84 29.83 -11.86 -26.27
N VAL C 85 28.76 -11.67 -25.50
CA VAL C 85 27.44 -12.17 -25.82
C VAL C 85 26.68 -10.88 -25.99
N ILE C 86 26.06 -10.68 -27.15
CA ILE C 86 25.33 -9.44 -27.38
C ILE C 86 23.85 -9.63 -27.65
N VAL C 87 23.02 -9.10 -26.77
CA VAL C 87 21.58 -9.18 -26.98
C VAL C 87 21.43 -8.12 -28.04
N ASP C 88 21.40 -8.56 -29.29
CA ASP C 88 21.37 -7.67 -30.43
C ASP C 88 20.09 -7.52 -31.25
N PRO C 89 19.34 -6.43 -31.04
CA PRO C 89 18.09 -6.16 -31.76
C PRO C 89 18.33 -5.93 -33.25
N ASN C 90 17.50 -6.51 -34.09
CA ASN C 90 17.62 -6.35 -35.54
C ASN C 90 18.98 -6.74 -36.07
N GLY C 91 19.75 -7.49 -35.28
CA GLY C 91 21.06 -7.90 -35.71
C GLY C 91 21.97 -6.75 -36.13
N ASP C 92 21.80 -5.59 -35.50
CA ASP C 92 22.62 -4.43 -35.82
C ASP C 92 24.11 -4.68 -35.52
N MET C 93 24.41 -5.09 -34.29
CA MET C 93 25.79 -5.38 -33.90
C MET C 93 26.36 -6.51 -34.76
N LEU C 94 25.51 -7.49 -35.08
CA LEU C 94 25.89 -8.63 -35.90
C LEU C 94 26.37 -8.19 -37.27
N SER C 95 25.61 -7.31 -37.90
CA SER C 95 25.96 -6.85 -39.23
C SER C 95 27.21 -5.97 -39.25
N LYS C 96 27.64 -5.51 -38.08
CA LYS C 96 28.81 -4.66 -38.02
C LYS C 96 30.08 -5.37 -37.55
N PHE C 97 29.97 -6.16 -36.50
CA PHE C 97 31.15 -6.84 -35.96
C PHE C 97 31.11 -8.35 -36.05
N GLY C 98 30.09 -8.89 -36.68
CA GLY C 98 29.99 -10.34 -36.78
C GLY C 98 31.00 -10.94 -37.74
N ARG C 99 31.70 -11.97 -37.29
CA ARG C 99 32.67 -12.64 -38.14
C ARG C 99 32.11 -14.02 -38.47
N ASP C 100 32.91 -14.84 -39.14
CA ASP C 100 32.46 -16.17 -39.51
C ASP C 100 32.55 -17.18 -38.36
N LYS C 101 33.53 -16.99 -37.49
CA LYS C 101 33.69 -17.92 -36.38
C LYS C 101 32.68 -17.60 -35.30
N ASP C 102 31.95 -16.50 -35.48
CA ASP C 102 30.94 -16.09 -34.49
C ASP C 102 29.63 -16.86 -34.59
N ILE C 103 28.92 -16.92 -33.46
CA ILE C 103 27.65 -17.63 -33.33
C ILE C 103 26.42 -16.75 -33.37
N ILE C 104 25.33 -17.30 -33.88
CA ILE C 104 24.06 -16.58 -33.97
C ILE C 104 22.93 -17.43 -33.42
N LEU C 105 22.16 -16.85 -32.51
CA LEU C 105 21.01 -17.54 -31.94
C LEU C 105 19.77 -16.74 -32.28
N ASN C 106 18.95 -17.30 -33.17
CA ASN C 106 17.73 -16.66 -33.63
C ASN C 106 16.94 -17.76 -34.33
N PRO C 107 15.81 -18.18 -33.76
CA PRO C 107 15.03 -19.24 -34.39
C PRO C 107 14.62 -19.00 -35.84
N TYR C 108 14.62 -17.73 -36.26
CA TYR C 108 14.21 -17.43 -37.63
C TYR C 108 15.34 -17.05 -38.59
N ASP C 109 16.57 -17.08 -38.13
CA ASP C 109 17.68 -16.74 -39.02
C ASP C 109 18.33 -18.03 -39.48
N GLN C 110 18.53 -18.12 -40.78
CA GLN C 110 19.12 -19.30 -41.39
C GLN C 110 20.47 -19.71 -40.78
N ARG C 111 21.22 -18.74 -40.27
CA ARG C 111 22.53 -19.01 -39.71
C ARG C 111 22.55 -19.50 -38.28
N THR C 112 21.38 -19.50 -37.64
CA THR C 112 21.29 -19.91 -36.25
C THR C 112 21.80 -21.32 -35.98
N LYS C 113 22.29 -21.54 -34.78
CA LYS C 113 22.77 -22.86 -34.41
C LYS C 113 21.50 -23.57 -33.95
N GLY C 114 21.59 -24.87 -33.76
CA GLY C 114 20.44 -25.61 -33.28
C GLY C 114 20.58 -25.64 -31.79
N TRP C 115 19.48 -25.46 -31.07
CA TRP C 115 19.54 -25.43 -29.62
C TRP C 115 18.27 -25.87 -28.90
N SER C 116 18.47 -26.39 -27.70
CA SER C 116 17.42 -26.86 -26.82
C SER C 116 18.06 -26.75 -25.44
N PHE C 117 17.28 -26.47 -24.40
CA PHE C 117 17.89 -26.35 -23.08
C PHE C 117 18.44 -27.70 -22.62
N PHE C 118 18.07 -28.76 -23.31
CA PHE C 118 18.56 -30.09 -22.96
C PHE C 118 20.06 -30.10 -23.08
N ASN C 119 20.56 -29.42 -24.11
CA ASN C 119 21.98 -29.31 -24.39
C ASN C 119 22.83 -28.72 -23.28
N GLU C 120 22.19 -28.14 -22.26
CA GLU C 120 22.92 -27.52 -21.16
C GLU C 120 22.97 -28.40 -19.92
N ILE C 121 22.16 -29.44 -19.89
CA ILE C 121 22.10 -30.36 -18.75
C ILE C 121 23.36 -31.22 -18.65
N ARG C 122 24.04 -31.21 -17.50
CA ARG C 122 25.24 -32.04 -17.33
C ARG C 122 25.22 -32.79 -16.00
N ASN C 123 24.47 -32.28 -15.03
CA ASN C 123 24.34 -32.91 -13.71
C ASN C 123 22.87 -32.83 -13.32
N ASP C 124 22.49 -33.48 -12.23
CA ASP C 124 21.10 -33.46 -11.82
C ASP C 124 20.61 -32.08 -11.38
N TYR C 125 21.45 -31.34 -10.65
CA TYR C 125 21.02 -30.03 -10.20
C TYR C 125 20.79 -29.05 -11.36
N ASP C 126 21.22 -29.44 -12.56
CA ASP C 126 21.06 -28.59 -13.73
C ASP C 126 19.62 -28.52 -14.25
N TRP C 127 18.78 -29.49 -13.93
CA TRP C 127 17.42 -29.44 -14.42
C TRP C 127 16.69 -28.22 -13.88
N GLN C 128 16.58 -28.12 -12.56
CA GLN C 128 15.91 -26.95 -12.00
C GLN C 128 16.65 -25.68 -12.41
N ARG C 129 17.97 -25.77 -12.39
CA ARG C 129 18.84 -24.65 -12.75
C ARG C 129 18.42 -24.01 -14.06
N TYR C 130 18.18 -24.83 -15.09
CA TYR C 130 17.78 -24.28 -16.37
C TYR C 130 16.27 -24.22 -16.58
N ALA C 131 15.52 -24.82 -15.67
CA ALA C 131 14.07 -24.73 -15.77
C ALA C 131 13.82 -23.30 -15.33
N LEU C 132 14.73 -22.79 -14.51
CA LEU C 132 14.66 -21.44 -13.98
C LEU C 132 14.92 -20.44 -15.09
N SER C 133 15.59 -20.89 -16.15
CA SER C 133 15.90 -20.04 -17.29
C SER C 133 14.79 -20.06 -18.31
N VAL C 134 14.20 -21.24 -18.51
CA VAL C 134 13.12 -21.43 -19.47
C VAL C 134 11.87 -20.72 -18.99
N VAL C 135 11.61 -20.84 -17.68
CA VAL C 135 10.47 -20.22 -17.02
C VAL C 135 10.99 -19.16 -16.07
N PRO C 136 11.13 -17.91 -16.55
CA PRO C 136 11.63 -16.84 -15.70
C PRO C 136 10.72 -16.57 -14.50
N ARG C 137 11.18 -15.72 -13.59
CA ARG C 137 10.42 -15.38 -12.39
C ARG C 137 9.10 -14.68 -12.70
N GLY C 138 8.09 -14.95 -11.90
CA GLY C 138 6.80 -14.32 -12.09
C GLY C 138 6.83 -12.86 -11.71
N LYS C 139 6.00 -12.04 -12.37
CA LYS C 139 5.94 -10.62 -12.07
C LYS C 139 5.41 -10.39 -10.65
N THR C 140 4.35 -11.11 -10.30
CA THR C 140 3.73 -11.00 -8.98
C THR C 140 3.94 -12.30 -8.22
N ASP C 141 3.75 -12.26 -6.91
CA ASP C 141 3.94 -13.44 -6.07
C ASP C 141 3.10 -14.60 -6.58
N GLU C 142 1.86 -14.32 -6.93
CA GLU C 142 0.97 -15.35 -7.41
C GLU C 142 1.42 -15.91 -8.75
N ALA C 143 1.92 -15.02 -9.62
CA ALA C 143 2.40 -15.42 -10.94
C ALA C 143 3.62 -16.34 -10.81
N GLU C 144 4.43 -16.08 -9.78
CA GLU C 144 5.63 -16.86 -9.53
C GLU C 144 5.27 -18.21 -8.96
N GLU C 145 4.16 -18.26 -8.24
CA GLU C 145 3.72 -19.52 -7.68
C GLU C 145 3.36 -20.44 -8.84
N TRP C 146 2.65 -19.90 -9.83
CA TRP C 146 2.29 -20.67 -11.00
C TRP C 146 3.57 -21.12 -11.68
N ALA C 147 4.47 -20.17 -11.89
CA ALA C 147 5.74 -20.43 -12.53
C ALA C 147 6.44 -21.62 -11.88
N SER C 148 6.48 -21.62 -10.55
CA SER C 148 7.13 -22.70 -9.82
C SER C 148 6.49 -24.05 -10.15
N TYR C 149 5.17 -24.07 -10.26
CA TYR C 149 4.47 -25.30 -10.61
C TYR C 149 4.90 -25.70 -12.01
N GLY C 150 5.01 -24.71 -12.87
CA GLY C 150 5.43 -24.95 -14.24
C GLY C 150 6.81 -25.55 -14.30
N ARG C 151 7.72 -25.06 -13.46
CA ARG C 151 9.07 -25.58 -13.46
C ARG C 151 9.10 -27.01 -12.93
N LEU C 152 8.23 -27.32 -11.96
CA LEU C 152 8.16 -28.67 -11.41
C LEU C 152 7.77 -29.58 -12.55
N LEU C 153 6.70 -29.21 -13.24
CA LEU C 153 6.19 -29.99 -14.35
C LEU C 153 7.24 -30.09 -15.45
N LEU C 154 7.90 -28.97 -15.74
CA LEU C 154 8.92 -28.95 -16.79
C LEU C 154 10.12 -29.83 -16.51
N ARG C 155 10.73 -29.66 -15.35
CA ARG C 155 11.92 -30.43 -15.01
C ARG C 155 11.69 -31.94 -14.86
N GLU C 156 10.56 -32.35 -14.30
CA GLU C 156 10.29 -33.78 -14.14
C GLU C 156 9.97 -34.46 -15.45
N THR C 157 9.18 -33.79 -16.29
CA THR C 157 8.80 -34.32 -17.59
C THR C 157 10.01 -34.42 -18.50
N ALA C 158 10.85 -33.39 -18.50
CA ALA C 158 12.04 -33.37 -19.33
C ALA C 158 13.05 -34.39 -18.86
N LYS C 159 13.14 -34.54 -17.54
CA LYS C 159 14.06 -35.49 -16.95
C LYS C 159 13.72 -36.90 -17.42
N LYS C 160 12.43 -37.23 -17.38
CA LYS C 160 11.99 -38.56 -17.82
C LYS C 160 12.22 -38.75 -19.32
N LEU C 161 11.84 -37.75 -20.11
CA LEU C 161 12.02 -37.84 -21.54
C LEU C 161 13.48 -38.13 -21.87
N ALA C 162 14.39 -37.42 -21.20
CA ALA C 162 15.81 -37.62 -21.43
C ALA C 162 16.19 -39.04 -21.00
N LEU C 163 15.63 -39.47 -19.89
CA LEU C 163 15.88 -40.80 -19.33
C LEU C 163 15.54 -41.91 -20.33
N ILE C 164 14.32 -41.90 -20.84
CA ILE C 164 13.88 -42.91 -21.79
C ILE C 164 14.48 -42.70 -23.18
N GLY C 165 15.48 -41.83 -23.27
CA GLY C 165 16.16 -41.59 -24.53
C GLY C 165 15.51 -40.73 -25.59
N THR C 166 14.51 -39.93 -25.22
CA THR C 166 13.86 -39.06 -26.19
C THR C 166 13.79 -37.61 -25.75
N PRO C 167 14.96 -36.96 -25.61
CA PRO C 167 15.07 -35.56 -25.20
C PRO C 167 14.58 -34.62 -26.29
N SER C 168 13.28 -34.68 -26.55
CA SER C 168 12.65 -33.87 -27.58
C SER C 168 11.79 -32.74 -27.04
N MET C 169 12.03 -31.53 -27.52
CA MET C 169 11.24 -30.39 -27.08
C MET C 169 9.82 -30.56 -27.55
N ARG C 170 9.65 -31.22 -28.70
CA ARG C 170 8.34 -31.46 -29.27
C ARG C 170 7.55 -32.38 -28.35
N GLU C 171 8.21 -33.44 -27.92
CA GLU C 171 7.61 -34.40 -27.01
C GLU C 171 7.30 -33.71 -25.69
N LEU C 172 8.25 -32.92 -25.20
CA LEU C 172 8.09 -32.19 -23.96
C LEU C 172 6.88 -31.29 -24.05
N PHE C 173 6.78 -30.55 -25.14
CA PHE C 173 5.66 -29.63 -25.34
C PHE C 173 4.34 -30.37 -25.46
N HIS C 174 4.37 -31.53 -26.11
CA HIS C 174 3.14 -32.31 -26.27
C HIS C 174 2.61 -32.78 -24.92
N TRP C 175 3.45 -33.45 -24.15
CA TRP C 175 3.06 -33.95 -22.84
C TRP C 175 2.60 -32.86 -21.87
N THR C 176 3.32 -31.75 -21.84
CA THR C 176 2.99 -30.66 -20.93
C THR C 176 1.86 -29.73 -21.32
N THR C 177 1.45 -29.72 -22.59
CA THR C 177 0.37 -28.82 -22.98
C THR C 177 -0.70 -29.38 -23.91
N ILE C 178 -0.47 -30.57 -24.48
CA ILE C 178 -1.47 -31.16 -25.38
C ILE C 178 -2.07 -32.43 -24.81
N ALA C 179 -1.22 -33.34 -24.35
CA ALA C 179 -1.70 -34.60 -23.76
C ALA C 179 -2.82 -34.32 -22.78
N THR C 180 -3.84 -35.17 -22.76
CA THR C 180 -4.95 -34.97 -21.85
C THR C 180 -4.43 -35.07 -20.41
N PHE C 181 -5.12 -34.37 -19.52
CA PHE C 181 -4.76 -34.36 -18.11
C PHE C 181 -4.37 -35.73 -17.56
N ASP C 182 -5.21 -36.72 -17.80
CA ASP C 182 -4.96 -38.07 -17.31
C ASP C 182 -3.69 -38.69 -17.91
N ASP C 183 -3.55 -38.57 -19.22
CA ASP C 183 -2.37 -39.12 -19.87
C ASP C 183 -1.10 -38.55 -19.25
N LEU C 184 -1.09 -37.23 -19.04
CA LEU C 184 0.07 -36.55 -18.46
C LEU C 184 0.37 -37.14 -17.10
N ARG C 185 -0.65 -37.18 -16.23
CA ARG C 185 -0.49 -37.74 -14.90
C ARG C 185 0.12 -39.13 -15.05
N GLY C 186 -0.35 -39.86 -16.06
CA GLY C 186 0.17 -41.18 -16.30
C GLY C 186 1.65 -41.12 -16.61
N PHE C 187 2.01 -40.28 -17.57
CA PHE C 187 3.41 -40.14 -17.94
C PHE C 187 4.27 -39.70 -16.77
N LEU C 188 3.66 -38.99 -15.82
CA LEU C 188 4.41 -38.52 -14.66
C LEU C 188 4.67 -39.62 -13.66
N GLU C 189 3.83 -40.65 -13.64
CA GLU C 189 4.01 -41.76 -12.71
C GLU C 189 5.47 -42.20 -12.75
N GLY C 190 6.13 -42.21 -11.58
CA GLY C 190 7.52 -42.62 -11.55
C GLY C 190 8.43 -41.45 -11.30
N THR C 191 7.93 -40.25 -11.54
CA THR C 191 8.71 -39.03 -11.32
C THR C 191 8.28 -38.40 -10.01
N LEU C 192 9.07 -37.44 -9.52
CA LEU C 192 8.77 -36.77 -8.27
C LEU C 192 7.42 -36.05 -8.35
N ALA C 193 6.99 -35.77 -9.57
CA ALA C 193 5.73 -35.08 -9.81
C ALA C 193 4.53 -36.04 -9.81
N GLU C 194 4.80 -37.33 -9.58
CA GLU C 194 3.75 -38.34 -9.59
C GLU C 194 2.56 -37.98 -8.71
N SER C 195 2.80 -37.88 -7.41
CA SER C 195 1.72 -37.58 -6.49
C SER C 195 1.49 -36.10 -6.27
N LEU C 196 2.52 -35.29 -6.42
CA LEU C 196 2.38 -33.85 -6.19
C LEU C 196 1.22 -33.21 -6.95
N PHE C 197 0.96 -33.67 -8.17
CA PHE C 197 -0.10 -33.10 -8.98
C PHE C 197 -1.38 -33.92 -8.96
N ALA C 198 -1.68 -34.55 -7.83
CA ALA C 198 -2.88 -35.37 -7.74
C ALA C 198 -3.30 -35.58 -6.30
N GLY C 199 -4.60 -35.88 -6.10
CA GLY C 199 -5.11 -36.12 -4.76
C GLY C 199 -6.02 -35.05 -4.17
N SER C 200 -6.23 -33.95 -4.88
CA SER C 200 -7.08 -32.89 -4.36
C SER C 200 -7.35 -31.89 -5.48
N ASN C 201 -8.31 -31.00 -5.28
CA ASN C 201 -8.61 -30.00 -6.29
C ASN C 201 -7.40 -29.10 -6.43
N GLU C 202 -6.82 -28.72 -5.29
CA GLU C 202 -5.65 -27.86 -5.25
C GLU C 202 -4.56 -28.46 -6.15
N ALA C 203 -4.27 -29.74 -5.96
CA ALA C 203 -3.26 -30.42 -6.78
C ALA C 203 -3.58 -30.24 -8.26
N SER C 204 -4.83 -30.50 -8.63
CA SER C 204 -5.24 -30.37 -10.02
C SER C 204 -5.14 -28.94 -10.51
N LYS C 205 -5.47 -28.00 -9.63
CA LYS C 205 -5.40 -26.60 -9.98
C LYS C 205 -3.94 -26.28 -10.28
N ALA C 206 -3.06 -26.74 -9.42
CA ALA C 206 -1.63 -26.52 -9.58
C ALA C 206 -1.18 -27.02 -10.93
N LEU C 207 -1.59 -28.24 -11.29
CA LEU C 207 -1.20 -28.81 -12.57
C LEU C 207 -1.69 -27.93 -13.71
N THR C 208 -2.93 -27.45 -13.61
CA THR C 208 -3.48 -26.59 -14.64
C THR C 208 -2.66 -25.33 -14.77
N SER C 209 -2.21 -24.79 -13.64
CA SER C 209 -1.38 -23.58 -13.66
C SER C 209 -0.11 -23.88 -14.44
N ALA C 210 0.57 -24.97 -14.08
CA ALA C 210 1.81 -25.35 -14.73
C ALA C 210 1.63 -25.42 -16.23
N ARG C 211 0.58 -26.09 -16.69
CA ARG C 211 0.30 -26.23 -18.12
C ARG C 211 0.26 -24.87 -18.79
N PHE C 212 -0.55 -23.98 -18.26
CA PHE C 212 -0.65 -22.65 -18.83
C PHE C 212 0.72 -22.00 -18.97
N VAL C 213 1.47 -21.96 -17.87
CA VAL C 213 2.80 -21.35 -17.89
C VAL C 213 3.68 -21.91 -19.01
N LEU C 214 3.86 -23.23 -19.02
CA LEU C 214 4.68 -23.84 -20.05
C LEU C 214 4.11 -23.60 -21.43
N SER C 215 2.79 -23.51 -21.55
CA SER C 215 2.17 -23.28 -22.85
C SER C 215 2.52 -21.88 -23.33
N ASP C 216 2.88 -21.00 -22.40
CA ASP C 216 3.26 -19.62 -22.73
C ASP C 216 4.74 -19.49 -23.04
N LYS C 217 5.57 -20.20 -22.30
CA LYS C 217 7.01 -20.12 -22.49
C LYS C 217 7.58 -21.02 -23.58
N LEU C 218 7.26 -22.30 -23.53
CA LEU C 218 7.78 -23.28 -24.47
C LEU C 218 7.70 -23.05 -26.00
N PRO C 219 6.55 -22.59 -26.51
CA PRO C 219 6.37 -22.35 -27.95
C PRO C 219 7.60 -22.05 -28.82
N GLU C 220 8.26 -20.92 -28.59
CA GLU C 220 9.44 -20.56 -29.38
C GLU C 220 10.60 -21.53 -29.20
N HIS C 221 10.61 -22.23 -28.07
CA HIS C 221 11.66 -23.22 -27.78
C HIS C 221 11.47 -24.42 -28.70
N VAL C 222 10.22 -24.78 -28.92
CA VAL C 222 9.88 -25.91 -29.78
C VAL C 222 10.22 -25.64 -31.23
N THR C 223 9.76 -24.50 -31.75
CA THR C 223 10.00 -24.11 -33.14
C THR C 223 11.46 -23.71 -33.42
N MET C 224 12.33 -23.92 -32.45
CA MET C 224 13.74 -23.57 -32.61
C MET C 224 14.44 -24.69 -33.37
N PRO C 225 15.22 -24.35 -34.41
CA PRO C 225 15.94 -25.32 -35.23
C PRO C 225 16.72 -26.20 -34.28
N ASP C 226 16.73 -27.50 -34.53
CA ASP C 226 17.52 -28.40 -33.75
C ASP C 226 19.04 -28.40 -33.88
N GLY C 227 19.70 -28.76 -32.82
CA GLY C 227 21.15 -28.78 -32.84
C GLY C 227 21.70 -29.23 -31.54
N ASP C 228 23.01 -29.36 -31.53
CA ASP C 228 23.67 -29.78 -30.35
C ASP C 228 24.48 -28.67 -29.77
N PHE C 229 24.22 -27.43 -30.20
CA PHE C 229 24.97 -26.29 -29.65
C PHE C 229 24.68 -26.11 -28.17
N SER C 230 25.73 -25.84 -27.40
CA SER C 230 25.60 -25.66 -25.96
C SER C 230 26.29 -24.38 -25.50
N ILE C 231 25.52 -23.45 -24.94
CA ILE C 231 26.08 -22.21 -24.46
C ILE C 231 27.15 -22.48 -23.41
N ARG C 232 26.97 -23.57 -22.67
CA ARG C 232 27.93 -23.93 -21.64
C ARG C 232 29.27 -24.26 -22.29
N SER C 233 29.24 -25.21 -23.22
CA SER C 233 30.44 -25.64 -23.93
C SER C 233 31.10 -24.45 -24.62
N TRP C 234 30.27 -23.64 -25.29
CA TRP C 234 30.72 -22.46 -26.00
C TRP C 234 31.54 -21.54 -25.09
N LEU C 235 31.09 -21.35 -23.85
CA LEU C 235 31.80 -20.50 -22.90
C LEU C 235 33.18 -21.08 -22.59
N GLU C 236 33.28 -22.40 -22.56
CA GLU C 236 34.52 -23.08 -22.25
C GLU C 236 35.53 -23.08 -23.41
N ASP C 237 35.03 -23.02 -24.63
CA ASP C 237 35.89 -23.02 -25.81
C ASP C 237 36.45 -21.62 -26.06
N PRO C 238 37.75 -21.41 -25.74
CA PRO C 238 38.37 -20.10 -25.95
C PRO C 238 38.29 -19.70 -27.42
N ASN C 239 38.53 -20.67 -28.30
CA ASN C 239 38.51 -20.45 -29.74
C ASN C 239 37.11 -20.17 -30.26
N GLY C 240 36.12 -20.36 -29.40
CA GLY C 240 34.75 -20.06 -29.79
C GLY C 240 34.72 -18.57 -30.10
N GLY C 241 33.75 -18.13 -30.89
CA GLY C 241 33.70 -16.73 -31.22
C GLY C 241 32.86 -15.94 -30.25
N ASN C 242 32.09 -14.99 -30.78
CA ASN C 242 31.21 -14.17 -29.98
C ASN C 242 29.79 -14.65 -30.25
N LEU C 243 28.89 -14.47 -29.30
CA LEU C 243 27.50 -14.91 -29.46
C LEU C 243 26.59 -13.73 -29.71
N PHE C 244 25.87 -13.77 -30.83
CA PHE C 244 24.93 -12.71 -31.18
C PHE C 244 23.51 -13.22 -31.06
N ILE C 245 22.75 -12.67 -30.11
CA ILE C 245 21.37 -13.09 -29.96
C ILE C 245 20.55 -12.03 -30.67
N THR C 246 20.06 -12.35 -31.86
CA THR C 246 19.29 -11.39 -32.64
C THR C 246 17.82 -11.76 -32.84
N TRP C 247 17.03 -10.78 -33.23
CA TRP C 247 15.61 -10.97 -33.49
C TRP C 247 15.06 -9.72 -34.16
N ARG C 248 13.99 -9.85 -34.92
CA ARG C 248 13.43 -8.68 -35.56
C ARG C 248 12.44 -8.04 -34.61
N GLU C 249 12.54 -6.72 -34.47
CA GLU C 249 11.68 -5.97 -33.56
C GLU C 249 10.19 -6.33 -33.53
N ASP C 250 9.59 -6.54 -34.69
CA ASP C 250 8.17 -6.85 -34.69
C ASP C 250 7.85 -8.19 -34.00
N MET C 251 8.88 -9.00 -33.76
CA MET C 251 8.68 -10.28 -33.09
C MET C 251 9.22 -10.25 -31.68
N GLY C 252 9.59 -9.05 -31.21
CA GLY C 252 10.12 -8.91 -29.87
C GLY C 252 9.27 -9.59 -28.82
N PRO C 253 7.99 -9.19 -28.69
CA PRO C 253 7.15 -9.83 -27.68
C PRO C 253 7.07 -11.35 -27.81
N ALA C 254 7.11 -11.87 -29.03
CA ALA C 254 7.03 -13.31 -29.23
C ALA C 254 8.28 -14.04 -28.76
N LEU C 255 9.43 -13.43 -28.97
CA LEU C 255 10.67 -14.06 -28.57
C LEU C 255 11.14 -13.65 -27.19
N ARG C 256 10.34 -12.85 -26.48
CA ARG C 256 10.72 -12.40 -25.15
C ARG C 256 11.14 -13.53 -24.22
N PRO C 257 10.29 -14.55 -24.05
CA PRO C 257 10.66 -15.66 -23.16
C PRO C 257 11.85 -16.53 -23.60
N LEU C 258 12.13 -16.57 -24.90
CA LEU C 258 13.23 -17.38 -25.38
C LEU C 258 14.54 -16.64 -25.16
N ILE C 259 14.57 -15.36 -25.53
CA ILE C 259 15.75 -14.52 -25.37
C ILE C 259 16.09 -14.41 -23.89
N SER C 260 15.05 -14.32 -23.07
CA SER C 260 15.22 -14.21 -21.63
C SER C 260 15.85 -15.48 -21.08
N ALA C 261 15.60 -16.59 -21.75
CA ALA C 261 16.15 -17.87 -21.32
C ALA C 261 17.62 -17.93 -21.69
N TRP C 262 17.96 -17.53 -22.92
CA TRP C 262 19.35 -17.57 -23.35
C TRP C 262 20.22 -16.68 -22.48
N VAL C 263 19.76 -15.46 -22.23
CA VAL C 263 20.52 -14.53 -21.40
C VAL C 263 20.71 -15.10 -20.01
N ASP C 264 19.68 -15.71 -19.46
CA ASP C 264 19.77 -16.30 -18.14
C ASP C 264 20.72 -17.50 -18.14
N VAL C 265 20.69 -18.30 -19.20
CA VAL C 265 21.57 -19.46 -19.30
C VAL C 265 23.01 -18.98 -19.19
N VAL C 266 23.34 -17.91 -19.90
CA VAL C 266 24.69 -17.35 -19.87
C VAL C 266 25.01 -16.96 -18.43
N CYS C 267 24.03 -16.40 -17.75
CA CYS C 267 24.21 -15.94 -16.37
C CYS C 267 24.55 -17.01 -15.34
N THR C 268 23.88 -18.15 -15.36
CA THR C 268 24.18 -19.20 -14.40
C THR C 268 25.41 -19.94 -14.82
N SER C 269 25.46 -20.23 -16.11
CA SER C 269 26.56 -20.99 -16.69
C SER C 269 27.96 -20.42 -16.41
N ILE C 270 28.13 -19.12 -16.47
CA ILE C 270 29.46 -18.58 -16.22
C ILE C 270 29.92 -18.93 -14.81
N LEU C 271 28.96 -19.20 -13.94
CA LEU C 271 29.27 -19.55 -12.56
C LEU C 271 29.89 -20.93 -12.41
N SER C 272 29.92 -21.69 -13.50
CA SER C 272 30.49 -23.03 -13.47
C SER C 272 31.81 -23.11 -14.22
N LEU C 273 32.11 -22.09 -15.01
CA LEU C 273 33.35 -22.07 -15.76
C LEU C 273 34.53 -22.26 -14.84
N PRO C 274 35.57 -22.96 -15.30
CA PRO C 274 36.77 -23.20 -14.51
C PRO C 274 37.60 -21.95 -14.19
N GLU C 275 38.42 -22.06 -13.16
CA GLU C 275 39.30 -21.00 -12.69
C GLU C 275 40.23 -20.43 -13.76
N GLU C 276 39.85 -19.29 -14.32
CA GLU C 276 40.64 -18.68 -15.37
C GLU C 276 40.65 -17.15 -15.28
N PRO C 277 41.70 -16.58 -14.68
CA PRO C 277 41.91 -15.14 -14.48
C PRO C 277 41.94 -14.33 -15.77
N LYS C 278 42.53 -14.90 -16.81
CA LYS C 278 42.64 -14.20 -18.09
C LYS C 278 41.33 -14.05 -18.87
N ARG C 279 40.27 -14.72 -18.43
CA ARG C 279 39.02 -14.62 -19.16
C ARG C 279 38.37 -13.24 -19.06
N ARG C 280 37.76 -12.82 -20.16
CA ARG C 280 37.07 -11.54 -20.23
C ARG C 280 35.84 -11.75 -21.10
N LEU C 281 34.68 -11.81 -20.47
CA LEU C 281 33.43 -12.04 -21.16
C LEU C 281 32.45 -10.90 -20.93
N TRP C 282 32.03 -10.23 -21.99
CA TRP C 282 31.08 -9.14 -21.87
C TRP C 282 29.67 -9.63 -22.14
N LEU C 283 28.70 -9.08 -21.42
CA LEU C 283 27.29 -9.43 -21.61
C LEU C 283 26.61 -8.11 -21.95
N PHE C 284 26.37 -7.88 -23.23
CA PHE C 284 25.71 -6.65 -23.65
C PHE C 284 24.21 -6.83 -23.74
N ILE C 285 23.47 -6.10 -22.90
CA ILE C 285 22.02 -6.16 -22.89
C ILE C 285 21.52 -4.76 -23.27
N ASP C 286 21.04 -4.60 -24.50
CA ASP C 286 20.57 -3.30 -24.97
C ASP C 286 19.51 -2.69 -24.08
N GLU C 287 18.52 -3.49 -23.66
CA GLU C 287 17.46 -2.98 -22.81
C GLU C 287 17.08 -3.98 -21.72
N LEU C 288 17.66 -3.80 -20.55
CA LEU C 288 17.42 -4.69 -19.42
C LEU C 288 15.95 -4.86 -19.06
N ALA C 289 15.15 -3.82 -19.20
CA ALA C 289 13.73 -3.91 -18.85
C ALA C 289 12.88 -4.66 -19.88
N SER C 290 13.42 -4.92 -21.06
CA SER C 290 12.66 -5.62 -22.09
C SER C 290 12.69 -7.14 -21.95
N LEU C 291 13.53 -7.64 -21.06
CA LEU C 291 13.61 -9.06 -20.82
C LEU C 291 12.68 -9.37 -19.66
N GLU C 292 12.57 -10.63 -19.29
CA GLU C 292 11.72 -10.99 -18.18
C GLU C 292 12.53 -10.89 -16.92
N LYS C 293 11.92 -11.23 -15.80
CA LYS C 293 12.58 -11.20 -14.49
C LYS C 293 13.56 -12.35 -14.49
N LEU C 294 14.83 -12.05 -14.78
CA LEU C 294 15.86 -13.09 -14.84
C LEU C 294 16.21 -13.67 -13.50
N ALA C 295 16.11 -14.98 -13.38
CA ALA C 295 16.41 -15.67 -12.14
C ALA C 295 17.89 -15.69 -11.76
N SER C 296 18.79 -15.50 -12.72
CA SER C 296 20.21 -15.55 -12.42
C SER C 296 21.01 -14.27 -12.59
N LEU C 297 20.41 -13.25 -13.19
CA LEU C 297 21.13 -11.99 -13.41
C LEU C 297 21.80 -11.49 -12.13
N ALA C 298 21.08 -11.52 -11.02
CA ALA C 298 21.61 -11.05 -9.74
C ALA C 298 22.91 -11.74 -9.36
N ASP C 299 22.91 -13.06 -9.26
CA ASP C 299 24.13 -13.78 -8.89
C ASP C 299 25.24 -13.53 -9.87
N ALA C 300 24.89 -13.45 -11.15
CA ALA C 300 25.88 -13.21 -12.17
C ALA C 300 26.56 -11.87 -11.92
N LEU C 301 25.77 -10.85 -11.61
CA LEU C 301 26.31 -9.52 -11.35
C LEU C 301 27.10 -9.44 -10.05
N THR C 302 27.00 -10.48 -9.24
CA THR C 302 27.69 -10.51 -7.96
C THR C 302 28.80 -11.53 -7.80
N LYS C 303 28.71 -12.64 -8.53
CA LYS C 303 29.72 -13.68 -8.42
C LYS C 303 30.39 -13.98 -9.74
N GLY C 304 30.26 -13.05 -10.69
CA GLY C 304 30.85 -13.26 -11.99
C GLY C 304 32.26 -12.73 -12.16
N ARG C 305 32.83 -12.17 -11.10
CA ARG C 305 34.17 -11.62 -11.21
C ARG C 305 35.22 -12.68 -11.53
N LYS C 306 35.16 -13.82 -10.86
CA LYS C 306 36.13 -14.89 -11.12
C LYS C 306 36.12 -15.30 -12.58
N ALA C 307 34.93 -15.35 -13.16
CA ALA C 307 34.77 -15.73 -14.55
C ALA C 307 35.15 -14.58 -15.47
N GLY C 308 35.28 -13.38 -14.90
CA GLY C 308 35.61 -12.22 -15.70
C GLY C 308 34.40 -11.69 -16.45
N LEU C 309 33.21 -11.87 -15.88
CA LEU C 309 31.98 -11.40 -16.48
C LEU C 309 31.87 -9.90 -16.38
N ARG C 310 31.54 -9.27 -17.50
CA ARG C 310 31.40 -7.82 -17.57
C ARG C 310 30.04 -7.54 -18.20
N VAL C 311 29.11 -7.02 -17.41
CA VAL C 311 27.78 -6.74 -17.91
C VAL C 311 27.57 -5.26 -18.16
N VAL C 312 26.99 -4.95 -19.32
CA VAL C 312 26.68 -3.58 -19.71
C VAL C 312 25.23 -3.62 -20.14
N ALA C 313 24.39 -2.85 -19.47
CA ALA C 313 22.98 -2.84 -19.80
C ALA C 313 22.39 -1.45 -20.02
N GLY C 314 21.47 -1.36 -20.97
CA GLY C 314 20.82 -0.10 -21.27
C GLY C 314 19.51 -0.05 -20.50
N LEU C 315 19.04 1.16 -20.21
CA LEU C 315 17.82 1.33 -19.42
C LEU C 315 17.21 2.68 -19.72
N GLN C 316 15.90 2.74 -19.89
CA GLN C 316 15.26 4.03 -20.17
C GLN C 316 14.66 4.66 -18.92
N SER C 317 13.65 3.99 -18.35
CA SER C 317 13.04 4.49 -17.13
C SER C 317 13.27 3.50 -16.00
N THR C 318 13.45 4.05 -14.81
CA THR C 318 13.67 3.22 -13.64
C THR C 318 12.35 2.56 -13.31
N SER C 319 11.26 3.17 -13.78
CA SER C 319 9.93 2.65 -13.55
C SER C 319 9.74 1.33 -14.28
N GLN C 320 10.47 1.13 -15.36
CA GLN C 320 10.37 -0.11 -16.11
C GLN C 320 10.89 -1.27 -15.27
N LEU C 321 12.18 -1.20 -14.97
CA LEU C 321 12.85 -2.22 -14.18
C LEU C 321 12.03 -2.54 -12.95
N ASP C 322 11.44 -1.51 -12.34
CA ASP C 322 10.62 -1.68 -11.15
C ASP C 322 9.41 -2.54 -11.44
N ASP C 323 8.74 -2.24 -12.54
CA ASP C 323 7.56 -2.98 -12.95
C ASP C 323 7.87 -4.43 -13.25
N VAL C 324 9.09 -4.71 -13.69
CA VAL C 324 9.49 -6.07 -14.02
C VAL C 324 9.99 -6.88 -12.83
N TYR C 325 10.94 -6.33 -12.08
CA TYR C 325 11.52 -7.03 -10.93
C TYR C 325 10.85 -6.67 -9.61
N GLY C 326 10.20 -5.51 -9.55
CA GLY C 326 9.58 -5.07 -8.32
C GLY C 326 10.55 -4.10 -7.71
N VAL C 327 10.06 -3.09 -7.00
CA VAL C 327 10.92 -2.08 -6.39
C VAL C 327 12.12 -2.60 -5.61
N LYS C 328 11.88 -3.35 -4.54
CA LYS C 328 12.97 -3.89 -3.74
C LYS C 328 14.01 -4.64 -4.57
N GLU C 329 13.54 -5.57 -5.38
CA GLU C 329 14.43 -6.38 -6.20
C GLU C 329 15.14 -5.56 -7.27
N ALA C 330 14.43 -4.61 -7.88
CA ALA C 330 15.02 -3.77 -8.90
C ALA C 330 16.10 -2.87 -8.31
N GLN C 331 15.91 -2.48 -7.06
CA GLN C 331 16.89 -1.62 -6.39
C GLN C 331 18.19 -2.41 -6.25
N THR C 332 18.06 -3.65 -5.81
CA THR C 332 19.22 -4.52 -5.63
C THR C 332 19.93 -4.73 -6.95
N LEU C 333 19.14 -4.92 -8.00
CA LEU C 333 19.68 -5.16 -9.32
C LEU C 333 20.51 -3.96 -9.74
N ARG C 334 19.91 -2.77 -9.73
CA ARG C 334 20.61 -1.56 -10.11
C ARG C 334 21.86 -1.38 -9.27
N ALA C 335 21.74 -1.59 -7.97
CA ALA C 335 22.89 -1.43 -7.07
C ALA C 335 24.08 -2.29 -7.44
N SER C 336 23.84 -3.35 -8.20
CA SER C 336 24.91 -4.26 -8.61
C SER C 336 25.78 -3.72 -9.74
N PHE C 337 25.32 -2.67 -10.40
CA PHE C 337 26.08 -2.03 -11.47
C PHE C 337 26.82 -0.86 -10.83
N ARG C 338 28.12 -1.03 -10.59
CA ARG C 338 28.93 0.00 -9.93
C ARG C 338 29.17 1.28 -10.72
N SER C 339 29.30 1.17 -12.04
CA SER C 339 29.54 2.34 -12.88
C SER C 339 28.25 2.79 -13.56
N LEU C 340 28.05 4.10 -13.63
CA LEU C 340 26.84 4.67 -14.20
C LEU C 340 27.09 5.69 -15.31
N VAL C 341 26.16 5.75 -16.26
CA VAL C 341 26.22 6.69 -17.37
C VAL C 341 24.82 7.27 -17.52
N VAL C 342 24.72 8.59 -17.46
CA VAL C 342 23.44 9.26 -17.57
C VAL C 342 23.36 10.09 -18.84
N LEU C 343 22.46 9.68 -19.74
CA LEU C 343 22.27 10.33 -21.01
C LEU C 343 21.15 11.37 -21.10
N GLY C 344 20.61 11.78 -19.96
CA GLY C 344 19.57 12.79 -20.03
C GLY C 344 18.25 12.25 -20.55
N GLY C 345 17.20 12.47 -19.78
CA GLY C 345 15.89 11.99 -20.13
C GLY C 345 14.90 13.08 -20.53
N SER C 346 13.63 12.68 -20.62
CA SER C 346 12.56 13.58 -21.01
C SER C 346 12.09 14.43 -19.85
N ARG C 347 11.59 15.63 -20.16
CA ARG C 347 11.12 16.53 -19.13
C ARG C 347 9.73 16.13 -18.65
N THR C 348 9.10 15.21 -19.34
CA THR C 348 7.77 14.76 -18.96
C THR C 348 7.88 13.74 -17.82
N ASP C 349 9.11 13.33 -17.52
CA ASP C 349 9.37 12.36 -16.46
C ASP C 349 10.34 12.90 -15.43
N PRO C 350 9.88 13.83 -14.60
CA PRO C 350 10.70 14.44 -13.56
C PRO C 350 11.22 13.47 -12.49
N LYS C 351 10.52 12.37 -12.28
CA LYS C 351 10.95 11.42 -11.27
C LYS C 351 12.29 10.82 -11.64
N THR C 352 12.40 10.28 -12.84
CA THR C 352 13.64 9.68 -13.25
C THR C 352 14.74 10.73 -13.23
N ASN C 353 14.44 11.95 -13.69
CA ASN C 353 15.45 13.01 -13.67
C ASN C 353 15.93 13.27 -12.26
N GLU C 354 15.03 13.11 -11.30
CA GLU C 354 15.36 13.30 -9.90
C GLU C 354 16.27 12.15 -9.44
N ASP C 355 15.89 10.93 -9.82
CA ASP C 355 16.68 9.77 -9.45
C ASP C 355 18.08 9.87 -10.00
N MET C 356 18.18 10.22 -11.28
CA MET C 356 19.47 10.35 -11.92
C MET C 356 20.28 11.46 -11.26
N SER C 357 19.62 12.56 -10.96
CA SER C 357 20.29 13.68 -10.30
C SER C 357 20.84 13.21 -8.96
N LEU C 358 19.97 12.59 -8.16
CA LEU C 358 20.35 12.10 -6.85
C LEU C 358 21.44 11.02 -6.97
N SER C 359 21.37 10.21 -8.02
CA SER C 359 22.37 9.17 -8.22
C SER C 359 23.73 9.81 -8.47
N LEU C 360 23.75 10.86 -9.28
CA LEU C 360 24.99 11.56 -9.58
C LEU C 360 25.56 12.17 -8.30
N GLY C 361 24.69 12.43 -7.33
CA GLY C 361 25.13 12.96 -6.04
C GLY C 361 25.27 14.45 -5.82
N GLU C 362 25.37 14.83 -4.55
CA GLU C 362 25.54 16.22 -4.16
C GLU C 362 26.99 16.43 -3.78
N HIS C 363 27.35 17.69 -3.53
CA HIS C 363 28.70 18.00 -3.09
C HIS C 363 28.58 19.14 -2.08
N GLU C 364 29.53 19.22 -1.15
CA GLU C 364 29.49 20.30 -0.18
C GLU C 364 30.61 21.21 -0.62
N VAL C 365 30.28 22.49 -0.77
CA VAL C 365 31.24 23.44 -1.29
C VAL C 365 31.33 24.73 -0.49
N GLU C 366 32.45 25.45 -0.67
CA GLU C 366 32.69 26.70 0.03
C GLU C 366 32.77 27.85 -0.99
N ARG C 367 31.83 28.81 -0.91
CA ARG C 367 31.75 29.96 -1.84
C ARG C 367 31.81 31.36 -1.19
N ASP C 368 32.21 32.36 -1.98
CA ASP C 368 32.31 33.74 -1.54
C ASP C 368 30.99 34.50 -1.71
N ARG C 369 30.42 34.99 -0.61
CA ARG C 369 29.15 35.73 -0.64
C ARG C 369 28.87 36.76 -1.75
N LEU C 384 32.53 33.91 3.80
CA LEU C 384 32.34 32.65 3.02
C LEU C 384 31.09 31.87 3.45
N GLU C 385 30.56 31.08 2.53
CA GLU C 385 29.36 30.28 2.81
C GLU C 385 29.51 28.83 2.35
N ARG C 386 28.94 27.94 3.13
CA ARG C 386 28.97 26.50 2.90
C ARG C 386 27.68 26.13 2.24
N VAL C 387 27.75 25.35 1.17
CA VAL C 387 26.54 24.96 0.47
C VAL C 387 26.58 23.50 0.03
N ARG C 388 25.43 22.84 0.15
CA ARG C 388 25.27 21.46 -0.28
C ARG C 388 24.38 21.61 -1.49
N GLU C 389 24.73 20.96 -2.59
CA GLU C 389 23.93 21.07 -3.80
C GLU C 389 24.18 19.92 -4.73
N ARG C 390 23.22 19.67 -5.62
CA ARG C 390 23.36 18.58 -6.58
C ARG C 390 24.39 19.04 -7.60
N VAL C 391 25.31 18.15 -7.95
CA VAL C 391 26.33 18.48 -8.93
C VAL C 391 25.62 18.64 -10.27
N VAL C 392 24.59 17.83 -10.47
CA VAL C 392 23.80 17.90 -11.70
C VAL C 392 22.33 17.99 -11.30
N MET C 393 21.68 19.09 -11.65
CA MET C 393 20.28 19.29 -11.34
C MET C 393 19.35 18.44 -12.17
N PRO C 394 18.18 18.09 -11.63
CA PRO C 394 17.27 17.27 -12.43
C PRO C 394 17.02 17.98 -13.77
N ALA C 395 16.88 19.30 -13.71
CA ALA C 395 16.63 20.09 -14.89
C ALA C 395 17.79 20.00 -15.87
N GLU C 396 19.02 19.92 -15.36
CA GLU C 396 20.18 19.83 -16.24
C GLU C 396 20.11 18.54 -17.04
N ILE C 397 19.69 17.46 -16.39
CA ILE C 397 19.59 16.17 -17.06
C ILE C 397 18.45 16.19 -18.09
N ALA C 398 17.40 16.94 -17.80
CA ALA C 398 16.26 17.04 -18.71
C ALA C 398 16.55 17.92 -19.90
N ASN C 399 17.62 18.71 -19.83
CA ASN C 399 17.96 19.59 -20.93
C ASN C 399 19.15 19.11 -21.76
N LEU C 400 19.70 17.96 -21.41
CA LEU C 400 20.82 17.43 -22.16
C LEU C 400 20.44 17.18 -23.61
N PRO C 401 21.29 17.59 -24.56
CA PRO C 401 20.98 17.35 -25.96
C PRO C 401 21.39 15.91 -26.22
N ASP C 402 20.84 15.27 -27.24
CA ASP C 402 21.21 13.87 -27.48
C ASP C 402 22.71 13.73 -27.66
N LEU C 403 23.20 12.50 -27.54
CA LEU C 403 24.62 12.23 -27.69
C LEU C 403 25.52 12.99 -26.73
N THR C 404 25.00 13.24 -25.53
CA THR C 404 25.75 13.94 -24.48
C THR C 404 25.50 13.13 -23.22
N ALA C 405 26.57 12.76 -22.51
CA ALA C 405 26.40 11.94 -21.33
C ALA C 405 27.29 12.25 -20.12
N TYR C 406 26.77 11.98 -18.93
CA TYR C 406 27.52 12.15 -17.72
C TYR C 406 28.10 10.77 -17.46
N VAL C 407 29.41 10.70 -17.29
CA VAL C 407 30.08 9.44 -17.03
C VAL C 407 30.59 9.38 -15.60
N GLY C 408 30.08 8.41 -14.85
CA GLY C 408 30.50 8.26 -13.48
C GLY C 408 30.96 6.85 -13.18
N PHE C 409 32.25 6.62 -13.37
CA PHE C 409 32.82 5.30 -13.13
C PHE C 409 32.77 4.93 -11.64
N ALA C 410 32.76 3.62 -11.39
CA ALA C 410 32.72 3.10 -10.04
C ALA C 410 33.89 3.55 -9.20
N GLY C 411 33.68 3.64 -7.89
CA GLY C 411 34.75 4.02 -6.99
C GLY C 411 34.95 5.51 -6.76
N ASN C 412 36.16 5.87 -6.36
CA ASN C 412 36.48 7.26 -6.09
C ASN C 412 37.01 8.04 -7.28
N ARG C 413 36.11 8.32 -8.24
CA ARG C 413 36.48 9.07 -9.44
C ARG C 413 35.45 10.15 -9.71
N PRO C 414 35.88 11.30 -10.24
CA PRO C 414 34.92 12.37 -10.52
C PRO C 414 34.06 12.03 -11.74
N ILE C 415 32.91 12.67 -11.86
CA ILE C 415 32.06 12.43 -13.02
C ILE C 415 32.39 13.51 -14.05
N ALA C 416 32.02 13.29 -15.31
CA ALA C 416 32.29 14.26 -16.34
C ALA C 416 31.22 14.25 -17.41
N LYS C 417 30.94 15.42 -18.00
CA LYS C 417 29.96 15.53 -19.05
C LYS C 417 30.73 15.45 -20.35
N VAL C 418 30.57 14.34 -21.05
CA VAL C 418 31.29 14.08 -22.30
C VAL C 418 30.39 13.96 -23.52
N PRO C 419 30.91 14.36 -24.70
CA PRO C 419 30.13 14.28 -25.94
C PRO C 419 30.29 12.88 -26.52
N LEU C 420 29.18 12.28 -26.96
CA LEU C 420 29.22 10.95 -27.54
C LEU C 420 29.30 11.09 -29.06
N GLU C 421 30.36 10.56 -29.66
CA GLU C 421 30.51 10.66 -31.10
C GLU C 421 29.92 9.46 -31.85
N ILE C 422 29.21 9.75 -32.94
CA ILE C 422 28.59 8.71 -33.75
C ILE C 422 29.59 8.11 -34.72
N LYS C 423 30.28 7.04 -34.33
CA LYS C 423 31.24 6.43 -35.22
C LYS C 423 30.50 5.58 -36.26
N GLN C 424 31.03 5.54 -37.48
CA GLN C 424 30.45 4.77 -38.58
C GLN C 424 31.12 3.40 -38.76
N PHE C 425 30.31 2.35 -38.82
CA PHE C 425 30.84 1.01 -38.99
C PHE C 425 30.32 0.35 -40.28
N ALA C 426 31.25 -0.16 -41.09
CA ALA C 426 30.91 -0.81 -42.35
C ALA C 426 30.10 -2.09 -42.11
N ASN C 427 29.07 -2.32 -42.93
CA ASN C 427 28.25 -3.53 -42.76
C ASN C 427 28.88 -4.77 -43.37
N ARG C 428 29.78 -5.39 -42.60
CA ARG C 428 30.50 -6.58 -43.03
C ARG C 428 29.73 -7.89 -42.90
N GLN C 429 28.40 -7.87 -43.08
CA GLN C 429 27.57 -9.07 -42.98
C GLN C 429 26.10 -8.68 -42.87
N PRO C 430 25.20 -9.47 -43.46
CA PRO C 430 23.77 -9.13 -43.38
C PRO C 430 23.22 -9.34 -41.97
N ALA C 431 22.33 -8.45 -41.56
CA ALA C 431 21.74 -8.49 -40.23
C ALA C 431 20.81 -9.69 -40.03
N PHE C 432 20.04 -10.00 -41.06
CA PHE C 432 19.08 -11.09 -41.01
C PHE C 432 19.12 -11.88 -42.31
N VAL C 433 18.92 -13.18 -42.22
CA VAL C 433 18.91 -14.05 -43.40
C VAL C 433 17.77 -15.02 -43.15
N GLU C 434 16.59 -14.67 -43.68
CA GLU C 434 15.39 -15.48 -43.48
C GLU C 434 15.57 -16.96 -43.77
N GLY C 435 14.84 -17.78 -43.01
CA GLY C 435 14.90 -19.21 -43.18
C GLY C 435 13.53 -19.81 -43.45
N GLN D 6 10.88 40.45 -16.15
CA GLN D 6 11.79 40.07 -17.23
C GLN D 6 10.97 40.21 -18.49
N GLY D 7 9.77 39.60 -18.46
CA GLY D 7 8.87 39.59 -19.65
C GLY D 7 8.55 38.15 -19.93
N GLU D 8 9.61 37.36 -20.06
CA GLU D 8 9.66 35.94 -20.29
C GLU D 8 9.51 35.26 -18.86
N PHE D 9 10.47 35.48 -17.95
CA PHE D 9 10.41 34.87 -16.61
C PHE D 9 9.45 35.58 -15.70
N GLY D 10 8.47 34.82 -15.19
CA GLY D 10 7.46 35.40 -14.32
C GLY D 10 7.95 35.88 -12.97
N GLY D 11 9.04 35.31 -12.48
CA GLY D 11 9.56 35.72 -11.19
C GLY D 11 10.36 37.00 -11.23
N ALA D 12 11.07 37.27 -10.13
CA ALA D 12 11.87 38.48 -10.01
C ALA D 12 13.00 38.40 -11.01
N PRO D 13 13.29 39.52 -11.69
CA PRO D 13 14.37 39.56 -12.69
C PRO D 13 15.68 39.19 -12.01
N PHE D 14 16.62 38.66 -12.79
CA PHE D 14 17.90 38.27 -12.22
C PHE D 14 19.09 38.81 -12.99
N LYS D 15 20.24 38.81 -12.31
CA LYS D 15 21.47 39.30 -12.89
C LYS D 15 22.11 38.30 -13.85
N ARG D 16 22.26 37.06 -13.39
CA ARG D 16 22.89 36.04 -14.19
C ARG D 16 22.26 34.65 -14.09
N PHE D 17 22.21 33.94 -15.23
CA PHE D 17 21.64 32.60 -15.29
C PHE D 17 22.75 31.56 -15.08
N LEU D 18 22.52 30.60 -14.20
CA LEU D 18 23.53 29.59 -13.93
C LEU D 18 23.29 28.24 -14.62
N ARG D 19 22.18 27.60 -14.31
CA ARG D 19 21.85 26.30 -14.90
C ARG D 19 20.37 26.01 -14.76
N GLY D 20 19.94 24.92 -15.39
CA GLY D 20 18.55 24.51 -15.31
C GLY D 20 17.71 24.89 -16.50
N THR D 21 16.40 24.89 -16.30
CA THR D 21 15.49 25.24 -17.37
C THR D 21 15.56 26.73 -17.66
N ARG D 22 15.64 27.05 -18.93
CA ARG D 22 15.69 28.46 -19.31
C ARG D 22 14.44 28.85 -20.06
N ILE D 23 13.92 30.02 -19.73
CA ILE D 23 12.71 30.50 -20.38
C ILE D 23 13.06 31.67 -21.28
N VAL D 24 12.40 31.70 -22.42
CA VAL D 24 12.64 32.72 -23.43
C VAL D 24 11.31 33.24 -23.96
N SER D 25 11.33 34.38 -24.64
CA SER D 25 10.11 34.97 -25.18
C SER D 25 9.58 34.18 -26.36
N GLY D 26 8.27 34.22 -26.57
CA GLY D 26 7.66 33.50 -27.67
C GLY D 26 8.41 33.73 -28.97
N GLY D 27 8.55 34.99 -29.36
CA GLY D 27 9.25 35.30 -30.60
C GLY D 27 10.68 34.80 -30.65
N LYS D 28 11.38 34.87 -29.52
CA LYS D 28 12.77 34.41 -29.49
C LYS D 28 12.90 32.92 -29.74
N LEU D 29 11.96 32.14 -29.19
CA LEU D 29 11.99 30.70 -29.39
C LEU D 29 11.69 30.43 -30.87
N LYS D 30 10.71 31.16 -31.40
CA LYS D 30 10.38 31.02 -32.81
C LYS D 30 11.61 31.17 -33.71
N ARG D 31 12.49 32.10 -33.33
CA ARG D 31 13.74 32.36 -34.10
C ARG D 31 14.58 31.11 -33.94
N MET D 32 14.82 30.82 -32.67
CA MET D 32 15.70 29.72 -32.28
C MET D 32 15.35 28.39 -32.92
N THR D 33 14.07 27.98 -32.90
CA THR D 33 13.67 26.68 -33.44
C THR D 33 13.45 26.72 -34.94
N ARG D 34 13.37 27.92 -35.50
CA ARG D 34 13.19 28.04 -36.92
C ARG D 34 14.25 27.26 -37.64
N GLU D 35 13.85 26.59 -38.69
CA GLU D 35 14.80 25.73 -39.36
C GLU D 35 14.66 25.85 -40.81
N LYS D 36 15.66 25.40 -41.47
CA LYS D 36 15.94 25.48 -42.85
C LYS D 36 14.92 24.80 -43.73
N ALA D 37 14.53 23.49 -43.25
CA ALA D 37 13.52 22.75 -44.05
C ALA D 37 12.10 23.08 -43.66
N LYS D 38 11.13 22.46 -44.33
CA LYS D 38 9.71 22.77 -44.01
C LYS D 38 9.41 22.18 -42.65
N GLN D 39 8.71 22.93 -41.80
CA GLN D 39 8.41 22.44 -40.46
C GLN D 39 6.94 22.55 -40.15
N VAL D 40 6.55 21.93 -39.04
CA VAL D 40 5.17 21.98 -38.57
C VAL D 40 5.22 22.90 -37.37
N THR D 41 4.07 23.42 -36.93
CA THR D 41 4.11 24.32 -35.79
C THR D 41 3.31 23.88 -34.58
N VAL D 42 3.84 24.24 -33.42
CA VAL D 42 3.22 23.94 -32.15
C VAL D 42 2.90 25.30 -31.55
N ALA D 43 1.63 25.67 -31.55
CA ALA D 43 1.22 26.97 -31.02
C ALA D 43 1.98 28.09 -31.71
N GLY D 44 2.12 27.98 -33.02
CA GLY D 44 2.82 29.00 -33.78
C GLY D 44 4.32 28.94 -33.72
N VAL D 45 4.88 27.97 -33.01
CA VAL D 45 6.33 27.84 -32.91
C VAL D 45 6.81 26.72 -33.80
N PRO D 46 7.70 27.03 -34.76
CA PRO D 46 8.21 25.98 -35.64
C PRO D 46 8.88 24.87 -34.84
N MET D 47 8.44 23.64 -35.04
CA MET D 47 8.98 22.51 -34.31
C MET D 47 10.24 21.93 -34.93
N PRO D 48 11.30 21.78 -34.12
CA PRO D 48 12.58 21.24 -34.58
C PRO D 48 12.33 19.91 -35.28
N ARG D 49 12.90 19.74 -36.45
CA ARG D 49 12.74 18.51 -37.21
C ARG D 49 13.06 17.24 -36.42
N ASP D 50 14.20 17.25 -35.75
CA ASP D 50 14.64 16.10 -34.98
C ASP D 50 13.74 15.76 -33.80
N ALA D 51 12.93 16.72 -33.38
CA ALA D 51 12.04 16.53 -32.26
C ALA D 51 10.74 15.85 -32.63
N GLU D 52 10.42 15.85 -33.92
CA GLU D 52 9.18 15.25 -34.40
C GLU D 52 9.00 13.77 -34.05
N PRO D 53 9.99 12.92 -34.37
CA PRO D 53 9.83 11.50 -34.03
C PRO D 53 10.11 11.18 -32.56
N ARG D 54 10.30 12.21 -31.73
CA ARG D 54 10.56 12.04 -30.30
C ARG D 54 9.23 12.21 -29.58
N HIS D 55 8.20 12.53 -30.36
CA HIS D 55 6.83 12.69 -29.88
C HIS D 55 6.56 13.92 -29.02
N LEU D 56 5.29 14.30 -28.97
CA LEU D 56 4.82 15.47 -28.25
C LEU D 56 3.61 15.15 -27.36
N LEU D 57 3.69 15.56 -26.10
CA LEU D 57 2.60 15.34 -25.16
C LEU D 57 2.00 16.70 -24.83
N VAL D 58 0.72 16.87 -25.13
CA VAL D 58 0.04 18.13 -24.87
C VAL D 58 -0.90 18.00 -23.68
N ASN D 59 -0.43 18.46 -22.51
CA ASN D 59 -1.22 18.37 -21.29
C ASN D 59 -1.95 19.68 -21.04
N GLY D 60 -3.24 19.60 -20.70
CA GLY D 60 -4.01 20.79 -20.45
C GLY D 60 -5.44 20.55 -19.97
N ALA D 61 -5.92 21.42 -19.08
CA ALA D 61 -7.26 21.30 -18.54
C ALA D 61 -8.28 21.32 -19.65
N THR D 62 -9.48 20.85 -19.34
CA THR D 62 -10.54 20.83 -20.32
C THR D 62 -10.92 22.24 -20.76
N GLY D 63 -10.92 22.47 -22.07
CA GLY D 63 -11.27 23.77 -22.62
C GLY D 63 -10.15 24.78 -22.73
N THR D 64 -8.90 24.33 -22.69
CA THR D 64 -7.75 25.22 -22.77
C THR D 64 -7.12 25.33 -24.16
N GLY D 65 -7.43 24.39 -25.04
CA GLY D 65 -6.87 24.47 -26.39
C GLY D 65 -6.11 23.27 -26.94
N LYS D 66 -6.15 22.12 -26.26
CA LYS D 66 -5.45 20.94 -26.76
C LYS D 66 -5.90 20.66 -28.19
N SER D 67 -7.20 20.71 -28.42
CA SER D 67 -7.76 20.44 -29.74
C SER D 67 -7.33 21.48 -30.79
N VAL D 68 -7.29 22.74 -30.40
CA VAL D 68 -6.86 23.78 -31.33
C VAL D 68 -5.42 23.51 -31.71
N LEU D 69 -4.58 23.25 -30.71
CA LEU D 69 -3.17 22.98 -30.93
C LEU D 69 -2.94 21.76 -31.84
N LEU D 70 -3.61 20.65 -31.56
CA LEU D 70 -3.46 19.44 -32.38
C LEU D 70 -3.97 19.67 -33.80
N ARG D 71 -5.04 20.45 -33.96
CA ARG D 71 -5.61 20.72 -35.28
C ARG D 71 -4.59 21.49 -36.11
N GLU D 72 -3.94 22.47 -35.49
CA GLU D 72 -2.94 23.28 -36.18
C GLU D 72 -1.75 22.41 -36.57
N LEU D 73 -1.32 21.55 -35.66
CA LEU D 73 -0.19 20.69 -35.92
C LEU D 73 -0.52 19.81 -37.12
N ALA D 74 -1.68 19.17 -37.07
CA ALA D 74 -2.14 18.29 -38.13
C ALA D 74 -2.14 19.03 -39.46
N TYR D 75 -2.73 20.22 -39.45
CA TYR D 75 -2.83 21.07 -40.63
C TYR D 75 -1.50 21.36 -41.29
N THR D 76 -0.58 21.95 -40.55
CA THR D 76 0.73 22.27 -41.11
C THR D 76 1.45 20.99 -41.54
N GLY D 77 1.10 19.88 -40.91
CA GLY D 77 1.71 18.63 -41.29
C GLY D 77 1.21 18.21 -42.66
N LEU D 78 -0.08 18.44 -42.90
CA LEU D 78 -0.69 18.10 -44.18
C LEU D 78 -0.13 18.98 -45.28
N LEU D 79 0.12 20.25 -44.96
CA LEU D 79 0.67 21.17 -45.93
C LEU D 79 2.04 20.67 -46.38
N ARG D 80 2.74 20.00 -45.48
CA ARG D 80 4.06 19.48 -45.82
C ARG D 80 3.90 18.17 -46.57
N GLY D 81 2.66 17.67 -46.61
CA GLY D 81 2.37 16.43 -47.31
C GLY D 81 2.61 15.15 -46.54
N ASP D 82 2.66 15.22 -45.22
CA ASP D 82 2.88 14.02 -44.41
C ASP D 82 1.58 13.23 -44.26
N ARG D 83 1.71 11.92 -44.05
CA ARG D 83 0.53 11.09 -43.86
C ARG D 83 0.25 11.04 -42.37
N MET D 84 -0.98 10.71 -42.02
CA MET D 84 -1.32 10.63 -40.61
C MET D 84 -2.55 9.81 -40.29
N VAL D 85 -2.59 9.32 -39.08
CA VAL D 85 -3.71 8.55 -38.58
C VAL D 85 -4.25 9.46 -37.50
N ILE D 86 -5.53 9.82 -37.58
CA ILE D 86 -6.08 10.71 -36.58
C ILE D 86 -7.22 10.12 -35.78
N VAL D 87 -7.01 9.94 -34.47
CA VAL D 87 -8.09 9.45 -33.62
C VAL D 87 -8.94 10.71 -33.51
N ASP D 88 -9.95 10.79 -34.38
CA ASP D 88 -10.79 11.96 -34.50
C ASP D 88 -12.23 11.90 -33.98
N PRO D 89 -12.47 12.52 -32.82
CA PRO D 89 -13.79 12.54 -32.18
C PRO D 89 -14.78 13.37 -33.00
N ASN D 90 -16.00 12.87 -33.15
CA ASN D 90 -17.04 13.55 -33.90
C ASN D 90 -16.63 13.90 -35.32
N GLY D 91 -15.58 13.23 -35.81
CA GLY D 91 -15.12 13.49 -37.16
C GLY D 91 -14.82 14.95 -37.43
N ASP D 92 -14.33 15.66 -36.41
CA ASP D 92 -14.00 17.07 -36.59
C ASP D 92 -12.86 17.26 -37.60
N MET D 93 -11.74 16.59 -37.37
CA MET D 93 -10.59 16.70 -38.27
C MET D 93 -10.97 16.22 -39.66
N LEU D 94 -11.81 15.20 -39.72
CA LEU D 94 -12.26 14.64 -40.99
C LEU D 94 -12.98 15.69 -41.81
N SER D 95 -13.94 16.37 -41.17
CA SER D 95 -14.72 17.40 -41.87
C SER D 95 -13.89 18.59 -42.32
N LYS D 96 -12.69 18.73 -41.77
CA LYS D 96 -11.84 19.87 -42.14
C LYS D 96 -10.74 19.53 -43.12
N PHE D 97 -10.04 18.43 -42.89
CA PHE D 97 -8.92 18.06 -43.75
C PHE D 97 -9.11 16.78 -44.56
N GLY D 98 -10.27 16.15 -44.42
CA GLY D 98 -10.53 14.92 -45.15
C GLY D 98 -10.69 15.09 -46.64
N ARG D 99 -9.94 14.28 -47.40
CA ARG D 99 -10.01 14.33 -48.86
C ARG D 99 -10.71 13.07 -49.31
N ASP D 100 -10.77 12.89 -50.63
CA ASP D 100 -11.44 11.73 -51.21
C ASP D 100 -10.58 10.49 -51.19
N LYS D 101 -9.26 10.68 -51.28
CA LYS D 101 -8.37 9.53 -51.26
C LYS D 101 -8.16 9.06 -49.83
N ASP D 102 -8.69 9.82 -48.86
CA ASP D 102 -8.53 9.47 -47.45
C ASP D 102 -9.47 8.37 -46.96
N ILE D 103 -9.03 7.66 -45.93
CA ILE D 103 -9.75 6.55 -45.34
C ILE D 103 -10.53 6.90 -44.07
N ILE D 104 -11.64 6.22 -43.86
CA ILE D 104 -12.45 6.44 -42.65
C ILE D 104 -12.79 5.11 -41.98
N LEU D 105 -12.51 5.01 -40.68
CA LEU D 105 -12.82 3.79 -39.94
C LEU D 105 -13.84 4.16 -38.83
N ASN D 106 -15.08 3.73 -39.03
CA ASN D 106 -16.17 4.00 -38.10
C ASN D 106 -17.27 3.03 -38.47
N PRO D 107 -17.56 2.06 -37.59
CA PRO D 107 -18.61 1.08 -37.90
C PRO D 107 -19.96 1.67 -38.25
N TYR D 108 -20.22 2.90 -37.83
CA TYR D 108 -21.50 3.52 -38.11
C TYR D 108 -21.53 4.57 -39.19
N ASP D 109 -20.39 4.80 -39.83
CA ASP D 109 -20.39 5.78 -40.90
C ASP D 109 -20.40 5.07 -42.24
N GLN D 110 -21.27 5.50 -43.12
CA GLN D 110 -21.34 5.04 -44.48
C GLN D 110 -20.09 4.77 -45.21
N ARG D 111 -19.24 5.76 -45.06
CA ARG D 111 -18.01 5.79 -45.76
C ARG D 111 -16.92 4.90 -45.24
N THR D 112 -17.17 4.25 -44.12
CA THR D 112 -16.15 3.39 -43.54
C THR D 112 -15.72 2.26 -44.46
N LYS D 113 -14.49 1.80 -44.29
CA LYS D 113 -14.01 0.69 -45.09
C LYS D 113 -14.49 -0.53 -44.33
N GLY D 114 -14.40 -1.70 -44.94
CA GLY D 114 -14.79 -2.92 -44.26
C GLY D 114 -13.53 -3.46 -43.60
N TRP D 115 -13.63 -3.91 -42.36
CA TRP D 115 -12.45 -4.40 -41.66
C TRP D 115 -12.70 -5.47 -40.61
N SER D 116 -11.68 -6.28 -40.39
CA SER D 116 -11.70 -7.37 -39.42
C SER D 116 -10.23 -7.54 -39.09
N PHE D 117 -9.90 -7.97 -37.87
CA PHE D 117 -8.49 -8.11 -37.54
C PHE D 117 -7.87 -9.23 -38.36
N PHE D 118 -8.70 -10.06 -38.98
CA PHE D 118 -8.19 -11.14 -39.80
C PHE D 118 -7.34 -10.54 -40.91
N ASN D 119 -7.80 -9.42 -41.44
CA ASN D 119 -7.12 -8.71 -42.54
C ASN D 119 -5.68 -8.30 -42.24
N GLU D 120 -5.25 -8.40 -40.99
CA GLU D 120 -3.90 -8.00 -40.66
C GLU D 120 -2.95 -9.18 -40.49
N ILE D 121 -3.51 -10.38 -40.41
CA ILE D 121 -2.71 -11.60 -40.23
C ILE D 121 -1.91 -11.96 -41.49
N ARG D 122 -0.59 -12.10 -41.35
CA ARG D 122 0.24 -12.46 -42.51
C ARG D 122 1.23 -13.59 -42.19
N ASN D 123 1.54 -13.75 -40.90
CA ASN D 123 2.45 -14.79 -40.42
C ASN D 123 1.83 -15.39 -39.17
N ASP D 124 2.41 -16.48 -38.65
CA ASP D 124 1.83 -17.09 -37.46
C ASP D 124 1.95 -16.23 -36.21
N TYR D 125 3.08 -15.56 -36.03
CA TYR D 125 3.25 -14.73 -34.84
C TYR D 125 2.28 -13.55 -34.82
N ASP D 126 1.59 -13.33 -35.94
CA ASP D 126 0.63 -12.23 -36.02
C ASP D 126 -0.67 -12.46 -35.27
N TRP D 127 -1.01 -13.72 -34.99
CA TRP D 127 -2.26 -13.99 -34.28
C TRP D 127 -2.22 -13.40 -32.88
N GLN D 128 -1.24 -13.80 -32.07
CA GLN D 128 -1.14 -13.25 -30.73
C GLN D 128 -0.91 -11.75 -30.83
N ARG D 129 -0.08 -11.35 -31.79
CA ARG D 129 0.25 -9.95 -32.02
C ARG D 129 -0.97 -9.06 -32.08
N TYR D 130 -1.98 -9.48 -32.84
CA TYR D 130 -3.20 -8.68 -32.96
C TYR D 130 -4.29 -9.09 -31.98
N ALA D 131 -4.09 -10.20 -31.28
CA ALA D 131 -5.05 -10.62 -30.27
C ALA D 131 -4.78 -9.63 -29.14
N LEU D 132 -3.54 -9.14 -29.12
CA LEU D 132 -3.09 -8.18 -28.13
C LEU D 132 -3.73 -6.83 -28.42
N SER D 133 -4.18 -6.65 -29.65
CA SER D 133 -4.82 -5.39 -30.04
C SER D 133 -6.31 -5.46 -29.79
N VAL D 134 -6.90 -6.60 -30.10
CA VAL D 134 -8.32 -6.80 -29.93
C VAL D 134 -8.68 -6.79 -28.45
N VAL D 135 -7.84 -7.45 -27.66
CA VAL D 135 -8.02 -7.54 -26.21
C VAL D 135 -6.87 -6.78 -25.56
N PRO D 136 -7.07 -5.49 -25.30
CA PRO D 136 -6.02 -4.69 -24.67
C PRO D 136 -5.64 -5.21 -23.27
N ARG D 137 -4.60 -4.62 -22.68
CA ARG D 137 -4.14 -5.02 -21.36
C ARG D 137 -5.15 -4.75 -20.26
N GLY D 138 -5.18 -5.64 -19.27
CA GLY D 138 -6.10 -5.49 -18.17
C GLY D 138 -5.68 -4.36 -17.25
N LYS D 139 -6.67 -3.74 -16.60
CA LYS D 139 -6.40 -2.63 -15.70
C LYS D 139 -5.61 -3.09 -14.49
N THR D 140 -6.02 -4.23 -13.95
CA THR D 140 -5.38 -4.81 -12.79
C THR D 140 -4.73 -6.12 -13.18
N ASP D 141 -3.83 -6.62 -12.35
CA ASP D 141 -3.15 -7.88 -12.63
C ASP D 141 -4.14 -9.00 -12.89
N GLU D 142 -5.18 -9.07 -12.07
CA GLU D 142 -6.20 -10.11 -12.22
C GLU D 142 -6.99 -9.93 -13.49
N ALA D 143 -7.27 -8.68 -13.85
CA ALA D 143 -8.02 -8.40 -15.06
C ALA D 143 -7.21 -8.81 -16.28
N GLU D 144 -5.89 -8.66 -16.18
CA GLU D 144 -5.00 -9.00 -17.27
C GLU D 144 -4.89 -10.51 -17.42
N GLU D 145 -4.98 -11.21 -16.30
CA GLU D 145 -4.91 -12.66 -16.35
C GLU D 145 -6.10 -13.16 -17.15
N TRP D 146 -7.27 -12.56 -16.90
CA TRP D 146 -8.46 -12.96 -17.63
C TRP D 146 -8.22 -12.65 -19.09
N ALA D 147 -7.75 -11.44 -19.35
CA ALA D 147 -7.47 -11.00 -20.71
C ALA D 147 -6.59 -12.01 -21.43
N SER D 148 -5.55 -12.48 -20.76
CA SER D 148 -4.65 -13.46 -21.37
C SER D 148 -5.41 -14.74 -21.77
N TYR D 149 -6.31 -15.19 -20.92
CA TYR D 149 -7.11 -16.38 -21.23
C TYR D 149 -7.96 -16.06 -22.45
N GLY D 150 -8.49 -14.85 -22.48
CA GLY D 150 -9.31 -14.41 -23.59
C GLY D 150 -8.52 -14.42 -24.89
N ARG D 151 -7.27 -13.96 -24.85
CA ARG D 151 -6.47 -13.94 -26.07
C ARG D 151 -6.16 -15.36 -26.52
N LEU D 152 -5.91 -16.26 -25.57
CA LEU D 152 -5.62 -17.65 -25.90
C LEU D 152 -6.82 -18.20 -26.66
N LEU D 153 -8.01 -18.02 -26.09
CA LEU D 153 -9.23 -18.48 -26.71
C LEU D 153 -9.43 -17.79 -28.05
N LEU D 154 -9.18 -16.48 -28.10
CA LEU D 154 -9.36 -15.74 -29.34
C LEU D 154 -8.43 -16.18 -30.47
N ARG D 155 -7.13 -16.23 -30.20
CA ARG D 155 -6.19 -16.59 -31.23
C ARG D 155 -6.32 -18.02 -31.75
N GLU D 156 -6.60 -18.97 -30.87
CA GLU D 156 -6.74 -20.37 -31.32
C GLU D 156 -8.02 -20.62 -32.11
N THR D 157 -9.11 -19.99 -31.68
CA THR D 157 -10.40 -20.14 -32.35
C THR D 157 -10.37 -19.47 -33.73
N ALA D 158 -9.77 -18.29 -33.81
CA ALA D 158 -9.67 -17.55 -35.07
C ALA D 158 -8.73 -18.25 -36.02
N LYS D 159 -7.65 -18.80 -35.47
CA LYS D 159 -6.67 -19.51 -36.26
C LYS D 159 -7.36 -20.69 -36.95
N LYS D 160 -8.15 -21.45 -36.21
CA LYS D 160 -8.84 -22.59 -36.79
C LYS D 160 -9.89 -22.15 -37.82
N LEU D 161 -10.68 -21.13 -37.48
CA LEU D 161 -11.70 -20.65 -38.41
C LEU D 161 -11.05 -20.29 -39.72
N ALA D 162 -9.93 -19.58 -39.64
CA ALA D 162 -9.20 -19.18 -40.84
C ALA D 162 -8.73 -20.41 -41.59
N LEU D 163 -8.24 -21.39 -40.84
CA LEU D 163 -7.73 -22.63 -41.41
C LEU D 163 -8.79 -23.35 -42.24
N ILE D 164 -9.94 -23.60 -41.64
CA ILE D 164 -11.02 -24.28 -42.33
C ILE D 164 -11.70 -23.39 -43.36
N GLY D 165 -11.08 -22.26 -43.66
CA GLY D 165 -11.62 -21.34 -44.65
C GLY D 165 -12.80 -20.44 -44.32
N THR D 166 -13.13 -20.28 -43.04
CA THR D 166 -14.26 -19.43 -42.67
C THR D 166 -13.86 -18.33 -41.68
N PRO D 167 -12.97 -17.41 -42.11
CA PRO D 167 -12.48 -16.30 -41.29
C PRO D 167 -13.58 -15.28 -41.05
N SER D 168 -14.60 -15.68 -40.29
CA SER D 168 -15.73 -14.84 -39.98
C SER D 168 -15.78 -14.35 -38.54
N MET D 169 -15.94 -13.05 -38.36
CA MET D 169 -16.01 -12.49 -37.02
C MET D 169 -17.30 -12.98 -36.36
N ARG D 170 -18.33 -13.16 -37.18
CA ARG D 170 -19.62 -13.64 -36.72
C ARG D 170 -19.44 -15.03 -36.14
N GLU D 171 -18.75 -15.90 -36.88
CA GLU D 171 -18.48 -17.26 -36.43
C GLU D 171 -17.59 -17.26 -35.19
N LEU D 172 -16.57 -16.41 -35.20
CA LEU D 172 -15.64 -16.28 -34.08
C LEU D 172 -16.42 -15.89 -32.83
N PHE D 173 -17.28 -14.89 -32.98
CA PHE D 173 -18.08 -14.42 -31.86
C PHE D 173 -19.05 -15.48 -31.35
N HIS D 174 -19.61 -16.26 -32.27
CA HIS D 174 -20.55 -17.31 -31.90
C HIS D 174 -19.86 -18.40 -31.07
N TRP D 175 -18.75 -18.90 -31.57
CA TRP D 175 -18.01 -19.95 -30.89
C TRP D 175 -17.50 -19.52 -29.53
N THR D 176 -16.93 -18.32 -29.47
CA THR D 176 -16.37 -17.83 -28.22
C THR D 176 -17.34 -17.28 -27.17
N THR D 177 -18.59 -16.98 -27.54
CA THR D 177 -19.51 -16.44 -26.54
C THR D 177 -20.94 -17.00 -26.56
N ILE D 178 -21.31 -17.71 -27.61
CA ILE D 178 -22.66 -18.26 -27.70
C ILE D 178 -22.67 -19.78 -27.60
N ALA D 179 -21.84 -20.43 -28.39
CA ALA D 179 -21.77 -21.89 -28.38
C ALA D 179 -21.67 -22.39 -26.95
N THR D 180 -22.37 -23.48 -26.64
CA THR D 180 -22.33 -24.03 -25.29
C THR D 180 -20.92 -24.46 -24.96
N PHE D 181 -20.61 -24.46 -23.67
CA PHE D 181 -19.29 -24.82 -23.19
C PHE D 181 -18.71 -26.05 -23.86
N ASP D 182 -19.50 -27.11 -23.89
CA ASP D 182 -19.03 -28.35 -24.50
C ASP D 182 -18.72 -28.19 -25.99
N ASP D 183 -19.67 -27.64 -26.73
CA ASP D 183 -19.46 -27.45 -28.17
C ASP D 183 -18.16 -26.71 -28.43
N LEU D 184 -17.91 -25.65 -27.67
CA LEU D 184 -16.70 -24.86 -27.84
C LEU D 184 -15.48 -25.75 -27.62
N ARG D 185 -15.45 -26.44 -26.47
CA ARG D 185 -14.35 -27.34 -26.18
C ARG D 185 -14.14 -28.23 -27.38
N GLY D 186 -15.25 -28.71 -27.92
CA GLY D 186 -15.18 -29.58 -29.07
C GLY D 186 -14.50 -28.89 -30.23
N PHE D 187 -15.00 -27.70 -30.57
CA PHE D 187 -14.42 -26.95 -31.67
C PHE D 187 -12.94 -26.69 -31.44
N LEU D 188 -12.53 -26.62 -30.17
CA LEU D 188 -11.14 -26.38 -29.85
C LEU D 188 -10.25 -27.58 -30.06
N GLU D 189 -10.83 -28.77 -29.99
CA GLU D 189 -10.06 -30.00 -30.18
C GLU D 189 -9.21 -29.87 -31.44
N GLY D 190 -7.91 -30.06 -31.30
CA GLY D 190 -7.01 -29.95 -32.43
C GLY D 190 -6.17 -28.69 -32.38
N THR D 191 -6.58 -27.73 -31.55
CA THR D 191 -5.86 -26.48 -31.39
C THR D 191 -5.07 -26.57 -30.08
N LEU D 192 -4.14 -25.63 -29.89
CA LEU D 192 -3.33 -25.61 -28.69
C LEU D 192 -4.21 -25.45 -27.45
N ALA D 193 -5.39 -24.90 -27.66
CA ALA D 193 -6.34 -24.65 -26.59
C ALA D 193 -7.15 -25.88 -26.22
N GLU D 194 -6.87 -26.99 -26.92
CA GLU D 194 -7.60 -28.24 -26.67
C GLU D 194 -7.61 -28.67 -25.21
N SER D 195 -6.44 -28.96 -24.66
CA SER D 195 -6.33 -29.39 -23.28
C SER D 195 -6.24 -28.28 -22.24
N LEU D 196 -5.66 -27.14 -22.64
CA LEU D 196 -5.50 -26.03 -21.72
C LEU D 196 -6.77 -25.62 -20.99
N PHE D 197 -7.91 -25.67 -21.68
CA PHE D 197 -9.18 -25.27 -21.07
C PHE D 197 -10.02 -26.43 -20.56
N ALA D 198 -9.37 -27.49 -20.10
CA ALA D 198 -10.10 -28.65 -19.59
C ALA D 198 -9.25 -29.50 -18.66
N GLY D 199 -9.90 -30.30 -17.82
CA GLY D 199 -9.18 -31.15 -16.90
C GLY D 199 -9.23 -30.76 -15.43
N SER D 200 -9.82 -29.62 -15.12
CA SER D 200 -9.92 -29.18 -13.73
C SER D 200 -10.89 -28.02 -13.63
N ASN D 201 -11.26 -27.65 -12.41
CA ASN D 201 -12.19 -26.55 -12.24
C ASN D 201 -11.48 -25.31 -12.69
N GLU D 202 -10.21 -25.20 -12.32
CA GLU D 202 -9.40 -24.05 -12.69
C GLU D 202 -9.47 -23.86 -14.20
N ALA D 203 -9.23 -24.94 -14.94
CA ALA D 203 -9.28 -24.87 -16.38
C ALA D 203 -10.61 -24.30 -16.85
N SER D 204 -11.70 -24.84 -16.31
CA SER D 204 -13.04 -24.38 -16.66
C SER D 204 -13.25 -22.92 -16.30
N LYS D 205 -12.74 -22.53 -15.14
CA LYS D 205 -12.86 -21.17 -14.69
C LYS D 205 -12.16 -20.27 -15.69
N ALA D 206 -10.97 -20.69 -16.10
CA ALA D 206 -10.18 -19.93 -17.05
C ALA D 206 -10.98 -19.70 -18.32
N LEU D 207 -11.60 -20.77 -18.83
CA LEU D 207 -12.38 -20.68 -20.06
C LEU D 207 -13.52 -19.69 -19.86
N THR D 208 -14.19 -19.76 -18.72
CA THR D 208 -15.28 -18.84 -18.43
C THR D 208 -14.77 -17.40 -18.44
N SER D 209 -13.57 -17.20 -17.91
CA SER D 209 -13.00 -15.86 -17.89
C SER D 209 -12.79 -15.38 -19.32
N ALA D 210 -12.22 -16.24 -20.14
CA ALA D 210 -11.97 -15.90 -21.54
C ALA D 210 -13.26 -15.47 -22.24
N ARG D 211 -14.32 -16.26 -22.07
CA ARG D 211 -15.61 -15.96 -22.68
C ARG D 211 -16.06 -14.57 -22.35
N PHE D 212 -16.10 -14.26 -21.06
CA PHE D 212 -16.53 -12.94 -20.64
C PHE D 212 -15.73 -11.83 -21.32
N VAL D 213 -14.41 -11.92 -21.27
CA VAL D 213 -13.55 -10.92 -21.89
C VAL D 213 -13.92 -10.70 -23.35
N LEU D 214 -13.89 -11.77 -24.14
CA LEU D 214 -14.23 -11.66 -25.55
C LEU D 214 -15.65 -11.16 -25.75
N SER D 215 -16.55 -11.50 -24.85
CA SER D 215 -17.93 -11.05 -24.97
C SER D 215 -17.98 -9.54 -24.76
N ASP D 216 -16.95 -9.00 -24.11
CA ASP D 216 -16.88 -7.56 -23.85
C ASP D 216 -16.20 -6.81 -24.98
N LYS D 217 -15.15 -7.40 -25.53
CA LYS D 217 -14.39 -6.76 -26.59
C LYS D 217 -14.96 -6.93 -27.99
N LEU D 218 -15.20 -8.17 -28.38
CA LEU D 218 -15.69 -8.51 -29.72
C LEU D 218 -16.90 -7.82 -30.32
N PRO D 219 -17.98 -7.61 -29.56
CA PRO D 219 -19.19 -6.96 -30.08
C PRO D 219 -19.06 -5.95 -31.24
N GLU D 220 -18.40 -4.82 -31.01
CA GLU D 220 -18.25 -3.83 -32.06
C GLU D 220 -17.46 -4.31 -33.25
N HIS D 221 -16.61 -5.31 -33.03
CA HIS D 221 -15.81 -5.89 -34.10
C HIS D 221 -16.72 -6.66 -35.05
N VAL D 222 -17.70 -7.36 -34.47
CA VAL D 222 -18.64 -8.15 -35.25
C VAL D 222 -19.55 -7.26 -36.10
N THR D 223 -20.15 -6.25 -35.47
CA THR D 223 -21.06 -5.34 -36.17
C THR D 223 -20.34 -4.39 -37.13
N MET D 224 -19.05 -4.61 -37.32
CA MET D 224 -18.26 -3.77 -38.23
C MET D 224 -18.51 -4.22 -39.66
N PRO D 225 -18.80 -3.27 -40.58
CA PRO D 225 -19.05 -3.62 -41.98
C PRO D 225 -17.86 -4.41 -42.46
N ASP D 226 -18.16 -5.49 -43.16
CA ASP D 226 -17.00 -6.24 -43.67
C ASP D 226 -16.32 -5.84 -44.95
N GLY D 227 -14.99 -5.87 -45.01
CA GLY D 227 -14.29 -5.58 -46.23
C GLY D 227 -12.92 -6.21 -46.09
N ASP D 228 -12.06 -5.89 -47.05
CA ASP D 228 -10.73 -6.43 -47.05
C ASP D 228 -9.67 -5.37 -46.76
N PHE D 229 -10.09 -4.24 -46.19
CA PHE D 229 -9.14 -3.18 -45.85
C PHE D 229 -8.17 -3.68 -44.80
N SER D 230 -6.89 -3.34 -44.98
CA SER D 230 -5.84 -3.74 -44.05
C SER D 230 -4.96 -2.56 -43.68
N ILE D 231 -4.94 -2.21 -42.39
CA ILE D 231 -4.14 -1.10 -41.93
C ILE D 231 -2.68 -1.34 -42.26
N ARG D 232 -2.28 -2.60 -42.29
CA ARG D 232 -0.89 -2.92 -42.60
C ARG D 232 -0.59 -2.54 -44.04
N SER D 233 -1.42 -3.03 -44.95
CA SER D 233 -1.27 -2.73 -46.38
C SER D 233 -1.30 -1.23 -46.59
N TRP D 234 -2.27 -0.58 -45.97
CA TRP D 234 -2.45 0.86 -46.07
C TRP D 234 -1.18 1.63 -45.72
N LEU D 235 -0.49 1.20 -44.66
CA LEU D 235 0.75 1.85 -44.24
C LEU D 235 1.84 1.72 -45.31
N GLU D 236 1.82 0.61 -46.04
CA GLU D 236 2.81 0.36 -47.08
C GLU D 236 2.53 1.11 -48.37
N ASP D 237 1.26 1.42 -48.63
CA ASP D 237 0.89 2.14 -49.84
C ASP D 237 1.15 3.63 -49.68
N PRO D 238 2.20 4.14 -50.32
CA PRO D 238 2.52 5.58 -50.22
C PRO D 238 1.35 6.42 -50.71
N ASN D 239 0.77 5.99 -51.83
CA ASN D 239 -0.36 6.69 -52.43
C ASN D 239 -1.62 6.63 -51.57
N GLY D 240 -1.59 5.79 -50.54
CA GLY D 240 -2.74 5.70 -49.65
C GLY D 240 -2.89 7.08 -49.05
N GLY D 241 -4.08 7.42 -48.58
CA GLY D 241 -4.24 8.75 -48.00
C GLY D 241 -3.95 8.80 -46.51
N ASN D 242 -4.82 9.50 -45.79
CA ASN D 242 -4.72 9.63 -44.35
C ASN D 242 -5.85 8.81 -43.73
N LEU D 243 -5.64 8.31 -42.52
CA LEU D 243 -6.67 7.51 -41.87
C LEU D 243 -7.37 8.29 -40.76
N PHE D 244 -8.69 8.40 -40.88
CA PHE D 244 -9.48 9.11 -39.88
C PHE D 244 -10.31 8.12 -39.07
N ILE D 245 -10.00 7.96 -37.80
CA ILE D 245 -10.79 7.05 -36.95
C ILE D 245 -11.80 7.95 -36.25
N THR D 246 -13.05 7.89 -36.66
CA THR D 246 -14.07 8.75 -36.06
C THR D 246 -15.16 7.99 -35.33
N TRP D 247 -15.92 8.71 -34.53
CA TRP D 247 -17.03 8.14 -33.77
C TRP D 247 -17.79 9.29 -33.12
N ARG D 248 -19.07 9.07 -32.81
CA ARG D 248 -19.86 10.11 -32.17
C ARG D 248 -19.72 9.96 -30.66
N GLU D 249 -19.44 11.07 -30.00
CA GLU D 249 -19.23 11.10 -28.57
C GLU D 249 -20.15 10.25 -27.69
N ASP D 250 -21.44 10.24 -27.98
CA ASP D 250 -22.36 9.46 -27.14
C ASP D 250 -22.09 7.96 -27.20
N MET D 251 -21.32 7.53 -28.21
CA MET D 251 -20.98 6.12 -28.36
C MET D 251 -19.52 5.83 -27.98
N GLY D 252 -18.85 6.83 -27.43
CA GLY D 252 -17.47 6.67 -27.03
C GLY D 252 -17.24 5.40 -26.22
N PRO D 253 -17.90 5.27 -25.07
CA PRO D 253 -17.70 4.06 -24.27
C PRO D 253 -17.97 2.75 -25.01
N ALA D 254 -18.90 2.76 -25.95
CA ALA D 254 -19.23 1.55 -26.70
C ALA D 254 -18.12 1.17 -27.68
N LEU D 255 -17.53 2.18 -28.31
CA LEU D 255 -16.47 1.94 -29.29
C LEU D 255 -15.08 2.00 -28.70
N ARG D 256 -14.99 2.14 -27.39
CA ARG D 256 -13.71 2.21 -26.74
C ARG D 256 -12.79 1.03 -27.12
N PRO D 257 -13.23 -0.21 -26.92
CA PRO D 257 -12.37 -1.34 -27.27
C PRO D 257 -12.05 -1.53 -28.76
N LEU D 258 -12.87 -0.98 -29.64
CA LEU D 258 -12.61 -1.13 -31.06
C LEU D 258 -11.56 -0.11 -31.47
N ILE D 259 -11.76 1.14 -31.06
CA ILE D 259 -10.82 2.21 -31.38
C ILE D 259 -9.45 1.90 -30.78
N SER D 260 -9.46 1.32 -29.59
CA SER D 260 -8.22 0.97 -28.92
C SER D 260 -7.50 -0.10 -29.70
N ALA D 261 -8.26 -0.88 -30.46
CA ALA D 261 -7.68 -1.94 -31.25
C ALA D 261 -7.04 -1.35 -32.50
N TRP D 262 -7.75 -0.46 -33.17
CA TRP D 262 -7.20 0.15 -34.37
C TRP D 262 -5.94 0.93 -34.07
N VAL D 263 -5.95 1.71 -32.99
CA VAL D 263 -4.79 2.49 -32.62
C VAL D 263 -3.61 1.57 -32.34
N ASP D 264 -3.86 0.48 -31.63
CA ASP D 264 -2.79 -0.45 -31.31
C ASP D 264 -2.27 -1.14 -32.56
N VAL D 265 -3.17 -1.48 -33.49
CA VAL D 265 -2.77 -2.14 -34.73
C VAL D 265 -1.76 -1.26 -35.45
N VAL D 266 -2.04 0.03 -35.52
CA VAL D 266 -1.14 0.98 -36.15
C VAL D 266 0.20 0.94 -35.44
N CYS D 267 0.16 0.82 -34.12
CA CYS D 267 1.37 0.80 -33.30
C CYS D 267 2.32 -0.38 -33.51
N THR D 268 1.80 -1.60 -33.65
CA THR D 268 2.67 -2.75 -33.87
C THR D 268 3.06 -2.81 -35.33
N SER D 269 2.07 -2.57 -36.18
CA SER D 269 2.26 -2.62 -37.61
C SER D 269 3.38 -1.75 -38.16
N ILE D 270 3.53 -0.53 -37.66
CA ILE D 270 4.59 0.32 -38.18
C ILE D 270 5.97 -0.32 -37.93
N LEU D 271 6.05 -1.21 -36.95
CA LEU D 271 7.30 -1.89 -36.62
C LEU D 271 7.69 -2.93 -37.66
N SER D 272 6.81 -3.16 -38.63
CA SER D 272 7.07 -4.14 -39.67
C SER D 272 7.31 -3.49 -41.03
N LEU D 273 6.96 -2.22 -41.16
CA LEU D 273 7.14 -1.52 -42.42
C LEU D 273 8.61 -1.58 -42.83
N PRO D 274 8.86 -1.67 -44.15
CA PRO D 274 10.21 -1.73 -44.70
C PRO D 274 11.05 -0.47 -44.48
N GLU D 275 12.36 -0.64 -44.57
CA GLU D 275 13.34 0.42 -44.40
C GLU D 275 13.11 1.60 -45.32
N GLU D 276 12.53 2.66 -44.77
CA GLU D 276 12.24 3.85 -45.55
C GLU D 276 12.42 5.15 -44.75
N PRO D 277 13.59 5.79 -44.91
CA PRO D 277 13.96 7.03 -44.23
C PRO D 277 13.03 8.20 -44.53
N LYS D 278 12.56 8.29 -45.76
CA LYS D 278 11.69 9.39 -46.15
C LYS D 278 10.26 9.34 -45.59
N ARG D 279 9.89 8.25 -44.93
CA ARG D 279 8.53 8.17 -44.40
C ARG D 279 8.31 9.07 -43.19
N ARG D 280 7.11 9.65 -43.13
CA ARG D 280 6.71 10.52 -42.03
C ARG D 280 5.24 10.21 -41.79
N LEU D 281 4.98 9.52 -40.68
CA LEU D 281 3.63 9.14 -40.29
C LEU D 281 3.28 9.67 -38.91
N TRP D 282 2.26 10.53 -38.83
CA TRP D 282 1.83 11.08 -37.55
C TRP D 282 0.70 10.23 -36.97
N LEU D 283 0.69 10.13 -35.64
CA LEU D 283 -0.36 9.40 -34.95
C LEU D 283 -0.94 10.40 -33.98
N PHE D 284 -2.09 10.97 -34.33
CA PHE D 284 -2.76 11.95 -33.49
C PHE D 284 -3.80 11.28 -32.58
N ILE D 285 -3.57 11.36 -31.28
CA ILE D 285 -4.47 10.78 -30.29
C ILE D 285 -4.97 11.95 -29.46
N ASP D 286 -6.21 12.37 -29.68
CA ASP D 286 -6.79 13.50 -28.96
C ASP D 286 -6.72 13.32 -27.44
N GLU D 287 -7.10 12.15 -26.96
CA GLU D 287 -7.01 11.88 -25.54
C GLU D 287 -6.49 10.50 -25.23
N LEU D 288 -5.20 10.44 -24.91
CA LEU D 288 -4.54 9.19 -24.59
C LEU D 288 -5.21 8.41 -23.46
N ALA D 289 -5.75 9.10 -22.46
CA ALA D 289 -6.36 8.41 -21.33
C ALA D 289 -7.72 7.80 -21.64
N SER D 290 -8.33 8.20 -22.75
CA SER D 290 -9.64 7.68 -23.11
C SER D 290 -9.60 6.33 -23.80
N LEU D 291 -8.42 5.88 -24.17
CA LEU D 291 -8.29 4.58 -24.82
C LEU D 291 -8.00 3.57 -23.73
N GLU D 292 -7.85 2.30 -24.09
CA GLU D 292 -7.55 1.30 -23.10
C GLU D 292 -6.03 1.22 -22.94
N LYS D 293 -5.58 0.31 -22.09
CA LYS D 293 -4.17 0.14 -21.87
C LYS D 293 -3.62 -0.53 -23.13
N LEU D 294 -3.04 0.27 -24.02
CA LEU D 294 -2.51 -0.24 -25.28
C LEU D 294 -1.27 -1.10 -25.12
N ALA D 295 -1.32 -2.32 -25.64
CA ALA D 295 -0.21 -3.26 -25.56
C ALA D 295 1.02 -2.89 -26.38
N SER D 296 0.85 -2.07 -27.40
CA SER D 296 1.98 -1.72 -28.27
C SER D 296 2.43 -0.25 -28.27
N LEU D 297 1.66 0.63 -27.66
CA LEU D 297 2.00 2.05 -27.65
C LEU D 297 3.44 2.26 -27.22
N ALA D 298 3.85 1.62 -26.13
CA ALA D 298 5.20 1.76 -25.61
C ALA D 298 6.27 1.50 -26.66
N ASP D 299 6.28 0.30 -27.25
CA ASP D 299 7.28 -0.02 -28.25
C ASP D 299 7.23 0.93 -29.44
N ALA D 300 6.03 1.34 -29.82
CA ALA D 300 5.85 2.26 -30.93
C ALA D 300 6.54 3.58 -30.63
N LEU D 301 6.39 4.07 -29.41
CA LEU D 301 7.00 5.32 -29.01
C LEU D 301 8.50 5.20 -28.85
N THR D 302 9.00 3.97 -28.83
CA THR D 302 10.43 3.74 -28.65
C THR D 302 11.20 3.20 -29.86
N LYS D 303 10.52 2.46 -30.72
CA LYS D 303 11.16 1.89 -31.88
C LYS D 303 10.54 2.34 -33.19
N GLY D 304 9.75 3.42 -33.13
CA GLY D 304 9.10 3.89 -34.33
C GLY D 304 9.88 4.91 -35.14
N ARG D 305 11.09 5.25 -34.69
CA ARG D 305 11.89 6.22 -35.42
C ARG D 305 12.23 5.79 -36.84
N LYS D 306 12.63 4.53 -37.01
CA LYS D 306 12.96 4.03 -38.34
C LYS D 306 11.80 4.21 -39.29
N ALA D 307 10.60 3.91 -38.80
CA ALA D 307 9.39 4.03 -39.61
C ALA D 307 8.98 5.48 -39.76
N GLY D 308 9.56 6.35 -38.95
CA GLY D 308 9.23 7.76 -39.03
C GLY D 308 7.93 8.09 -38.32
N LEU D 309 7.63 7.31 -37.29
CA LEU D 309 6.41 7.49 -36.51
C LEU D 309 6.53 8.72 -35.64
N ARG D 310 5.50 9.56 -35.70
CA ARG D 310 5.44 10.79 -34.91
C ARG D 310 4.13 10.77 -34.14
N VAL D 311 4.19 10.59 -32.83
CA VAL D 311 2.98 10.55 -32.02
C VAL D 311 2.74 11.85 -31.25
N VAL D 312 1.50 12.33 -31.31
CA VAL D 312 1.09 13.54 -30.61
C VAL D 312 -0.16 13.13 -29.84
N ALA D 313 -0.11 13.26 -28.52
CA ALA D 313 -1.24 12.87 -27.69
C ALA D 313 -1.68 13.96 -26.72
N GLY D 314 -3.00 14.07 -26.54
CA GLY D 314 -3.56 15.04 -25.64
C GLY D 314 -3.76 14.38 -24.29
N LEU D 315 -3.73 15.16 -23.21
CA LEU D 315 -3.87 14.57 -21.90
C LEU D 315 -4.39 15.64 -20.96
N GLN D 316 -5.28 15.26 -20.07
CA GLN D 316 -5.80 16.27 -19.15
C GLN D 316 -5.19 16.13 -17.77
N SER D 317 -5.46 15.01 -17.10
CA SER D 317 -4.90 14.80 -15.76
C SER D 317 -3.94 13.63 -15.82
N THR D 318 -2.86 13.75 -15.06
CA THR D 318 -1.87 12.68 -15.02
C THR D 318 -2.50 11.53 -14.25
N SER D 319 -3.49 11.85 -13.42
CA SER D 319 -4.16 10.83 -12.65
C SER D 319 -4.94 9.86 -13.55
N GLN D 320 -5.34 10.32 -14.72
CA GLN D 320 -6.08 9.48 -15.66
C GLN D 320 -5.15 8.38 -16.16
N LEU D 321 -4.12 8.78 -16.89
CA LEU D 321 -3.16 7.86 -17.44
C LEU D 321 -2.73 6.85 -16.37
N ASP D 322 -2.55 7.33 -15.15
CA ASP D 322 -2.15 6.48 -14.04
C ASP D 322 -3.20 5.41 -13.78
N ASP D 323 -4.46 5.81 -13.77
CA ASP D 323 -5.55 4.89 -13.51
C ASP D 323 -5.68 3.85 -14.61
N VAL D 324 -5.30 4.21 -15.82
CA VAL D 324 -5.39 3.28 -16.94
C VAL D 324 -4.19 2.35 -17.05
N TYR D 325 -2.98 2.92 -17.07
CA TYR D 325 -1.77 2.12 -17.20
C TYR D 325 -1.11 1.73 -15.88
N GLY D 326 -1.45 2.43 -14.81
CA GLY D 326 -0.83 2.15 -13.53
C GLY D 326 0.31 3.14 -13.40
N VAL D 327 0.63 3.55 -12.19
CA VAL D 327 1.70 4.53 -12.00
C VAL D 327 3.02 4.22 -12.71
N LYS D 328 3.65 3.11 -12.35
CA LYS D 328 4.92 2.75 -12.96
C LYS D 328 4.87 2.78 -14.48
N GLU D 329 3.90 2.08 -15.03
CA GLU D 329 3.73 1.99 -16.47
C GLU D 329 3.43 3.34 -17.12
N ALA D 330 2.57 4.12 -16.47
CA ALA D 330 2.20 5.43 -17.00
C ALA D 330 3.41 6.37 -17.00
N GLN D 331 4.28 6.21 -16.01
CA GLN D 331 5.47 7.04 -15.91
C GLN D 331 6.33 6.79 -17.14
N THR D 332 6.52 5.51 -17.45
CA THR D 332 7.31 5.10 -18.60
C THR D 332 6.71 5.64 -19.89
N LEU D 333 5.38 5.56 -19.99
CA LEU D 333 4.68 6.02 -21.17
C LEU D 333 4.98 7.50 -21.37
N ARG D 334 4.70 8.31 -20.37
CA ARG D 334 4.94 9.74 -20.44
C ARG D 334 6.37 10.04 -20.79
N ALA D 335 7.29 9.37 -20.10
CA ALA D 335 8.71 9.59 -20.34
C ALA D 335 9.10 9.37 -21.80
N SER D 336 8.27 8.65 -22.53
CA SER D 336 8.55 8.37 -23.93
C SER D 336 8.26 9.54 -24.86
N PHE D 337 7.53 10.54 -24.35
CA PHE D 337 7.23 11.73 -25.12
C PHE D 337 8.28 12.78 -24.72
N ARG D 338 9.25 13.02 -25.60
CA ARG D 338 10.33 13.97 -25.31
C ARG D 338 9.93 15.45 -25.27
N SER D 339 9.00 15.87 -26.12
CA SER D 339 8.56 17.26 -26.14
C SER D 339 7.26 17.42 -25.37
N LEU D 340 7.16 18.51 -24.61
CA LEU D 340 6.00 18.77 -23.78
C LEU D 340 5.36 20.14 -24.01
N VAL D 341 4.04 20.19 -23.85
CA VAL D 341 3.29 21.44 -23.98
C VAL D 341 2.34 21.49 -22.79
N VAL D 342 2.40 22.58 -22.01
CA VAL D 342 1.54 22.72 -20.85
C VAL D 342 0.57 23.88 -21.03
N LEU D 343 -0.72 23.54 -21.08
CA LEU D 343 -1.78 24.51 -21.28
C LEU D 343 -2.47 25.07 -20.06
N GLY D 344 -1.92 24.82 -18.88
CA GLY D 344 -2.55 25.34 -17.68
C GLY D 344 -3.81 24.60 -17.32
N GLY D 345 -3.85 24.11 -16.09
CA GLY D 345 -5.01 23.37 -15.63
C GLY D 345 -5.88 24.08 -14.60
N SER D 346 -6.74 23.32 -13.97
CA SER D 346 -7.66 23.86 -12.97
C SER D 346 -7.00 24.02 -11.61
N ARG D 347 -7.46 25.00 -10.84
CA ARG D 347 -6.91 25.24 -9.52
C ARG D 347 -7.42 24.24 -8.49
N THR D 348 -8.44 23.46 -8.85
CA THR D 348 -8.98 22.46 -7.95
C THR D 348 -8.09 21.22 -7.96
N ASP D 349 -7.12 21.19 -8.87
CA ASP D 349 -6.20 20.06 -8.98
C ASP D 349 -4.75 20.51 -8.86
N PRO D 350 -4.33 20.84 -7.62
CA PRO D 350 -2.96 21.29 -7.35
C PRO D 350 -1.87 20.26 -7.63
N LYS D 351 -2.20 18.98 -7.60
CA LYS D 351 -1.21 17.95 -7.86
C LYS D 351 -0.67 18.03 -9.28
N THR D 352 -1.58 18.07 -10.25
CA THR D 352 -1.16 18.14 -11.64
C THR D 352 -0.39 19.43 -11.88
N ASN D 353 -0.85 20.53 -11.30
CA ASN D 353 -0.16 21.80 -11.47
C ASN D 353 1.27 21.67 -10.93
N GLU D 354 1.41 20.89 -9.87
CA GLU D 354 2.72 20.66 -9.28
C GLU D 354 3.58 19.83 -10.24
N ASP D 355 3.00 18.75 -10.78
CA ASP D 355 3.71 17.89 -11.72
C ASP D 355 4.17 18.67 -12.93
N MET D 356 3.25 19.46 -13.49
CA MET D 356 3.57 20.25 -14.67
C MET D 356 4.63 21.26 -14.34
N SER D 357 4.53 21.87 -13.16
CA SER D 357 5.52 22.85 -12.73
C SER D 357 6.88 22.18 -12.61
N LEU D 358 6.91 21.03 -11.94
CA LEU D 358 8.14 20.30 -11.76
C LEU D 358 8.66 19.80 -13.11
N SER D 359 7.77 19.45 -14.01
CA SER D 359 8.19 18.97 -15.32
C SER D 359 8.87 20.10 -16.09
N LEU D 360 8.32 21.30 -16.02
CA LEU D 360 8.92 22.44 -16.70
C LEU D 360 10.30 22.71 -16.11
N GLY D 361 10.51 22.28 -14.87
CA GLY D 361 11.81 22.43 -14.22
C GLY D 361 12.17 23.70 -13.47
N GLU D 362 13.25 23.64 -12.70
CA GLU D 362 13.75 24.77 -11.92
C GLU D 362 14.97 25.31 -12.62
N HIS D 363 15.47 26.44 -12.13
CA HIS D 363 16.68 27.03 -12.67
C HIS D 363 17.47 27.60 -11.52
N GLU D 364 18.78 27.69 -11.66
CA GLU D 364 19.59 28.26 -10.61
C GLU D 364 20.01 29.60 -11.18
N VAL D 365 19.76 30.65 -10.40
CA VAL D 365 20.02 31.99 -10.85
C VAL D 365 20.78 32.85 -9.84
N GLU D 366 21.40 33.90 -10.35
CA GLU D 366 22.19 34.83 -9.53
C GLU D 366 21.59 36.13 -9.56
N ARG D 367 21.38 36.55 -8.32
CA ARG D 367 20.51 37.78 -8.28
C ARG D 367 20.25 38.55 -6.97
N ASP D 368 20.46 39.81 -7.29
CA ASP D 368 20.35 40.85 -6.26
C ASP D 368 20.51 42.27 -6.77
N LEU D 384 25.22 38.68 -6.23
CA LEU D 384 25.06 38.61 -4.72
C LEU D 384 24.19 37.45 -4.05
N GLU D 385 23.16 36.93 -4.72
CA GLU D 385 22.53 35.81 -4.03
C GLU D 385 22.22 34.77 -5.03
N ARG D 386 22.32 33.54 -4.60
CA ARG D 386 22.00 32.51 -5.50
C ARG D 386 20.66 31.90 -5.15
N VAL D 387 19.88 31.59 -6.17
CA VAL D 387 18.56 31.03 -5.93
C VAL D 387 18.13 29.93 -6.90
N ARG D 388 17.46 28.92 -6.36
CA ARG D 388 16.94 27.81 -7.14
C ARG D 388 15.45 28.05 -7.08
N GLU D 389 14.77 27.99 -8.21
CA GLU D 389 13.34 28.22 -8.22
C GLU D 389 12.70 27.64 -9.44
N ARG D 390 11.40 27.40 -9.36
CA ARG D 390 10.66 26.86 -10.50
C ARG D 390 10.55 27.99 -11.52
N VAL D 391 10.81 27.68 -12.78
CA VAL D 391 10.69 28.69 -13.81
C VAL D 391 9.21 29.06 -13.93
N VAL D 392 8.35 28.08 -13.72
CA VAL D 392 6.90 28.28 -13.78
C VAL D 392 6.28 27.67 -12.53
N MET D 393 5.69 28.51 -11.68
CA MET D 393 5.07 28.05 -10.44
C MET D 393 3.79 27.29 -10.70
N PRO D 394 3.42 26.39 -9.78
CA PRO D 394 2.19 25.64 -9.98
C PRO D 394 1.04 26.63 -10.11
N ALA D 395 1.09 27.70 -9.32
CA ALA D 395 0.06 28.73 -9.36
C ALA D 395 0.03 29.43 -10.71
N GLU D 396 1.19 29.63 -11.34
CA GLU D 396 1.22 30.29 -12.65
C GLU D 396 0.47 29.42 -13.66
N ILE D 397 0.66 28.11 -13.56
CA ILE D 397 -0.01 27.18 -14.45
C ILE D 397 -1.51 27.16 -14.21
N ALA D 398 -1.91 27.34 -12.95
CA ALA D 398 -3.32 27.33 -12.61
C ALA D 398 -4.02 28.63 -13.01
N ASN D 399 -3.25 29.66 -13.32
CA ASN D 399 -3.84 30.93 -13.69
C ASN D 399 -3.75 31.25 -15.17
N LEU D 400 -3.21 30.33 -15.95
CA LEU D 400 -3.12 30.55 -17.38
C LEU D 400 -4.51 30.73 -18.00
N PRO D 401 -4.67 31.71 -18.87
CA PRO D 401 -5.98 31.87 -19.49
C PRO D 401 -6.01 30.83 -20.61
N ASP D 402 -7.18 30.46 -21.09
CA ASP D 402 -7.25 29.47 -22.16
C ASP D 402 -6.43 29.95 -23.38
N LEU D 403 -6.13 29.02 -24.29
CA LEU D 403 -5.37 29.34 -25.50
C LEU D 403 -4.01 29.97 -25.23
N THR D 404 -3.38 29.57 -24.13
CA THR D 404 -2.07 30.05 -23.75
C THR D 404 -1.29 28.83 -23.32
N ALA D 405 -0.09 28.65 -23.86
CA ALA D 405 0.68 27.46 -23.51
C ALA D 405 2.17 27.61 -23.40
N TYR D 406 2.76 26.77 -22.55
CA TYR D 406 4.20 26.74 -22.35
C TYR D 406 4.67 25.65 -23.30
N VAL D 407 5.62 25.99 -24.17
CA VAL D 407 6.13 25.04 -25.13
C VAL D 407 7.57 24.65 -24.80
N GLY D 408 7.77 23.39 -24.50
CA GLY D 408 9.10 22.91 -24.16
C GLY D 408 9.53 21.75 -25.02
N PHE D 409 10.18 22.06 -26.13
CA PHE D 409 10.65 21.04 -27.05
C PHE D 409 11.72 20.18 -26.43
N ALA D 410 11.83 18.95 -26.93
CA ALA D 410 12.81 18.01 -26.43
C ALA D 410 14.24 18.50 -26.65
N GLY D 411 15.15 18.07 -25.79
CA GLY D 411 16.53 18.48 -25.93
C GLY D 411 16.91 19.73 -25.15
N ASN D 412 18.00 20.35 -25.59
CA ASN D 412 18.50 21.56 -24.94
C ASN D 412 17.97 22.86 -25.54
N ARG D 413 16.68 23.10 -25.33
CA ARG D 413 16.02 24.30 -25.82
C ARG D 413 15.23 24.96 -24.71
N PRO D 414 15.16 26.29 -24.71
CA PRO D 414 14.40 26.97 -23.67
C PRO D 414 12.90 26.82 -23.90
N ILE D 415 12.12 27.02 -22.84
CA ILE D 415 10.68 26.92 -22.96
C ILE D 415 10.17 28.34 -23.18
N ALA D 416 8.94 28.47 -23.66
CA ALA D 416 8.38 29.79 -23.88
C ALA D 416 6.87 29.76 -23.71
N LYS D 417 6.32 30.88 -23.25
CA LYS D 417 4.88 31.01 -23.05
C LYS D 417 4.34 31.68 -24.32
N VAL D 418 3.62 30.92 -25.11
CA VAL D 418 3.10 31.41 -26.39
C VAL D 418 1.57 31.40 -26.46
N PRO D 419 1.00 32.35 -27.23
CA PRO D 419 -0.45 32.44 -27.38
C PRO D 419 -0.91 31.50 -28.50
N LEU D 420 -1.96 30.73 -28.23
CA LEU D 420 -2.47 29.80 -29.23
C LEU D 420 -3.61 30.47 -30.01
N GLU D 421 -3.42 30.64 -31.32
CA GLU D 421 -4.45 31.29 -32.12
C GLU D 421 -5.48 30.30 -32.69
N ILE D 422 -6.75 30.69 -32.64
CA ILE D 422 -7.82 29.86 -33.14
C ILE D 422 -7.99 30.05 -34.65
N LYS D 423 -7.34 29.21 -35.44
CA LYS D 423 -7.47 29.34 -36.88
C LYS D 423 -8.79 28.71 -37.34
N GLN D 424 -9.40 29.30 -38.36
CA GLN D 424 -10.67 28.81 -38.92
C GLN D 424 -10.45 27.93 -40.14
N PHE D 425 -11.10 26.77 -40.17
CA PHE D 425 -10.97 25.85 -41.31
C PHE D 425 -12.34 25.56 -41.90
N ALA D 426 -12.43 25.72 -43.21
CA ALA D 426 -13.68 25.47 -43.92
C ALA D 426 -14.07 23.99 -43.88
N ASN D 427 -15.36 23.72 -43.72
CA ASN D 427 -15.82 22.33 -43.67
C ASN D 427 -15.96 21.70 -45.04
N ARG D 428 -14.85 21.19 -45.57
CA ARG D 428 -14.82 20.58 -46.88
C ARG D 428 -15.26 19.10 -46.92
N GLN D 429 -16.26 18.74 -46.11
CA GLN D 429 -16.76 17.35 -46.06
C GLN D 429 -17.56 17.13 -44.79
N PRO D 430 -18.63 16.31 -44.86
CA PRO D 430 -19.44 16.07 -43.66
C PRO D 430 -18.72 15.22 -42.60
N ALA D 431 -18.91 15.57 -41.34
CA ALA D 431 -18.26 14.84 -40.26
C ALA D 431 -18.76 13.41 -40.12
N PHE D 432 -20.06 13.23 -40.26
CA PHE D 432 -20.67 11.92 -40.11
C PHE D 432 -21.71 11.70 -41.20
N VAL D 433 -21.83 10.46 -41.67
CA VAL D 433 -22.80 10.16 -42.73
C VAL D 433 -23.52 8.86 -42.47
N GLU D 434 -24.84 8.96 -42.51
CA GLU D 434 -25.72 7.82 -42.27
C GLU D 434 -25.72 7.47 -40.80
N GLY E 7 -3.45 44.34 1.73
CA GLY E 7 -4.80 44.85 2.18
C GLY E 7 -5.81 43.72 2.33
N GLU E 8 -6.31 43.22 1.20
CA GLU E 8 -7.28 42.12 1.20
C GLU E 8 -6.54 40.80 1.48
N PHE E 9 -5.23 40.85 1.34
CA PHE E 9 -4.35 39.71 1.59
C PHE E 9 -4.18 39.61 3.10
N GLY E 10 -4.48 38.44 3.65
CA GLY E 10 -4.36 38.24 5.10
C GLY E 10 -2.98 38.35 5.72
N GLY E 11 -1.94 38.08 4.94
CA GLY E 11 -0.59 38.15 5.47
C GLY E 11 -0.04 39.57 5.53
N ALA E 12 1.28 39.67 5.73
CA ALA E 12 1.94 40.98 5.81
C ALA E 12 1.87 41.69 4.47
N PRO E 13 1.56 43.00 4.48
CA PRO E 13 1.46 43.79 3.26
C PRO E 13 2.78 43.70 2.50
N PHE E 14 2.73 43.84 1.18
CA PHE E 14 3.94 43.76 0.39
C PHE E 14 4.09 44.93 -0.58
N LYS E 15 5.33 45.14 -1.01
CA LYS E 15 5.67 46.20 -1.94
C LYS E 15 5.28 45.88 -3.38
N ARG E 16 5.67 44.69 -3.86
CA ARG E 16 5.37 44.32 -5.23
C ARG E 16 4.95 42.85 -5.43
N PHE E 17 3.98 42.62 -6.32
CA PHE E 17 3.52 41.27 -6.61
C PHE E 17 4.31 40.72 -7.80
N LEU E 18 4.80 39.48 -7.69
CA LEU E 18 5.58 38.88 -8.78
C LEU E 18 4.82 37.88 -9.65
N ARG E 19 4.32 36.81 -9.04
CA ARG E 19 3.57 35.78 -9.77
C ARG E 19 2.73 34.95 -8.83
N GLY E 20 1.88 34.08 -9.38
CA GLY E 20 1.06 33.21 -8.56
C GLY E 20 -0.37 33.67 -8.38
N THR E 21 -1.05 33.11 -7.38
CA THR E 21 -2.42 33.49 -7.12
C THR E 21 -2.47 34.89 -6.55
N ARG E 22 -3.36 35.71 -7.08
CA ARG E 22 -3.51 37.08 -6.59
C ARG E 22 -4.87 37.23 -5.94
N ILE E 23 -4.88 37.88 -4.79
CA ILE E 23 -6.13 38.09 -4.06
C ILE E 23 -6.57 39.53 -4.20
N VAL E 24 -7.87 39.72 -4.33
CA VAL E 24 -8.45 41.04 -4.50
C VAL E 24 -9.65 41.20 -3.56
N SER E 25 -10.11 42.43 -3.36
CA SER E 25 -11.27 42.68 -2.48
C SER E 25 -12.58 42.20 -3.11
N GLY E 26 -13.54 41.85 -2.28
CA GLY E 26 -14.82 41.39 -2.77
C GLY E 26 -15.37 42.30 -3.87
N GLY E 27 -15.47 43.59 -3.55
CA GLY E 27 -16.00 44.54 -4.52
C GLY E 27 -15.19 44.63 -5.78
N LYS E 28 -13.86 44.56 -5.66
CA LYS E 28 -13.01 44.66 -6.82
C LYS E 28 -13.23 43.47 -7.78
N LEU E 29 -13.44 42.29 -7.23
CA LEU E 29 -13.66 41.13 -8.08
C LEU E 29 -15.02 41.29 -8.77
N LYS E 30 -16.01 41.76 -8.00
CA LYS E 30 -17.36 41.97 -8.54
C LYS E 30 -17.30 42.89 -9.76
N ARG E 31 -16.43 43.89 -9.72
CA ARG E 31 -16.25 44.80 -10.84
C ARG E 31 -15.62 44.05 -11.98
N MET E 32 -14.50 43.41 -11.68
CA MET E 32 -13.73 42.67 -12.65
C MET E 32 -14.53 41.62 -13.42
N THR E 33 -15.32 40.82 -12.71
CA THR E 33 -16.08 39.76 -13.36
C THR E 33 -17.39 40.22 -13.97
N ARG E 34 -17.76 41.45 -13.65
CA ARG E 34 -19.02 41.93 -14.18
C ARG E 34 -19.06 41.97 -15.65
N GLU E 35 -20.20 41.52 -16.14
CA GLU E 35 -20.37 41.48 -17.59
C GLU E 35 -21.61 42.00 -18.06
N LYS E 36 -21.64 42.38 -19.32
CA LYS E 36 -22.69 43.02 -20.13
C LYS E 36 -23.92 42.17 -20.26
N ALA E 37 -23.73 40.92 -20.67
CA ALA E 37 -24.85 39.99 -20.73
C ALA E 37 -25.37 39.64 -19.32
N LYS E 38 -26.51 38.97 -19.26
CA LYS E 38 -27.05 38.59 -17.96
C LYS E 38 -26.17 37.50 -17.36
N GLN E 39 -25.86 37.63 -16.08
CA GLN E 39 -25.04 36.62 -15.42
C GLN E 39 -25.70 36.08 -14.18
N VAL E 40 -25.14 34.99 -13.66
CA VAL E 40 -25.61 34.37 -12.45
C VAL E 40 -24.59 34.80 -11.38
N THR E 41 -24.94 34.64 -10.10
CA THR E 41 -24.00 35.04 -9.06
C THR E 41 -23.56 33.94 -8.09
N VAL E 42 -22.30 34.04 -7.68
CA VAL E 42 -21.69 33.10 -6.75
C VAL E 42 -21.33 33.95 -5.55
N ALA E 43 -22.08 33.79 -4.46
CA ALA E 43 -21.82 34.58 -3.27
C ALA E 43 -21.82 36.06 -3.63
N GLY E 44 -22.79 36.48 -4.44
CA GLY E 44 -22.87 37.88 -4.83
C GLY E 44 -21.87 38.35 -5.86
N VAL E 45 -21.05 37.45 -6.38
CA VAL E 45 -20.07 37.83 -7.40
C VAL E 45 -20.57 37.36 -8.77
N PRO E 46 -20.76 38.31 -9.72
CA PRO E 46 -21.22 37.88 -11.04
C PRO E 46 -20.22 36.91 -11.65
N MET E 47 -20.71 35.75 -12.06
CA MET E 47 -19.86 34.72 -12.64
C MET E 47 -19.60 34.91 -14.12
N PRO E 48 -18.31 34.90 -14.50
CA PRO E 48 -17.94 35.07 -15.89
C PRO E 48 -18.67 34.02 -16.72
N ARG E 49 -19.22 34.44 -17.83
CA ARG E 49 -19.87 33.57 -18.75
C ARG E 49 -19.20 32.28 -19.08
N ASP E 50 -18.03 32.53 -19.63
CA ASP E 50 -17.23 31.46 -20.11
C ASP E 50 -16.90 30.45 -19.05
N ALA E 51 -17.02 30.85 -17.79
CA ALA E 51 -16.71 29.93 -16.69
C ALA E 51 -17.87 29.02 -16.32
N GLU E 52 -19.07 29.37 -16.78
CA GLU E 52 -20.23 28.57 -16.47
C GLU E 52 -20.14 27.11 -16.90
N PRO E 53 -19.85 26.84 -18.19
CA PRO E 53 -19.75 25.43 -18.62
C PRO E 53 -18.46 24.73 -18.20
N ARG E 54 -17.63 25.40 -17.40
CA ARG E 54 -16.37 24.84 -16.91
C ARG E 54 -16.64 24.23 -15.55
N HIS E 55 -17.85 24.43 -15.06
CA HIS E 55 -18.30 23.89 -13.78
C HIS E 55 -17.75 24.58 -12.53
N LEU E 56 -18.47 24.40 -11.42
CA LEU E 56 -18.12 24.99 -10.14
C LEU E 56 -18.19 23.98 -9.01
N LEU E 57 -17.12 23.90 -8.21
CA LEU E 57 -17.08 22.99 -7.08
C LEU E 57 -17.12 23.83 -5.80
N VAL E 58 -18.15 23.62 -4.99
CA VAL E 58 -18.31 24.36 -3.75
C VAL E 58 -17.94 23.50 -2.56
N ASN E 59 -16.72 23.67 -2.05
CA ASN E 59 -16.25 22.90 -0.92
C ASN E 59 -16.42 23.67 0.38
N GLY E 60 -16.95 23.00 1.41
CA GLY E 60 -17.15 23.68 2.67
C GLY E 60 -17.69 22.80 3.77
N ALA E 61 -17.24 23.08 5.00
CA ALA E 61 -17.65 22.31 6.17
C ALA E 61 -19.16 22.32 6.34
N THR E 62 -19.67 21.36 7.10
CA THR E 62 -21.12 21.28 7.33
C THR E 62 -21.59 22.52 8.08
N GLY E 63 -22.62 23.17 7.53
CA GLY E 63 -23.16 24.38 8.13
C GLY E 63 -22.49 25.70 7.77
N THR E 64 -21.72 25.74 6.69
CA THR E 64 -21.02 26.96 6.30
C THR E 64 -21.70 27.77 5.20
N GLY E 65 -22.64 27.15 4.49
CA GLY E 65 -23.35 27.88 3.45
C GLY E 65 -23.39 27.31 2.05
N LYS E 66 -22.97 26.07 1.87
CA LYS E 66 -23.00 25.48 0.52
C LYS E 66 -24.40 25.59 -0.04
N SER E 67 -25.37 25.20 0.75
CA SER E 67 -26.76 25.25 0.33
C SER E 67 -27.23 26.67 0.01
N VAL E 68 -26.83 27.64 0.83
CA VAL E 68 -27.24 29.02 0.57
C VAL E 68 -26.65 29.43 -0.77
N LEU E 69 -25.38 29.13 -0.96
CA LEU E 69 -24.70 29.50 -2.20
C LEU E 69 -25.35 28.88 -3.43
N LEU E 70 -25.64 27.58 -3.37
CA LEU E 70 -26.26 26.89 -4.51
C LEU E 70 -27.68 27.37 -4.77
N ARG E 71 -28.39 27.75 -3.71
CA ARG E 71 -29.75 28.23 -3.87
C ARG E 71 -29.74 29.57 -4.61
N GLU E 72 -28.80 30.43 -4.24
CA GLU E 72 -28.68 31.73 -4.88
C GLU E 72 -28.30 31.54 -6.34
N LEU E 73 -27.36 30.64 -6.60
CA LEU E 73 -26.91 30.38 -7.96
C LEU E 73 -28.11 29.92 -8.79
N ALA E 74 -28.81 28.92 -8.29
CA ALA E 74 -29.98 28.39 -8.96
C ALA E 74 -30.97 29.51 -9.27
N TYR E 75 -31.26 30.32 -8.24
CA TYR E 75 -32.20 31.42 -8.33
C TYR E 75 -31.88 32.40 -9.47
N THR E 76 -30.70 32.98 -9.43
CA THR E 76 -30.30 33.92 -10.47
C THR E 76 -30.31 33.23 -11.84
N GLY E 77 -30.08 31.92 -11.83
CA GLY E 77 -30.07 31.16 -13.07
C GLY E 77 -31.47 31.11 -13.65
N LEU E 78 -32.45 30.94 -12.76
CA LEU E 78 -33.85 30.87 -13.15
C LEU E 78 -34.32 32.22 -13.67
N LEU E 79 -33.82 33.29 -13.06
CA LEU E 79 -34.19 34.63 -13.48
C LEU E 79 -33.75 34.85 -14.91
N ARG E 80 -32.61 34.24 -15.27
CA ARG E 80 -32.10 34.37 -16.63
C ARG E 80 -32.88 33.46 -17.56
N GLY E 81 -33.70 32.59 -16.97
CA GLY E 81 -34.50 31.66 -17.74
C GLY E 81 -33.83 30.36 -18.15
N ASP E 82 -32.74 29.96 -17.46
CA ASP E 82 -32.04 28.72 -17.80
C ASP E 82 -32.78 27.51 -17.25
N ARG E 83 -32.60 26.36 -17.88
CA ARG E 83 -33.23 25.13 -17.40
C ARG E 83 -32.25 24.47 -16.45
N MET E 84 -32.76 23.60 -15.59
CA MET E 84 -31.88 22.93 -14.66
C MET E 84 -32.46 21.67 -14.03
N VAL E 85 -31.56 20.80 -13.62
CA VAL E 85 -31.93 19.55 -12.96
C VAL E 85 -31.35 19.77 -11.58
N ILE E 86 -32.17 19.65 -10.55
CA ILE E 86 -31.66 19.86 -9.21
C ILE E 86 -31.78 18.66 -8.28
N VAL E 87 -30.65 18.14 -7.84
CA VAL E 87 -30.68 17.03 -6.90
C VAL E 87 -31.05 17.79 -5.63
N ASP E 88 -32.34 17.77 -5.32
CA ASP E 88 -32.90 18.52 -4.21
C ASP E 88 -33.38 17.76 -2.97
N PRO E 89 -32.60 17.81 -1.88
CA PRO E 89 -32.91 17.13 -0.62
C PRO E 89 -34.11 17.78 0.06
N ASN E 90 -35.03 16.95 0.56
CA ASN E 90 -36.23 17.43 1.24
C ASN E 90 -37.06 18.38 0.39
N GLY E 91 -36.82 18.36 -0.91
CA GLY E 91 -37.56 19.24 -1.80
C GLY E 91 -37.49 20.70 -1.45
N ASP E 92 -36.38 21.13 -0.85
CA ASP E 92 -36.21 22.52 -0.49
C ASP E 92 -36.28 23.44 -1.72
N MET E 93 -35.43 23.20 -2.71
CA MET E 93 -35.42 24.02 -3.92
C MET E 93 -36.78 23.96 -4.60
N LEU E 94 -37.41 22.80 -4.55
CA LEU E 94 -38.72 22.58 -5.17
C LEU E 94 -39.76 23.51 -4.58
N SER E 95 -39.80 23.56 -3.25
CA SER E 95 -40.76 24.38 -2.55
C SER E 95 -40.53 25.87 -2.75
N LYS E 96 -39.35 26.25 -3.24
CA LYS E 96 -39.04 27.66 -3.45
C LYS E 96 -39.13 28.14 -4.89
N PHE E 97 -38.63 27.35 -5.83
CA PHE E 97 -38.64 27.75 -7.24
C PHE E 97 -39.44 26.83 -8.15
N GLY E 98 -40.10 25.84 -7.55
CA GLY E 98 -40.89 24.93 -8.35
C GLY E 98 -42.16 25.53 -8.94
N ARG E 99 -42.33 25.38 -10.24
CA ARG E 99 -43.52 25.91 -10.92
C ARG E 99 -44.39 24.71 -11.30
N ASP E 100 -45.46 24.99 -12.02
CA ASP E 100 -46.38 23.94 -12.42
C ASP E 100 -45.88 23.19 -13.65
N LYS E 101 -45.17 23.89 -14.53
CA LYS E 101 -44.67 23.23 -15.72
C LYS E 101 -43.44 22.39 -15.39
N ASP E 102 -42.99 22.49 -14.13
CA ASP E 102 -41.82 21.73 -13.68
C ASP E 102 -42.09 20.28 -13.33
N ILE E 103 -41.04 19.47 -13.44
CA ILE E 103 -41.08 18.04 -13.19
C ILE E 103 -40.52 17.63 -11.84
N ILE E 104 -41.07 16.56 -11.28
CA ILE E 104 -40.62 16.03 -10.00
C ILE E 104 -40.38 14.54 -10.09
N LEU E 105 -39.20 14.09 -9.67
CA LEU E 105 -38.89 12.66 -9.67
C LEU E 105 -38.66 12.24 -8.23
N ASN E 106 -39.58 11.43 -7.72
CA ASN E 106 -39.52 10.96 -6.34
C ASN E 106 -40.56 9.86 -6.24
N PRO E 107 -40.12 8.60 -6.08
CA PRO E 107 -41.07 7.50 -5.99
C PRO E 107 -42.13 7.64 -4.90
N TYR E 108 -41.89 8.49 -3.91
CA TYR E 108 -42.87 8.64 -2.84
C TYR E 108 -43.69 9.92 -2.86
N ASP E 109 -43.44 10.80 -3.83
CA ASP E 109 -44.22 12.03 -3.91
C ASP E 109 -45.33 11.86 -4.93
N GLN E 110 -46.54 12.25 -4.54
CA GLN E 110 -47.70 12.12 -5.38
C GLN E 110 -47.58 12.79 -6.75
N ARG E 111 -46.77 13.84 -6.81
CA ARG E 111 -46.58 14.58 -8.05
C ARG E 111 -45.53 14.01 -8.99
N THR E 112 -44.84 12.96 -8.57
CA THR E 112 -43.79 12.37 -9.40
C THR E 112 -44.30 11.85 -10.73
N LYS E 113 -43.44 11.88 -11.76
CA LYS E 113 -43.83 11.36 -13.06
C LYS E 113 -43.60 9.87 -12.96
N GLY E 114 -44.11 9.11 -13.92
CA GLY E 114 -43.91 7.68 -13.90
C GLY E 114 -42.65 7.44 -14.69
N TRP E 115 -41.76 6.57 -14.21
CA TRP E 115 -40.50 6.31 -14.91
C TRP E 115 -39.91 4.93 -14.72
N SER E 116 -39.16 4.53 -15.74
CA SER E 116 -38.48 3.24 -15.80
C SER E 116 -37.30 3.50 -16.72
N PHE E 117 -36.18 2.82 -16.53
CA PHE E 117 -35.05 3.08 -17.42
C PHE E 117 -35.38 2.64 -18.85
N PHE E 118 -36.42 1.82 -18.99
CA PHE E 118 -36.82 1.37 -20.31
C PHE E 118 -37.11 2.58 -21.19
N ASN E 119 -37.73 3.58 -20.58
CA ASN E 119 -38.12 4.82 -21.26
C ASN E 119 -36.98 5.58 -21.92
N GLU E 120 -35.75 5.21 -21.60
CA GLU E 120 -34.61 5.92 -22.17
C GLU E 120 -33.97 5.17 -23.34
N ILE E 121 -34.32 3.90 -23.50
CA ILE E 121 -33.76 3.08 -24.57
C ILE E 121 -34.29 3.50 -25.94
N ARG E 122 -33.38 3.79 -26.86
CA ARG E 122 -33.76 4.20 -28.21
C ARG E 122 -32.99 3.45 -29.30
N ASN E 123 -31.78 2.99 -28.97
CA ASN E 123 -30.94 2.25 -29.89
C ASN E 123 -30.38 1.08 -29.10
N ASP E 124 -29.70 0.17 -29.78
CA ASP E 124 -29.15 -0.99 -29.09
C ASP E 124 -28.04 -0.64 -28.09
N TYR E 125 -27.16 0.30 -28.45
CA TYR E 125 -26.08 0.64 -27.54
C TYR E 125 -26.59 1.27 -26.25
N ASP E 126 -27.87 1.65 -26.25
CA ASP E 126 -28.48 2.26 -25.07
C ASP E 126 -28.71 1.33 -23.89
N TRP E 127 -28.77 0.03 -24.13
CA TRP E 127 -28.99 -0.90 -23.04
C TRP E 127 -27.83 -0.85 -22.05
N GLN E 128 -26.61 -1.11 -22.52
CA GLN E 128 -25.47 -1.06 -21.63
C GLN E 128 -25.31 0.36 -21.09
N ARG E 129 -25.56 1.32 -21.96
CA ARG E 129 -25.44 2.72 -21.61
C ARG E 129 -26.19 3.06 -20.34
N TYR E 130 -27.42 2.59 -20.25
CA TYR E 130 -28.22 2.88 -19.07
C TYR E 130 -28.16 1.81 -18.00
N ALA E 131 -27.59 0.65 -18.33
CA ALA E 131 -27.43 -0.41 -17.32
C ALA E 131 -26.32 0.16 -16.44
N LEU E 132 -25.49 1.01 -17.05
CA LEU E 132 -24.37 1.65 -16.39
C LEU E 132 -24.88 2.70 -15.42
N SER E 133 -26.12 3.14 -15.63
CA SER E 133 -26.73 4.14 -14.77
C SER E 133 -27.47 3.46 -13.63
N VAL E 134 -28.16 2.37 -13.95
CA VAL E 134 -28.93 1.61 -12.97
C VAL E 134 -27.99 0.96 -11.95
N VAL E 135 -26.89 0.42 -12.46
CA VAL E 135 -25.87 -0.23 -11.64
C VAL E 135 -24.59 0.61 -11.71
N PRO E 136 -24.43 1.58 -10.79
CA PRO E 136 -23.23 2.42 -10.79
C PRO E 136 -21.95 1.63 -10.60
N ARG E 137 -20.81 2.29 -10.75
CA ARG E 137 -19.52 1.64 -10.61
C ARG E 137 -19.27 1.12 -9.20
N GLY E 138 -18.58 -0.02 -9.12
CA GLY E 138 -18.27 -0.61 -7.83
C GLY E 138 -17.24 0.22 -7.08
N LYS E 139 -17.28 0.17 -5.76
CA LYS E 139 -16.35 0.92 -4.92
C LYS E 139 -14.93 0.36 -5.09
N THR E 140 -14.83 -0.97 -5.06
CA THR E 140 -13.56 -1.65 -5.20
C THR E 140 -13.56 -2.41 -6.52
N ASP E 141 -12.38 -2.81 -6.97
CA ASP E 141 -12.26 -3.55 -8.23
C ASP E 141 -13.13 -4.79 -8.21
N GLU E 142 -13.13 -5.51 -7.10
CA GLU E 142 -13.92 -6.72 -6.99
C GLU E 142 -15.41 -6.40 -7.01
N ALA E 143 -15.80 -5.30 -6.38
CA ALA E 143 -17.20 -4.89 -6.34
C ALA E 143 -17.66 -4.53 -7.74
N GLU E 144 -16.77 -3.94 -8.53
CA GLU E 144 -17.08 -3.54 -9.88
C GLU E 144 -17.20 -4.75 -10.80
N GLU E 145 -16.45 -5.79 -10.48
CA GLU E 145 -16.51 -7.01 -11.27
C GLU E 145 -17.92 -7.57 -11.12
N TRP E 146 -18.42 -7.60 -9.88
CA TRP E 146 -19.76 -8.11 -9.64
C TRP E 146 -20.72 -7.21 -10.40
N ALA E 147 -20.56 -5.91 -10.24
CA ALA E 147 -21.40 -4.95 -10.92
C ALA E 147 -21.51 -5.25 -12.40
N SER E 148 -20.37 -5.52 -13.04
CA SER E 148 -20.34 -5.83 -14.46
C SER E 148 -21.20 -7.05 -14.78
N TYR E 149 -21.12 -8.07 -13.93
CA TYR E 149 -21.92 -9.28 -14.11
C TYR E 149 -23.38 -8.87 -14.00
N GLY E 150 -23.66 -8.02 -13.01
CA GLY E 150 -25.01 -7.54 -12.81
C GLY E 150 -25.54 -6.81 -14.03
N ARG E 151 -24.71 -5.98 -14.66
CA ARG E 151 -25.16 -5.26 -15.84
C ARG E 151 -25.40 -6.21 -17.02
N LEU E 152 -24.58 -7.26 -17.13
CA LEU E 152 -24.75 -8.23 -18.20
C LEU E 152 -26.12 -8.85 -18.04
N LEU E 153 -26.39 -9.34 -16.83
CA LEU E 153 -27.68 -9.96 -16.52
C LEU E 153 -28.82 -8.97 -16.70
N LEU E 154 -28.62 -7.73 -16.29
CA LEU E 154 -29.66 -6.71 -16.42
C LEU E 154 -29.98 -6.37 -17.86
N ARG E 155 -28.97 -6.02 -18.63
CA ARG E 155 -29.19 -5.62 -20.01
C ARG E 155 -29.77 -6.74 -20.90
N GLU E 156 -29.33 -7.97 -20.72
CA GLU E 156 -29.84 -9.08 -21.53
C GLU E 156 -31.26 -9.50 -21.20
N THR E 157 -31.58 -9.47 -19.91
CA THR E 157 -32.91 -9.84 -19.43
C THR E 157 -33.93 -8.77 -19.82
N ALA E 158 -33.55 -7.50 -19.68
CA ALA E 158 -34.43 -6.39 -20.03
C ALA E 158 -34.63 -6.33 -21.53
N LYS E 159 -33.56 -6.60 -22.27
CA LYS E 159 -33.62 -6.57 -23.72
C LYS E 159 -34.68 -7.58 -24.19
N LYS E 160 -34.64 -8.78 -23.62
CA LYS E 160 -35.57 -9.83 -24.01
C LYS E 160 -36.99 -9.49 -23.58
N LEU E 161 -37.16 -8.99 -22.35
CA LEU E 161 -38.49 -8.62 -21.89
C LEU E 161 -39.09 -7.58 -22.83
N ALA E 162 -38.29 -6.59 -23.23
CA ALA E 162 -38.75 -5.56 -24.15
C ALA E 162 -39.13 -6.21 -25.49
N LEU E 163 -38.29 -7.13 -25.94
CA LEU E 163 -38.49 -7.83 -27.20
C LEU E 163 -39.84 -8.56 -27.24
N ILE E 164 -40.10 -9.39 -26.23
CA ILE E 164 -41.35 -10.15 -26.19
C ILE E 164 -42.53 -9.25 -25.81
N GLY E 165 -42.30 -7.94 -25.80
CA GLY E 165 -43.36 -6.99 -25.49
C GLY E 165 -43.77 -6.77 -24.04
N THR E 166 -42.96 -7.18 -23.07
CA THR E 166 -43.33 -6.95 -21.68
C THR E 166 -42.24 -6.22 -20.91
N PRO E 167 -41.98 -4.96 -21.29
CA PRO E 167 -40.95 -4.12 -20.65
C PRO E 167 -41.40 -3.71 -19.25
N SER E 168 -41.45 -4.69 -18.36
CA SER E 168 -41.86 -4.50 -16.97
C SER E 168 -40.72 -4.59 -15.95
N MET E 169 -40.60 -3.58 -15.11
CA MET E 169 -39.57 -3.59 -14.10
C MET E 169 -39.88 -4.72 -13.13
N ARG E 170 -41.16 -5.04 -13.01
CA ARG E 170 -41.59 -6.05 -12.07
C ARG E 170 -41.11 -7.43 -12.52
N GLU E 171 -41.31 -7.78 -13.81
CA GLU E 171 -40.81 -9.08 -14.26
C GLU E 171 -39.29 -9.03 -14.29
N LEU E 172 -38.69 -7.90 -14.73
CA LEU E 172 -37.26 -7.83 -14.73
C LEU E 172 -36.75 -8.19 -13.34
N PHE E 173 -37.34 -7.57 -12.32
CA PHE E 173 -36.95 -7.83 -10.95
C PHE E 173 -37.24 -9.27 -10.55
N HIS E 174 -38.35 -9.83 -11.03
CA HIS E 174 -38.69 -11.21 -10.70
C HIS E 174 -37.68 -12.19 -11.27
N TRP E 175 -37.40 -12.08 -12.56
CA TRP E 175 -36.46 -12.96 -13.25
C TRP E 175 -35.03 -12.88 -12.69
N THR E 176 -34.57 -11.66 -12.44
CA THR E 176 -33.22 -11.45 -11.95
C THR E 176 -32.98 -11.70 -10.48
N THR E 177 -34.03 -11.75 -9.66
CA THR E 177 -33.80 -11.94 -8.23
C THR E 177 -34.72 -12.91 -7.51
N ILE E 178 -35.80 -13.31 -8.17
CA ILE E 178 -36.74 -14.23 -7.54
C ILE E 178 -36.79 -15.59 -8.22
N ALA E 179 -36.93 -15.59 -9.54
CA ALA E 179 -36.99 -16.85 -10.28
C ALA E 179 -35.83 -17.74 -9.87
N THR E 180 -36.08 -19.04 -9.79
CA THR E 180 -35.03 -19.97 -9.41
C THR E 180 -33.91 -19.95 -10.46
N PHE E 181 -32.70 -20.24 -10.00
CA PHE E 181 -31.52 -20.25 -10.84
C PHE E 181 -31.75 -20.88 -12.20
N ASP E 182 -32.32 -22.07 -12.21
CA ASP E 182 -32.57 -22.77 -13.45
C ASP E 182 -33.55 -22.03 -14.35
N ASP E 183 -34.68 -21.59 -13.78
CA ASP E 183 -35.67 -20.86 -14.56
C ASP E 183 -35.01 -19.67 -15.26
N LEU E 184 -34.22 -18.92 -14.49
CA LEU E 184 -33.55 -17.74 -15.03
C LEU E 184 -32.69 -18.15 -16.22
N ARG E 185 -31.84 -19.16 -16.01
CA ARG E 185 -30.98 -19.64 -17.06
C ARG E 185 -31.85 -19.94 -18.29
N GLY E 186 -33.00 -20.55 -18.02
CA GLY E 186 -33.92 -20.87 -19.08
C GLY E 186 -34.35 -19.62 -19.80
N PHE E 187 -34.84 -18.64 -19.05
CA PHE E 187 -35.28 -17.39 -19.64
C PHE E 187 -34.16 -16.73 -20.43
N LEU E 188 -32.91 -16.97 -20.02
CA LEU E 188 -31.79 -16.36 -20.71
C LEU E 188 -31.49 -17.01 -22.06
N GLU E 189 -31.83 -18.28 -22.21
CA GLU E 189 -31.60 -19.00 -23.46
C GLU E 189 -32.02 -18.13 -24.64
N GLY E 190 -31.12 -17.87 -25.57
CA GLY E 190 -31.46 -17.05 -26.72
C GLY E 190 -30.82 -15.68 -26.65
N THR E 191 -30.39 -15.29 -25.45
CA THR E 191 -29.73 -14.00 -25.25
C THR E 191 -28.23 -14.25 -25.17
N LEU E 192 -27.45 -13.17 -25.27
CA LEU E 192 -26.00 -13.28 -25.21
C LEU E 192 -25.56 -13.89 -23.88
N ALA E 193 -26.43 -13.77 -22.88
CA ALA E 193 -26.15 -14.28 -21.56
C ALA E 193 -26.43 -15.76 -21.42
N GLU E 194 -26.86 -16.38 -22.51
CA GLU E 194 -27.20 -17.79 -22.51
C GLU E 194 -26.11 -18.69 -21.96
N SER E 195 -24.98 -18.71 -22.63
CA SER E 195 -23.87 -19.54 -22.20
C SER E 195 -22.93 -18.90 -21.19
N LEU E 196 -22.79 -17.57 -21.26
CA LEU E 196 -21.91 -16.88 -20.34
C LEU E 196 -22.09 -17.25 -18.88
N PHE E 197 -23.34 -17.45 -18.46
CA PHE E 197 -23.63 -17.77 -17.07
C PHE E 197 -23.83 -19.26 -16.81
N ALA E 198 -23.12 -20.09 -17.56
CA ALA E 198 -23.25 -21.54 -17.38
C ALA E 198 -22.04 -22.29 -17.91
N GLY E 199 -21.83 -23.50 -17.41
CA GLY E 199 -20.69 -24.30 -17.86
C GLY E 199 -19.56 -24.53 -16.86
N SER E 200 -19.62 -23.88 -15.71
CA SER E 200 -18.57 -24.05 -14.70
C SER E 200 -19.03 -23.44 -13.39
N ASN E 201 -18.31 -23.69 -12.32
CA ASN E 201 -18.68 -23.10 -11.04
C ASN E 201 -18.54 -21.60 -11.17
N GLU E 202 -17.43 -21.16 -11.77
CA GLU E 202 -17.15 -19.74 -11.96
C GLU E 202 -18.35 -19.07 -12.61
N ALA E 203 -18.85 -19.66 -13.68
CA ALA E 203 -20.01 -19.12 -14.38
C ALA E 203 -21.17 -18.93 -13.40
N SER E 204 -21.45 -19.96 -12.62
CA SER E 204 -22.52 -19.93 -11.65
C SER E 204 -22.29 -18.88 -10.59
N LYS E 205 -21.04 -18.77 -10.14
CA LYS E 205 -20.69 -17.79 -9.14
C LYS E 205 -20.98 -16.41 -9.69
N ALA E 206 -20.56 -16.19 -10.94
CA ALA E 206 -20.78 -14.91 -11.60
C ALA E 206 -22.26 -14.55 -11.60
N LEU E 207 -23.09 -15.54 -11.92
CA LEU E 207 -24.54 -15.34 -11.97
C LEU E 207 -25.05 -14.96 -10.59
N THR E 208 -24.56 -15.64 -9.56
CA THR E 208 -24.95 -15.37 -8.20
C THR E 208 -24.56 -13.94 -7.85
N SER E 209 -23.40 -13.51 -8.30
CA SER E 209 -22.97 -12.15 -8.03
C SER E 209 -23.95 -11.17 -8.67
N ALA E 210 -24.25 -11.39 -9.94
CA ALA E 210 -25.17 -10.52 -10.67
C ALA E 210 -26.48 -10.36 -9.93
N ARG E 211 -27.05 -11.48 -9.47
CA ARG E 211 -28.32 -11.48 -8.74
C ARG E 211 -28.28 -10.56 -7.55
N PHE E 212 -27.27 -10.74 -6.71
CA PHE E 212 -27.14 -9.91 -5.54
C PHE E 212 -27.09 -8.44 -5.90
N VAL E 213 -26.23 -8.06 -6.83
CA VAL E 213 -26.11 -6.66 -7.24
C VAL E 213 -27.48 -6.10 -7.62
N LEU E 214 -28.13 -6.72 -8.59
CA LEU E 214 -29.44 -6.26 -9.03
C LEU E 214 -30.47 -6.25 -7.90
N SER E 215 -30.35 -7.20 -6.97
CA SER E 215 -31.28 -7.26 -5.84
C SER E 215 -31.05 -6.05 -4.94
N ASP E 216 -29.86 -5.45 -5.06
CA ASP E 216 -29.53 -4.28 -4.25
C ASP E 216 -29.94 -3.00 -4.94
N LYS E 217 -29.74 -2.93 -6.24
CA LYS E 217 -30.06 -1.72 -7.00
C LYS E 217 -31.52 -1.57 -7.42
N LEU E 218 -32.04 -2.60 -8.06
CA LEU E 218 -33.40 -2.58 -8.57
C LEU E 218 -34.60 -2.19 -7.69
N PRO E 219 -34.67 -2.72 -6.45
CA PRO E 219 -35.78 -2.41 -5.55
C PRO E 219 -36.56 -1.10 -5.73
N GLU E 220 -35.91 0.04 -5.49
CA GLU E 220 -36.59 1.33 -5.64
C GLU E 220 -37.05 1.61 -7.07
N HIS E 221 -36.40 0.98 -8.04
CA HIS E 221 -36.76 1.15 -9.44
C HIS E 221 -38.13 0.51 -9.67
N VAL E 222 -38.32 -0.65 -9.05
CA VAL E 222 -39.54 -1.41 -9.18
C VAL E 222 -40.72 -0.69 -8.55
N THR E 223 -40.55 -0.24 -7.30
CA THR E 223 -41.61 0.46 -6.56
C THR E 223 -41.85 1.88 -7.09
N MET E 224 -41.21 2.23 -8.19
CA MET E 224 -41.38 3.55 -8.77
C MET E 224 -42.66 3.59 -9.58
N PRO E 225 -43.51 4.61 -9.36
CA PRO E 225 -44.77 4.74 -10.10
C PRO E 225 -44.48 4.63 -11.58
N ASP E 226 -45.24 3.80 -12.29
CA ASP E 226 -45.00 3.66 -13.71
C ASP E 226 -45.49 4.83 -14.53
N GLY E 227 -44.81 5.08 -15.63
CA GLY E 227 -45.19 6.19 -16.49
C GLY E 227 -44.35 6.15 -17.73
N ASP E 228 -44.58 7.08 -18.64
CA ASP E 228 -43.83 7.12 -19.88
C ASP E 228 -42.85 8.29 -19.94
N PHE E 229 -42.59 8.91 -18.80
CA PHE E 229 -41.66 10.04 -18.77
C PHE E 229 -40.26 9.57 -19.16
N SER E 230 -39.58 10.40 -19.96
CA SER E 230 -38.23 10.10 -20.43
C SER E 230 -37.32 11.31 -20.26
N ILE E 231 -36.29 11.16 -19.43
CA ILE E 231 -35.35 12.24 -19.18
C ILE E 231 -34.71 12.67 -20.50
N ARG E 232 -34.56 11.74 -21.43
CA ARG E 232 -33.97 12.09 -22.71
C ARG E 232 -34.89 13.03 -23.44
N SER E 233 -36.16 12.63 -23.60
CA SER E 233 -37.14 13.44 -24.30
C SER E 233 -37.26 14.80 -23.63
N TRP E 234 -37.30 14.78 -22.31
CA TRP E 234 -37.41 15.99 -21.50
C TRP E 234 -36.31 17.00 -21.84
N LEU E 235 -35.08 16.51 -21.99
CA LEU E 235 -33.95 17.40 -22.33
C LEU E 235 -34.13 18.06 -23.70
N GLU E 236 -34.78 17.33 -24.62
CA GLU E 236 -34.99 17.84 -25.97
C GLU E 236 -36.15 18.84 -26.06
N ASP E 237 -37.10 18.73 -25.13
CA ASP E 237 -38.24 19.65 -25.12
C ASP E 237 -37.86 20.98 -24.45
N PRO E 238 -37.60 22.03 -25.27
CA PRO E 238 -37.22 23.35 -24.74
C PRO E 238 -38.26 23.94 -23.77
N ASN E 239 -39.53 23.77 -24.13
CA ASN E 239 -40.63 24.34 -23.36
C ASN E 239 -40.85 23.55 -22.14
N GLY E 240 -40.12 22.45 -21.95
CA GLY E 240 -40.27 21.65 -20.74
C GLY E 240 -39.67 22.60 -19.72
N GLY E 241 -39.94 22.35 -18.45
CA GLY E 241 -39.32 23.18 -17.47
C GLY E 241 -38.11 22.56 -16.79
N ASN E 242 -38.02 22.76 -15.49
CA ASN E 242 -36.97 22.18 -14.69
C ASN E 242 -37.28 20.84 -13.95
N LEU E 243 -36.23 20.05 -13.77
CA LEU E 243 -36.36 18.74 -13.10
C LEU E 243 -35.90 18.80 -11.64
N PHE E 244 -36.79 18.44 -10.74
CA PHE E 244 -36.46 18.42 -9.32
C PHE E 244 -36.42 16.97 -8.84
N ILE E 245 -35.24 16.52 -8.42
CA ILE E 245 -35.09 15.16 -7.91
C ILE E 245 -35.10 15.31 -6.40
N THR E 246 -36.21 14.96 -5.77
CA THR E 246 -36.33 15.11 -4.33
C THR E 246 -36.49 13.79 -3.58
N TRP E 247 -36.29 13.86 -2.27
CA TRP E 247 -36.41 12.71 -1.39
C TRP E 247 -36.29 13.18 0.05
N ARG E 248 -36.87 12.42 0.96
CA ARG E 248 -36.79 12.79 2.36
C ARG E 248 -35.51 12.21 2.94
N GLU E 249 -34.75 13.05 3.62
CA GLU E 249 -33.49 12.65 4.24
C GLU E 249 -33.44 11.28 4.92
N ASP E 250 -34.46 10.93 5.68
CA ASP E 250 -34.45 9.64 6.36
C ASP E 250 -34.44 8.45 5.40
N MET E 251 -34.74 8.71 4.13
CA MET E 251 -34.74 7.64 3.14
C MET E 251 -33.55 7.77 2.18
N GLY E 252 -32.66 8.70 2.48
CA GLY E 252 -31.49 8.93 1.65
C GLY E 252 -30.79 7.65 1.25
N PRO E 253 -30.32 6.86 2.23
CA PRO E 253 -29.63 5.61 1.89
C PRO E 253 -30.45 4.66 1.03
N ALA E 254 -31.77 4.63 1.23
CA ALA E 254 -32.63 3.76 0.46
C ALA E 254 -32.73 4.18 -1.00
N LEU E 255 -32.81 5.49 -1.23
CA LEU E 255 -32.94 6.00 -2.59
C LEU E 255 -31.61 6.34 -3.22
N ARG E 256 -30.51 6.01 -2.55
CA ARG E 256 -29.19 6.32 -3.08
C ARG E 256 -28.99 5.77 -4.51
N PRO E 257 -29.21 4.46 -4.71
CA PRO E 257 -29.02 3.91 -6.06
C PRO E 257 -29.98 4.41 -7.14
N LEU E 258 -31.16 4.87 -6.74
CA LEU E 258 -32.11 5.35 -7.73
C LEU E 258 -31.73 6.77 -8.16
N ILE E 259 -31.43 7.63 -7.19
CA ILE E 259 -31.05 9.00 -7.48
C ILE E 259 -29.76 9.03 -8.28
N SER E 260 -28.87 8.11 -7.95
CA SER E 260 -27.58 8.01 -8.63
C SER E 260 -27.81 7.63 -10.08
N ALA E 261 -28.90 6.91 -10.33
CA ALA E 261 -29.24 6.48 -11.67
C ALA E 261 -29.78 7.68 -12.45
N TRP E 262 -30.70 8.42 -11.85
CA TRP E 262 -31.26 9.58 -12.54
C TRP E 262 -30.19 10.59 -12.89
N VAL E 263 -29.33 10.90 -11.94
CA VAL E 263 -28.28 11.87 -12.19
C VAL E 263 -27.37 11.38 -13.32
N ASP E 264 -27.04 10.09 -13.31
CA ASP E 264 -26.19 9.55 -14.35
C ASP E 264 -26.89 9.57 -15.71
N VAL E 265 -28.19 9.32 -15.72
CA VAL E 265 -28.96 9.32 -16.95
C VAL E 265 -28.82 10.69 -17.60
N VAL E 266 -28.98 11.73 -16.79
CA VAL E 266 -28.86 13.09 -17.28
C VAL E 266 -27.47 13.28 -17.89
N CYS E 267 -26.47 12.71 -17.23
CA CYS E 267 -25.10 12.85 -17.68
C CYS E 267 -24.75 12.27 -19.03
N THR E 268 -25.21 11.05 -19.33
CA THR E 268 -24.91 10.46 -20.64
C THR E 268 -25.83 11.05 -21.68
N SER E 269 -27.09 11.20 -21.31
CA SER E 269 -28.10 11.72 -22.21
C SER E 269 -27.79 13.07 -22.84
N ILE E 270 -27.22 14.00 -22.08
CA ILE E 270 -26.93 15.30 -22.66
C ILE E 270 -25.94 15.16 -23.82
N LEU E 271 -25.15 14.08 -23.79
CA LEU E 271 -24.17 13.83 -24.85
C LEU E 271 -24.81 13.44 -26.19
N SER E 272 -26.12 13.26 -26.20
CA SER E 272 -26.83 12.89 -27.43
C SER E 272 -27.68 14.02 -27.97
N LEU E 273 -27.95 15.03 -27.13
CA LEU E 273 -28.75 16.18 -27.55
C LEU E 273 -28.09 16.82 -28.77
N PRO E 274 -28.93 17.29 -29.71
CA PRO E 274 -28.31 17.90 -30.91
C PRO E 274 -27.71 19.24 -30.63
N GLU E 275 -26.87 19.77 -31.51
CA GLU E 275 -26.43 20.99 -31.04
C GLU E 275 -27.14 22.24 -31.31
N GLU E 276 -27.29 22.88 -30.15
CA GLU E 276 -27.95 24.09 -29.95
C GLU E 276 -27.02 24.87 -29.01
N PRO E 277 -26.27 25.83 -29.55
CA PRO E 277 -25.33 26.73 -28.90
C PRO E 277 -26.14 27.47 -27.83
N LYS E 278 -27.41 27.79 -28.11
CA LYS E 278 -28.23 28.55 -27.14
C LYS E 278 -28.67 27.79 -25.89
N ARG E 279 -28.48 26.48 -25.86
CA ARG E 279 -28.89 25.71 -24.68
C ARG E 279 -28.04 25.98 -23.45
N ARG E 280 -28.70 26.02 -22.30
CA ARG E 280 -28.06 26.24 -21.01
C ARG E 280 -28.76 25.35 -20.00
N LEU E 281 -28.09 24.28 -19.60
CA LEU E 281 -28.67 23.33 -18.66
C LEU E 281 -27.76 23.18 -17.44
N TRP E 282 -28.28 23.50 -16.26
CA TRP E 282 -27.51 23.37 -15.03
C TRP E 282 -27.80 22.03 -14.36
N LEU E 283 -26.78 21.47 -13.73
CA LEU E 283 -26.93 20.22 -13.01
C LEU E 283 -26.49 20.55 -11.59
N PHE E 284 -27.45 20.74 -10.70
CA PHE E 284 -27.14 21.05 -9.32
C PHE E 284 -27.10 19.80 -8.46
N ILE E 285 -25.92 19.48 -7.94
CA ILE E 285 -25.73 18.33 -7.07
C ILE E 285 -25.32 18.86 -5.70
N ASP E 286 -26.24 18.84 -4.73
CA ASP E 286 -25.98 19.35 -3.39
C ASP E 286 -24.77 18.70 -2.73
N GLU E 287 -24.67 17.37 -2.85
CA GLU E 287 -23.55 16.67 -2.26
C GLU E 287 -23.05 15.56 -3.15
N LEU E 288 -22.04 15.87 -3.95
CA LEU E 288 -21.45 14.92 -4.88
C LEU E 288 -21.03 13.59 -4.22
N ALA E 289 -20.52 13.66 -2.99
CA ALA E 289 -20.06 12.44 -2.32
C ALA E 289 -21.17 11.54 -1.83
N SER E 290 -22.40 12.04 -1.78
CA SER E 290 -23.53 11.23 -1.32
C SER E 290 -24.14 10.34 -2.37
N LEU E 291 -23.70 10.51 -3.62
CA LEU E 291 -24.19 9.68 -4.72
C LEU E 291 -23.21 8.54 -4.86
N GLU E 292 -23.51 7.60 -5.76
CA GLU E 292 -22.61 6.48 -5.97
C GLU E 292 -21.56 6.90 -6.98
N LYS E 293 -20.67 5.97 -7.33
CA LYS E 293 -19.62 6.25 -8.29
C LYS E 293 -20.30 6.32 -9.65
N LEU E 294 -20.62 7.53 -10.10
CA LEU E 294 -21.30 7.75 -11.37
C LEU E 294 -20.45 7.42 -12.59
N ALA E 295 -20.94 6.49 -13.41
CA ALA E 295 -20.23 6.07 -14.61
C ALA E 295 -20.08 7.14 -15.68
N SER E 296 -20.96 8.13 -15.70
CA SER E 296 -20.91 9.13 -16.76
C SER E 296 -20.58 10.57 -16.37
N LEU E 297 -20.49 10.83 -15.07
CA LEU E 297 -20.20 12.17 -14.58
C LEU E 297 -18.95 12.73 -15.24
N ALA E 298 -17.90 11.92 -15.31
CA ALA E 298 -16.64 12.35 -15.92
C ALA E 298 -16.79 12.90 -17.34
N ASP E 299 -17.31 12.08 -18.25
CA ASP E 299 -17.49 12.53 -19.63
C ASP E 299 -18.41 13.76 -19.70
N ALA E 300 -19.45 13.78 -18.88
CA ALA E 300 -20.37 14.91 -18.87
C ALA E 300 -19.62 16.19 -18.55
N LEU E 301 -18.75 16.13 -17.55
CA LEU E 301 -17.97 17.28 -17.13
C LEU E 301 -16.91 17.66 -18.15
N THR E 302 -16.69 16.79 -19.13
CA THR E 302 -15.67 17.04 -20.13
C THR E 302 -16.17 17.26 -21.55
N LYS E 303 -17.31 16.67 -21.89
CA LYS E 303 -17.84 16.80 -23.24
C LYS E 303 -19.22 17.45 -23.24
N GLY E 304 -19.59 18.07 -22.13
CA GLY E 304 -20.89 18.69 -22.06
C GLY E 304 -20.97 20.14 -22.48
N ARG E 305 -19.87 20.70 -22.97
CA ARG E 305 -19.90 22.11 -23.38
C ARG E 305 -20.83 22.35 -24.56
N LYS E 306 -20.79 21.47 -25.57
CA LYS E 306 -21.65 21.61 -26.75
C LYS E 306 -23.12 21.69 -26.32
N ALA E 307 -23.50 20.83 -25.38
CA ALA E 307 -24.87 20.80 -24.88
C ALA E 307 -25.15 21.97 -23.94
N GLY E 308 -24.09 22.65 -23.51
CA GLY E 308 -24.26 23.77 -22.61
C GLY E 308 -24.50 23.32 -21.17
N LEU E 309 -23.92 22.17 -20.83
CA LEU E 309 -24.05 21.60 -19.50
C LEU E 309 -23.24 22.41 -18.50
N ARG E 310 -23.86 22.74 -17.38
CA ARG E 310 -23.21 23.50 -16.33
C ARG E 310 -23.43 22.74 -15.03
N VAL E 311 -22.36 22.17 -14.48
CA VAL E 311 -22.48 21.40 -13.26
C VAL E 311 -21.98 22.17 -12.05
N VAL E 312 -22.76 22.12 -10.98
CA VAL E 312 -22.40 22.78 -9.73
C VAL E 312 -22.60 21.72 -8.66
N ALA E 313 -21.52 21.39 -7.95
CA ALA E 313 -21.59 20.37 -6.92
C ALA E 313 -21.06 20.82 -5.57
N GLY E 314 -21.71 20.36 -4.51
CA GLY E 314 -21.28 20.69 -3.17
C GLY E 314 -20.39 19.57 -2.68
N LEU E 315 -19.48 19.87 -1.76
CA LEU E 315 -18.57 18.86 -1.26
C LEU E 315 -18.09 19.25 0.13
N GLN E 316 -18.02 18.30 1.06
CA GLN E 316 -17.56 18.62 2.41
C GLN E 316 -16.10 18.27 2.64
N SER E 317 -15.78 16.98 2.55
CA SER E 317 -14.40 16.54 2.71
C SER E 317 -13.91 15.89 1.43
N THR E 318 -12.65 16.11 1.13
CA THR E 318 -12.06 15.53 -0.08
C THR E 318 -11.94 14.03 0.15
N SER E 319 -11.88 13.65 1.43
CA SER E 319 -11.77 12.25 1.80
C SER E 319 -13.02 11.46 1.40
N GLN E 320 -14.16 12.14 1.33
CA GLN E 320 -15.41 11.48 0.92
C GLN E 320 -15.31 11.05 -0.52
N LEU E 321 -15.19 12.02 -1.41
CA LEU E 321 -15.08 11.76 -2.84
C LEU E 321 -14.06 10.66 -3.08
N ASP E 322 -12.94 10.72 -2.35
CA ASP E 322 -11.87 9.73 -2.44
C ASP E 322 -12.38 8.33 -2.13
N ASP E 323 -13.09 8.20 -1.02
CA ASP E 323 -13.61 6.91 -0.61
C ASP E 323 -14.65 6.36 -1.59
N VAL E 324 -15.32 7.23 -2.34
CA VAL E 324 -16.33 6.79 -3.30
C VAL E 324 -15.73 6.47 -4.67
N TYR E 325 -14.97 7.41 -5.24
CA TYR E 325 -14.38 7.19 -6.56
C TYR E 325 -12.97 6.62 -6.52
N GLY E 326 -12.28 6.78 -5.41
CA GLY E 326 -10.92 6.29 -5.30
C GLY E 326 -10.05 7.52 -5.53
N VAL E 327 -8.87 7.57 -4.94
CA VAL E 327 -8.00 8.71 -5.08
C VAL E 327 -7.75 9.17 -6.51
N LYS E 328 -7.16 8.30 -7.33
CA LYS E 328 -6.85 8.65 -8.72
C LYS E 328 -8.06 9.20 -9.45
N GLU E 329 -9.15 8.44 -9.41
CA GLU E 329 -10.38 8.80 -10.07
C GLU E 329 -10.99 10.09 -9.52
N ALA E 330 -11.02 10.23 -8.19
CA ALA E 330 -11.57 11.43 -7.56
C ALA E 330 -10.76 12.68 -7.94
N GLN E 331 -9.45 12.52 -8.09
CA GLN E 331 -8.59 13.63 -8.47
C GLN E 331 -9.01 14.14 -9.83
N THR E 332 -9.21 13.22 -10.76
CA THR E 332 -9.63 13.57 -12.12
C THR E 332 -10.99 14.25 -12.08
N LEU E 333 -11.87 13.75 -11.23
CA LEU E 333 -13.21 14.30 -11.12
C LEU E 333 -13.13 15.74 -10.67
N ARG E 334 -12.44 15.98 -9.56
CA ARG E 334 -12.30 17.34 -9.05
C ARG E 334 -11.64 18.24 -10.07
N ALA E 335 -10.61 17.72 -10.73
CA ALA E 335 -9.87 18.50 -11.72
C ALA E 335 -10.77 19.02 -12.84
N SER E 336 -11.91 18.36 -13.03
CA SER E 336 -12.83 18.72 -14.09
C SER E 336 -13.66 19.97 -13.79
N PHE E 337 -13.69 20.37 -12.52
CA PHE E 337 -14.42 21.58 -12.09
C PHE E 337 -13.40 22.73 -12.09
N ARG E 338 -13.45 23.58 -13.12
CA ARG E 338 -12.49 24.68 -13.24
C ARG E 338 -12.61 25.80 -12.19
N SER E 339 -13.82 26.11 -11.76
CA SER E 339 -14.03 27.17 -10.77
C SER E 339 -14.23 26.59 -9.38
N LEU E 340 -13.60 27.21 -8.38
CA LEU E 340 -13.67 26.72 -7.02
C LEU E 340 -14.18 27.74 -6.00
N VAL E 341 -14.82 27.27 -4.95
CA VAL E 341 -15.34 28.12 -3.89
C VAL E 341 -15.03 27.42 -2.58
N VAL E 342 -14.28 28.08 -1.71
CA VAL E 342 -13.90 27.52 -0.43
C VAL E 342 -14.59 28.22 0.74
N LEU E 343 -15.46 27.47 1.42
CA LEU E 343 -16.23 27.99 2.55
C LEU E 343 -15.65 27.77 3.95
N GLY E 344 -14.40 27.37 4.04
CA GLY E 344 -13.82 27.17 5.36
C GLY E 344 -14.34 25.92 6.04
N GLY E 345 -13.41 25.09 6.48
CA GLY E 345 -13.77 23.85 7.14
C GLY E 345 -13.47 23.80 8.62
N SER E 346 -13.61 22.61 9.19
CA SER E 346 -13.38 22.38 10.61
C SER E 346 -11.90 22.29 10.94
N ARG E 347 -11.53 22.69 12.15
CA ARG E 347 -10.12 22.63 12.53
C ARG E 347 -9.72 21.21 12.91
N THR E 348 -10.69 20.31 13.01
CA THR E 348 -10.37 18.93 13.36
C THR E 348 -9.91 18.18 12.14
N ASP E 349 -10.00 18.83 10.98
CA ASP E 349 -9.59 18.22 9.73
C ASP E 349 -8.56 19.09 9.00
N PRO E 350 -7.31 19.09 9.48
CA PRO E 350 -6.22 19.87 8.90
C PRO E 350 -5.83 19.46 7.49
N LYS E 351 -6.11 18.23 7.10
CA LYS E 351 -5.76 17.77 5.77
C LYS E 351 -6.53 18.54 4.71
N THR E 352 -7.85 18.58 4.86
CA THR E 352 -8.65 19.29 3.88
C THR E 352 -8.28 20.78 3.86
N ASN E 353 -8.08 21.38 5.02
CA ASN E 353 -7.71 22.79 5.07
C ASN E 353 -6.41 22.99 4.31
N GLU E 354 -5.54 21.99 4.37
CA GLU E 354 -4.27 22.06 3.65
C GLU E 354 -4.55 21.99 2.15
N ASP E 355 -5.39 21.04 1.74
CA ASP E 355 -5.72 20.89 0.34
C ASP E 355 -6.33 22.16 -0.22
N MET E 356 -7.30 22.69 0.50
CA MET E 356 -7.96 23.92 0.09
C MET E 356 -6.97 25.07 0.03
N SER E 357 -6.08 25.13 1.00
CA SER E 357 -5.08 26.17 1.04
C SER E 357 -4.22 26.05 -0.20
N LEU E 358 -3.71 24.85 -0.45
CA LEU E 358 -2.86 24.58 -1.60
C LEU E 358 -3.62 24.83 -2.90
N SER E 359 -4.91 24.49 -2.91
CA SER E 359 -5.72 24.70 -4.11
C SER E 359 -5.81 26.18 -4.42
N LEU E 360 -6.03 27.00 -3.39
CA LEU E 360 -6.11 28.44 -3.58
C LEU E 360 -4.77 28.98 -4.09
N GLY E 361 -3.69 28.23 -3.85
CA GLY E 361 -2.38 28.61 -4.35
C GLY E 361 -1.50 29.58 -3.59
N GLU E 362 -0.22 29.61 -3.97
CA GLU E 362 0.75 30.50 -3.36
C GLU E 362 1.01 31.66 -4.29
N HIS E 363 1.78 32.63 -3.82
CA HIS E 363 2.13 33.76 -4.65
C HIS E 363 3.57 34.14 -4.31
N GLU E 364 4.29 34.69 -5.29
CA GLU E 364 5.64 35.14 -5.02
C GLU E 364 5.56 36.65 -4.93
N VAL E 365 6.06 37.17 -3.82
CA VAL E 365 5.95 38.59 -3.54
C VAL E 365 7.23 39.26 -3.13
N GLU E 366 7.25 40.58 -3.32
CA GLU E 366 8.42 41.38 -2.97
C GLU E 366 8.09 42.29 -1.81
N ARG E 367 8.67 41.81 -0.75
CA ARG E 367 8.53 42.45 0.46
C ARG E 367 9.78 42.70 1.09
N ASP E 368 9.70 43.64 2.02
CA ASP E 368 10.71 44.08 3.03
C ASP E 368 10.41 45.58 3.32
N GLU E 385 12.98 39.29 1.50
CA GLU E 385 12.20 40.24 0.63
C GLU E 385 11.52 39.65 -0.60
N ARG E 386 12.02 38.49 -1.02
CA ARG E 386 11.32 37.80 -2.08
C ARG E 386 10.78 36.72 -1.26
N VAL E 387 9.48 36.54 -1.31
CA VAL E 387 8.87 35.50 -0.51
C VAL E 387 7.76 34.76 -1.27
N ARG E 388 7.68 33.46 -1.03
CA ARG E 388 6.66 32.60 -1.62
C ARG E 388 5.78 32.25 -0.44
N GLU E 389 4.48 32.34 -0.58
CA GLU E 389 3.62 32.04 0.55
C GLU E 389 2.22 31.73 0.09
N ARG E 390 1.46 31.03 0.92
CA ARG E 390 0.08 30.69 0.60
C ARG E 390 -0.72 31.97 0.73
N VAL E 391 -1.56 32.26 -0.26
CA VAL E 391 -2.39 33.45 -0.20
C VAL E 391 -3.36 33.28 0.94
N VAL E 392 -3.80 32.05 1.17
CA VAL E 392 -4.72 31.74 2.25
C VAL E 392 -4.18 30.55 3.01
N MET E 393 -3.81 30.76 4.27
CA MET E 393 -3.26 29.72 5.11
C MET E 393 -4.30 28.68 5.49
N PRO E 394 -3.85 27.44 5.78
CA PRO E 394 -4.83 26.42 6.16
C PRO E 394 -5.60 26.92 7.39
N ALA E 395 -4.88 27.57 8.30
CA ALA E 395 -5.49 28.11 9.49
C ALA E 395 -6.54 29.16 9.15
N GLU E 396 -6.27 30.00 8.15
CA GLU E 396 -7.24 31.02 7.77
C GLU E 396 -8.54 30.36 7.34
N ILE E 397 -8.43 29.25 6.61
CA ILE E 397 -9.62 28.55 6.16
C ILE E 397 -10.34 27.87 7.33
N ALA E 398 -9.59 27.48 8.35
CA ALA E 398 -10.19 26.83 9.50
C ALA E 398 -10.83 27.83 10.44
N ASN E 399 -10.53 29.12 10.24
CA ASN E 399 -11.09 30.15 11.09
C ASN E 399 -12.20 30.95 10.43
N LEU E 400 -12.53 30.63 9.18
CA LEU E 400 -13.62 31.34 8.50
C LEU E 400 -14.96 31.20 9.24
N PRO E 401 -15.68 32.33 9.39
CA PRO E 401 -16.97 32.21 10.08
C PRO E 401 -17.94 31.70 9.02
N ASP E 402 -19.05 31.10 9.42
CA ASP E 402 -20.01 30.61 8.43
C ASP E 402 -20.40 31.74 7.46
N LEU E 403 -21.02 31.36 6.33
CA LEU E 403 -21.45 32.33 5.32
C LEU E 403 -20.35 33.27 4.80
N THR E 404 -19.10 32.78 4.80
CA THR E 404 -17.96 33.54 4.30
C THR E 404 -17.20 32.61 3.36
N ALA E 405 -16.91 33.07 2.15
CA ALA E 405 -16.24 32.20 1.20
C ALA E 405 -15.20 32.82 0.31
N TYR E 406 -14.24 32.00 -0.11
CA TYR E 406 -13.21 32.44 -1.03
C TYR E 406 -13.74 32.04 -2.39
N VAL E 407 -13.76 32.97 -3.34
CA VAL E 407 -14.25 32.68 -4.66
C VAL E 407 -13.12 32.74 -5.67
N GLY E 408 -12.83 31.62 -6.30
CA GLY E 408 -11.77 31.55 -7.28
C GLY E 408 -12.26 31.02 -8.62
N PHE E 409 -12.72 31.92 -9.48
CA PHE E 409 -13.23 31.53 -10.79
C PHE E 409 -12.14 30.96 -11.67
N ALA E 410 -12.55 30.12 -12.61
CA ALA E 410 -11.62 29.48 -13.53
C ALA E 410 -10.86 30.50 -14.37
N GLY E 411 -9.66 30.12 -14.79
CA GLY E 411 -8.86 31.01 -15.61
C GLY E 411 -7.96 31.98 -14.87
N ASN E 412 -7.58 33.05 -15.55
CA ASN E 412 -6.69 34.04 -14.98
C ASN E 412 -7.42 35.17 -14.27
N ARG E 413 -8.03 34.86 -13.12
CA ARG E 413 -8.73 35.89 -12.36
C ARG E 413 -8.34 35.74 -10.88
N PRO E 414 -8.28 36.86 -10.14
CA PRO E 414 -7.92 36.81 -8.72
C PRO E 414 -9.02 36.21 -7.87
N ILE E 415 -8.66 35.74 -6.69
CA ILE E 415 -9.65 35.16 -5.79
C ILE E 415 -10.05 36.28 -4.85
N ALA E 416 -11.16 36.09 -4.15
CA ALA E 416 -11.62 37.11 -3.21
C ALA E 416 -12.42 36.48 -2.09
N LYS E 417 -12.35 37.10 -0.92
CA LYS E 417 -13.07 36.64 0.26
C LYS E 417 -14.35 37.47 0.29
N VAL E 418 -15.47 36.81 0.03
CA VAL E 418 -16.75 37.49 -0.03
C VAL E 418 -17.76 36.97 1.00
N PRO E 419 -18.66 37.84 1.48
CA PRO E 419 -19.67 37.44 2.45
C PRO E 419 -20.88 36.87 1.72
N LEU E 420 -21.38 35.74 2.22
CA LEU E 420 -22.53 35.08 1.61
C LEU E 420 -23.80 35.54 2.34
N GLU E 421 -24.70 36.21 1.62
CA GLU E 421 -25.93 36.69 2.25
C GLU E 421 -27.07 35.67 2.17
N ILE E 422 -27.78 35.52 3.28
CA ILE E 422 -28.91 34.59 3.35
C ILE E 422 -30.16 35.22 2.80
N LYS E 423 -30.42 35.02 1.51
CA LYS E 423 -31.62 35.59 0.93
C LYS E 423 -32.85 34.74 1.31
N GLN E 424 -33.99 35.40 1.48
CA GLN E 424 -35.23 34.71 1.83
C GLN E 424 -36.13 34.44 0.63
N PHE E 425 -36.59 33.19 0.50
CA PHE E 425 -37.47 32.83 -0.61
C PHE E 425 -38.80 32.28 -0.11
N ALA E 426 -39.89 32.85 -0.65
CA ALA E 426 -41.26 32.46 -0.31
C ALA E 426 -41.55 31.03 -0.77
N ASN E 427 -42.22 30.25 0.08
CA ASN E 427 -42.54 28.87 -0.27
C ASN E 427 -43.76 28.75 -1.16
N ARG E 428 -43.51 28.93 -2.46
CA ARG E 428 -44.54 28.86 -3.49
C ARG E 428 -44.93 27.45 -3.92
N GLN E 429 -44.91 26.50 -2.99
CA GLN E 429 -45.28 25.11 -3.29
C GLN E 429 -44.80 24.17 -2.18
N PRO E 430 -45.58 23.13 -1.89
CA PRO E 430 -45.16 22.20 -0.83
C PRO E 430 -43.96 21.37 -1.24
N ALA E 431 -43.06 21.13 -0.28
CA ALA E 431 -41.85 20.36 -0.54
C ALA E 431 -42.13 18.89 -0.81
N PHE E 432 -43.08 18.32 -0.10
CA PHE E 432 -43.41 16.91 -0.24
C PHE E 432 -44.92 16.72 -0.21
N VAL E 433 -45.43 15.76 -0.96
CA VAL E 433 -46.86 15.49 -1.00
C VAL E 433 -47.17 14.00 -1.01
N GLU E 434 -47.83 13.54 0.05
CA GLU E 434 -48.23 12.15 0.25
C GLU E 434 -47.09 11.27 0.80
N GLY F 7 -0.16 36.18 24.57
CA GLY F 7 -1.54 36.77 25.59
C GLY F 7 -2.51 35.70 25.30
N GLU F 8 -1.92 35.22 26.30
CA GLU F 8 -1.45 33.94 26.20
C GLU F 8 -1.04 32.74 25.73
N PHE F 9 -0.15 32.79 24.63
CA PHE F 9 0.87 31.95 24.17
C PHE F 9 2.21 31.43 24.51
N GLY F 10 2.37 30.07 24.34
CA GLY F 10 3.68 29.47 24.72
C GLY F 10 5.00 29.93 24.05
N GLY F 11 4.99 30.37 22.79
CA GLY F 11 6.23 30.74 22.15
C GLY F 11 6.70 32.11 22.53
N ALA F 12 7.67 32.58 21.78
CA ALA F 12 8.25 33.90 21.99
C ALA F 12 7.19 34.96 21.72
N PRO F 13 7.11 35.99 22.58
CA PRO F 13 6.14 37.07 22.40
C PRO F 13 6.36 37.74 21.05
N PHE F 14 5.29 38.29 20.49
CA PHE F 14 5.42 38.95 19.20
C PHE F 14 4.86 40.37 19.18
N LYS F 15 5.30 41.13 18.18
CA LYS F 15 4.87 42.51 17.98
C LYS F 15 3.47 42.61 17.39
N ARG F 16 3.25 41.90 16.28
CA ARG F 16 1.95 41.97 15.60
C ARG F 16 1.43 40.63 15.06
N PHE F 17 0.13 40.41 15.17
CA PHE F 17 -0.47 39.17 14.67
C PHE F 17 -0.96 39.40 13.24
N LEU F 18 -0.63 38.49 12.33
CA LEU F 18 -1.03 38.61 10.93
C LEU F 18 -2.25 37.78 10.53
N ARG F 19 -2.13 36.46 10.64
CA ARG F 19 -3.24 35.56 10.31
C ARG F 19 -3.07 34.21 10.98
N GLY F 20 -4.07 33.35 10.83
CA GLY F 20 -4.01 32.01 11.39
C GLY F 20 -4.74 31.83 12.69
N THR F 21 -4.41 30.76 13.40
CA THR F 21 -5.05 30.50 14.67
C THR F 21 -4.55 31.50 15.69
N ARG F 22 -5.49 32.06 16.44
CA ARG F 22 -5.19 33.03 17.48
C ARG F 22 -5.45 32.44 18.85
N ILE F 23 -4.50 32.59 19.76
CA ILE F 23 -4.68 32.06 21.11
C ILE F 23 -4.94 33.20 22.08
N VAL F 24 -5.84 32.93 23.03
CA VAL F 24 -6.24 33.93 24.01
C VAL F 24 -6.25 33.30 25.41
N SER F 25 -6.29 34.13 26.46
CA SER F 25 -6.29 33.63 27.83
C SER F 25 -7.63 32.99 28.18
N GLY F 26 -7.60 32.04 29.12
CA GLY F 26 -8.81 31.35 29.52
C GLY F 26 -9.95 32.31 29.81
N GLY F 27 -9.68 33.29 30.69
CA GLY F 27 -10.69 34.26 31.03
C GLY F 27 -11.16 35.07 29.84
N LYS F 28 -10.23 35.45 28.96
CA LYS F 28 -10.64 36.25 27.82
C LYS F 28 -11.62 35.52 26.90
N LEU F 29 -11.42 34.22 26.73
CA LEU F 29 -12.31 33.43 25.88
C LEU F 29 -13.67 33.33 26.57
N LYS F 30 -13.64 33.09 27.88
CA LYS F 30 -14.88 32.98 28.64
C LYS F 30 -15.72 34.23 28.44
N ARG F 31 -15.06 35.38 28.37
CA ARG F 31 -15.76 36.64 28.16
C ARG F 31 -16.30 36.64 26.75
N MET F 32 -15.42 36.35 25.80
CA MET F 32 -15.76 36.34 24.40
C MET F 32 -16.93 35.43 24.03
N THR F 33 -16.92 34.21 24.54
CA THR F 33 -17.99 33.26 24.22
C THR F 33 -19.25 33.39 25.06
N ARG F 34 -19.19 34.18 26.11
CA ARG F 34 -20.37 34.35 26.95
C ARG F 34 -21.52 34.93 26.15
N GLU F 35 -22.69 34.37 26.38
CA GLU F 35 -23.88 34.83 25.68
C GLU F 35 -25.04 35.12 26.61
N LYS F 36 -26.02 35.82 26.04
CA LYS F 36 -27.23 36.22 26.73
C LYS F 36 -28.02 35.01 27.22
N ALA F 37 -28.39 34.12 26.30
CA ALA F 37 -29.17 32.94 26.64
C ALA F 37 -28.40 32.01 27.57
N LYS F 38 -29.09 30.98 28.06
CA LYS F 38 -28.45 29.99 28.92
C LYS F 38 -27.52 29.14 28.06
N GLN F 39 -26.31 28.90 28.57
CA GLN F 39 -25.33 28.11 27.83
C GLN F 39 -24.83 26.94 28.66
N VAL F 40 -24.12 26.03 28.00
CA VAL F 40 -23.53 24.88 28.66
C VAL F 40 -22.04 25.21 28.67
N THR F 41 -21.27 24.53 29.51
CA THR F 41 -19.84 24.84 29.56
C THR F 41 -18.90 23.70 29.19
N VAL F 42 -17.78 24.09 28.57
CA VAL F 42 -16.74 23.16 28.15
C VAL F 42 -15.51 23.60 28.94
N ALA F 43 -15.16 22.83 29.96
CA ALA F 43 -14.00 23.16 30.78
C ALA F 43 -14.17 24.57 31.36
N GLY F 44 -15.38 24.87 31.80
CA GLY F 44 -15.64 26.17 32.38
C GLY F 44 -15.81 27.32 31.38
N VAL F 45 -15.76 27.01 30.09
CA VAL F 45 -15.92 28.04 29.08
C VAL F 45 -17.31 27.94 28.49
N PRO F 46 -18.11 29.01 28.59
CA PRO F 46 -19.46 28.98 28.03
C PRO F 46 -19.39 28.72 26.53
N MET F 47 -20.08 27.68 26.08
CA MET F 47 -20.08 27.30 24.67
C MET F 47 -21.06 28.10 23.83
N PRO F 48 -20.57 28.68 22.73
CA PRO F 48 -21.45 29.46 21.85
C PRO F 48 -22.66 28.60 21.44
N ARG F 49 -23.85 29.17 21.55
CA ARG F 49 -25.07 28.46 21.20
C ARG F 49 -25.04 27.82 19.81
N ASP F 50 -24.62 28.59 18.81
CA ASP F 50 -24.57 28.10 17.44
C ASP F 50 -23.59 26.94 17.21
N ALA F 51 -22.64 26.78 18.13
CA ALA F 51 -21.64 25.74 18.01
C ALA F 51 -22.13 24.40 18.55
N GLU F 52 -23.21 24.44 19.31
CA GLU F 52 -23.76 23.21 19.90
C GLU F 52 -24.13 22.13 18.89
N PRO F 53 -24.96 22.46 17.89
CA PRO F 53 -25.33 21.44 16.91
C PRO F 53 -24.25 21.15 15.86
N ARG F 54 -23.07 21.76 16.04
CA ARG F 54 -21.94 21.54 15.13
C ARG F 54 -21.07 20.45 15.73
N HIS F 55 -21.46 20.00 16.92
CA HIS F 55 -20.78 18.93 17.63
C HIS F 55 -19.41 19.26 18.19
N LEU F 56 -18.99 18.45 19.17
CA LEU F 56 -17.72 18.62 19.87
C LEU F 56 -16.96 17.31 19.99
N LEU F 57 -15.67 17.35 19.65
CA LEU F 57 -14.81 16.18 19.73
C LEU F 57 -13.78 16.46 20.82
N VAL F 58 -13.76 15.61 21.84
CA VAL F 58 -12.83 15.79 22.94
C VAL F 58 -11.75 14.74 22.87
N ASN F 59 -10.59 15.13 22.35
CA ASN F 59 -9.45 14.22 22.20
C ASN F 59 -8.50 14.36 23.38
N GLY F 60 -8.09 13.23 23.96
CA GLY F 60 -7.17 13.28 25.08
C GLY F 60 -6.70 11.93 25.57
N ALA F 61 -5.44 11.89 26.01
CA ALA F 61 -4.85 10.65 26.52
C ALA F 61 -5.64 10.10 27.68
N THR F 62 -5.44 8.82 27.95
CA THR F 62 -6.13 8.14 29.05
C THR F 62 -5.76 8.79 30.38
N GLY F 63 -6.79 9.19 31.13
CA GLY F 63 -6.57 9.81 32.43
C GLY F 63 -6.33 11.31 32.44
N THR F 64 -6.72 11.99 31.36
CA THR F 64 -6.51 13.42 31.27
C THR F 64 -7.74 14.27 31.61
N GLY F 65 -8.93 13.66 31.59
CA GLY F 65 -10.12 14.41 31.93
C GLY F 65 -11.29 14.39 30.95
N LYS F 66 -11.24 13.57 29.92
CA LYS F 66 -12.34 13.53 28.97
C LYS F 66 -13.65 13.33 29.72
N SER F 67 -13.65 12.37 30.65
CA SER F 67 -14.84 12.04 31.42
C SER F 67 -15.31 13.21 32.31
N VAL F 68 -14.36 13.89 32.93
CA VAL F 68 -14.69 15.04 33.76
C VAL F 68 -15.38 16.06 32.87
N LEU F 69 -14.75 16.37 31.74
CA LEU F 69 -15.29 17.35 30.82
C LEU F 69 -16.69 17.01 30.32
N LEU F 70 -16.89 15.77 29.90
CA LEU F 70 -18.21 15.36 29.40
C LEU F 70 -19.27 15.39 30.50
N ARG F 71 -18.87 15.03 31.72
CA ARG F 71 -19.81 15.02 32.84
C ARG F 71 -20.27 16.44 33.13
N GLU F 72 -19.34 17.40 33.07
CA GLU F 72 -19.67 18.79 33.30
C GLU F 72 -20.61 19.29 32.20
N LEU F 73 -20.28 18.94 30.96
CA LEU F 73 -21.10 19.37 29.84
C LEU F 73 -22.52 18.86 30.02
N ALA F 74 -22.62 17.55 30.29
CA ALA F 74 -23.91 16.90 30.51
C ALA F 74 -24.70 17.62 31.59
N TYR F 75 -24.04 17.83 32.72
CA TYR F 75 -24.61 18.50 33.88
C TYR F 75 -25.23 19.87 33.52
N THR F 76 -24.41 20.78 33.01
CA THR F 76 -24.93 22.10 32.67
C THR F 76 -26.02 21.99 31.61
N GLY F 77 -25.97 20.91 30.83
CA GLY F 77 -26.98 20.71 29.82
C GLY F 77 -28.31 20.36 30.48
N LEU F 78 -28.22 19.57 31.55
CA LEU F 78 -29.41 19.16 32.29
C LEU F 78 -30.01 20.36 33.01
N LEU F 79 -29.16 21.23 33.53
CA LEU F 79 -29.61 22.42 34.23
C LEU F 79 -30.44 23.27 33.29
N ARG F 80 -30.09 23.24 32.01
CA ARG F 80 -30.82 24.03 31.02
C ARG F 80 -32.06 23.27 30.62
N GLY F 81 -32.17 22.05 31.11
CA GLY F 81 -33.32 21.21 30.80
C GLY F 81 -33.33 20.50 29.47
N ASP F 82 -32.15 20.31 28.86
CA ASP F 82 -32.09 19.62 27.59
C ASP F 82 -32.18 18.11 27.78
N ARG F 83 -32.66 17.41 26.76
CA ARG F 83 -32.76 15.96 26.85
C ARG F 83 -31.43 15.42 26.31
N MET F 84 -31.13 14.16 26.67
CA MET F 84 -29.90 13.57 26.20
C MET F 84 -29.86 12.04 26.28
N VAL F 85 -29.03 11.46 25.42
CA VAL F 85 -28.83 10.02 25.37
C VAL F 85 -27.37 9.92 25.77
N ILE F 86 -27.10 9.15 26.82
CA ILE F 86 -25.73 9.03 27.28
C ILE F 86 -25.17 7.62 27.24
N VAL F 87 -24.14 7.41 26.42
CA VAL F 87 -23.49 6.12 26.36
C VAL F 87 -22.69 6.17 27.65
N ASP F 88 -23.26 5.61 28.70
CA ASP F 88 -22.68 5.67 30.03
C ASP F 88 -22.06 4.40 30.62
N PRO F 89 -20.72 4.34 30.63
CA PRO F 89 -19.97 3.18 31.16
C PRO F 89 -20.14 3.08 32.67
N ASN F 90 -20.33 1.86 33.16
CA ASN F 90 -20.50 1.61 34.59
C ASN F 90 -21.62 2.45 35.22
N GLY F 91 -22.50 2.98 34.38
CA GLY F 91 -23.61 3.78 34.86
C GLY F 91 -23.18 4.94 35.74
N ASP F 92 -22.00 5.49 35.47
CA ASP F 92 -21.52 6.62 36.25
C ASP F 92 -22.46 7.83 36.12
N MET F 93 -22.73 8.27 34.89
CA MET F 93 -23.63 9.40 34.66
C MET F 93 -25.03 9.11 35.23
N LEU F 94 -25.46 7.85 35.12
CA LEU F 94 -26.76 7.43 35.63
C LEU F 94 -26.88 7.64 37.14
N SER F 95 -25.87 7.19 37.87
CA SER F 95 -25.87 7.31 39.33
C SER F 95 -25.78 8.76 39.79
N LYS F 96 -25.39 9.67 38.89
CA LYS F 96 -25.25 11.08 39.26
C LYS F 96 -26.43 11.96 38.83
N PHE F 97 -26.88 11.80 37.59
CA PHE F 97 -27.96 12.64 37.08
C PHE F 97 -29.24 11.89 36.71
N GLY F 98 -29.26 10.59 36.99
CA GLY F 98 -30.43 9.79 36.68
C GLY F 98 -31.62 10.08 37.57
N ARG F 99 -32.77 10.37 36.96
CA ARG F 99 -33.99 10.65 37.70
C ARG F 99 -34.91 9.45 37.54
N ASP F 100 -36.13 9.57 38.06
CA ASP F 100 -37.10 8.49 37.98
C ASP F 100 -37.79 8.42 36.62
N LYS F 101 -38.02 9.59 36.02
CA LYS F 101 -38.67 9.63 34.72
C LYS F 101 -37.68 9.22 33.61
N ASP F 102 -36.41 9.04 33.98
CA ASP F 102 -35.38 8.67 33.03
C ASP F 102 -35.37 7.18 32.66
N ILE F 103 -34.88 6.90 31.46
CA ILE F 103 -34.80 5.56 30.90
C ILE F 103 -33.42 4.90 31.00
N ILE F 104 -33.40 3.58 31.14
CA ILE F 104 -32.17 2.81 31.23
C ILE F 104 -32.19 1.64 30.26
N LEU F 105 -31.15 1.53 29.45
CA LEU F 105 -31.06 0.40 28.51
C LEU F 105 -29.80 -0.38 28.87
N ASN F 106 -30.01 -1.58 29.40
CA ASN F 106 -28.93 -2.47 29.82
C ASN F 106 -29.57 -3.83 30.03
N PRO F 107 -29.24 -4.80 29.16
CA PRO F 107 -29.83 -6.14 29.31
C PRO F 107 -29.67 -6.78 30.68
N TYR F 108 -28.68 -6.32 31.44
CA TYR F 108 -28.43 -6.92 32.76
C TYR F 108 -28.87 -6.10 33.96
N ASP F 109 -29.42 -4.91 33.73
CA ASP F 109 -29.87 -4.08 34.84
C ASP F 109 -31.38 -4.27 35.01
N GLN F 110 -31.78 -4.52 36.25
CA GLN F 110 -33.18 -4.72 36.58
C GLN F 110 -34.13 -3.62 36.12
N ARG F 111 -33.61 -2.39 36.06
CA ARG F 111 -34.42 -1.24 35.68
C ARG F 111 -34.56 -1.03 34.18
N THR F 112 -33.86 -1.84 33.38
CA THR F 112 -33.90 -1.70 31.94
C THR F 112 -35.30 -1.85 31.34
N LYS F 113 -35.55 -1.16 30.24
CA LYS F 113 -36.84 -1.27 29.57
C LYS F 113 -36.71 -2.53 28.73
N GLY F 114 -37.84 -3.00 28.20
CA GLY F 114 -37.82 -4.18 27.35
C GLY F 114 -37.67 -3.65 25.94
N TRP F 115 -36.81 -4.27 25.14
CA TRP F 115 -36.60 -3.79 23.78
C TRP F 115 -36.16 -4.86 22.76
N SER F 116 -36.49 -4.57 21.52
CA SER F 116 -36.18 -5.41 20.37
C SER F 116 -36.20 -4.41 19.22
N PHE F 117 -35.38 -4.63 18.19
CA PHE F 117 -35.37 -3.70 17.08
C PHE F 117 -36.70 -3.70 16.34
N PHE F 118 -37.53 -4.72 16.60
CA PHE F 118 -38.85 -4.80 15.97
C PHE F 118 -39.62 -3.55 16.35
N ASN F 119 -39.49 -3.15 17.62
CA ASN F 119 -40.16 -1.97 18.16
C ASN F 119 -39.93 -0.66 17.40
N GLU F 120 -38.94 -0.66 16.50
CA GLU F 120 -38.62 0.57 15.77
C GLU F 120 -39.20 0.58 14.35
N ILE F 121 -39.61 -0.59 13.87
CA ILE F 121 -40.17 -0.72 12.52
C ILE F 121 -41.54 -0.05 12.41
N ARG F 122 -41.68 0.88 11.44
CA ARG F 122 -42.95 1.57 11.24
C ARG F 122 -43.38 1.59 9.76
N ASN F 123 -42.41 1.50 8.86
CA ASN F 123 -42.65 1.48 7.41
C ASN F 123 -41.79 0.38 6.83
N ASP F 124 -41.94 0.11 5.53
CA ASP F 124 -41.13 -0.95 4.94
C ASP F 124 -39.64 -0.62 4.85
N TYR F 125 -39.30 0.62 4.50
CA TYR F 125 -37.90 0.98 4.39
C TYR F 125 -37.17 0.91 5.74
N ASP F 126 -37.93 0.75 6.83
CA ASP F 126 -37.34 0.66 8.15
C ASP F 126 -36.63 -0.66 8.43
N TRP F 127 -36.99 -1.72 7.72
CA TRP F 127 -36.32 -2.99 7.95
C TRP F 127 -34.82 -2.90 7.68
N GLN F 128 -34.44 -2.55 6.45
CA GLN F 128 -33.02 -2.42 6.14
C GLN F 128 -32.42 -1.33 7.03
N ARG F 129 -33.18 -0.24 7.21
CA ARG F 129 -32.73 0.88 8.01
C ARG F 129 -32.18 0.45 9.37
N TYR F 130 -32.89 -0.44 10.05
CA TYR F 130 -32.45 -0.90 11.36
C TYR F 130 -31.65 -2.18 11.33
N ALA F 131 -31.62 -2.83 10.17
CA ALA F 131 -30.83 -4.04 10.05
C ALA F 131 -29.41 -3.47 10.00
N LEU F 132 -29.32 -2.22 9.53
CA LEU F 132 -28.06 -1.50 9.42
C LEU F 132 -27.56 -1.12 10.80
N SER F 133 -28.46 -1.15 11.78
CA SER F 133 -28.10 -0.82 13.15
C SER F 133 -27.71 -2.07 13.92
N VAL F 134 -28.46 -3.15 13.68
CA VAL F 134 -28.20 -4.42 14.34
C VAL F 134 -26.87 -5.00 13.87
N VAL F 135 -26.63 -4.88 12.57
CA VAL F 135 -25.40 -5.37 11.95
C VAL F 135 -24.62 -4.17 11.41
N PRO F 136 -23.75 -3.58 12.25
CA PRO F 136 -22.95 -2.42 11.84
C PRO F 136 -22.03 -2.70 10.65
N ARG F 137 -21.41 -1.67 10.10
CA ARG F 137 -20.52 -1.84 8.95
C ARG F 137 -19.32 -2.73 9.25
N GLY F 138 -18.88 -3.46 8.24
CA GLY F 138 -17.73 -4.32 8.41
C GLY F 138 -16.44 -3.53 8.45
N LYS F 139 -15.45 -4.06 9.15
CA LYS F 139 -14.16 -3.38 9.28
C LYS F 139 -13.47 -3.29 7.93
N THR F 140 -13.46 -4.40 7.22
CA THR F 140 -12.84 -4.50 5.90
C THR F 140 -13.91 -4.68 4.83
N ASP F 141 -13.56 -4.42 3.58
CA ASP F 141 -14.52 -4.59 2.50
C ASP F 141 -15.13 -5.98 2.50
N GLU F 142 -14.30 -6.99 2.72
CA GLU F 142 -14.79 -8.36 2.72
C GLU F 142 -15.72 -8.62 3.90
N ALA F 143 -15.39 -8.03 5.05
CA ALA F 143 -16.20 -8.20 6.25
C ALA F 143 -17.57 -7.54 6.05
N GLU F 144 -17.58 -6.44 5.31
CA GLU F 144 -18.81 -5.71 5.04
C GLU F 144 -19.68 -6.49 4.06
N GLU F 145 -19.03 -7.21 3.14
CA GLU F 145 -19.77 -8.01 2.18
C GLU F 145 -20.56 -9.06 2.97
N TRP F 146 -19.91 -9.70 3.95
CA TRP F 146 -20.59 -10.70 4.76
C TRP F 146 -21.72 -10.03 5.49
N ALA F 147 -21.40 -8.90 6.11
CA ALA F 147 -22.38 -8.13 6.85
C ALA F 147 -23.62 -7.92 6.01
N SER F 148 -23.43 -7.50 4.76
CA SER F 148 -24.56 -7.25 3.88
C SER F 148 -25.41 -8.50 3.68
N TYR F 149 -24.77 -9.67 3.57
CA TYR F 149 -25.51 -10.92 3.42
C TYR F 149 -26.29 -11.13 4.70
N GLY F 150 -25.64 -10.84 5.83
CA GLY F 150 -26.31 -10.98 7.11
C GLY F 150 -27.54 -10.10 7.20
N ARG F 151 -27.46 -8.87 6.71
CA ARG F 151 -28.60 -7.97 6.78
C ARG F 151 -29.72 -8.46 5.89
N LEU F 152 -29.37 -9.00 4.73
CA LEU F 152 -30.38 -9.54 3.82
C LEU F 152 -31.13 -10.64 4.56
N LEU F 153 -30.38 -11.57 5.12
CA LEU F 153 -30.98 -12.67 5.86
C LEU F 153 -31.75 -12.15 7.05
N LEU F 154 -31.20 -11.16 7.76
CA LEU F 154 -31.89 -10.61 8.92
C LEU F 154 -33.20 -9.92 8.57
N ARG F 155 -33.16 -8.95 7.66
CA ARG F 155 -34.37 -8.21 7.31
C ARG F 155 -35.49 -9.06 6.70
N GLU F 156 -35.17 -10.05 5.86
CA GLU F 156 -36.21 -10.87 5.26
C GLU F 156 -36.83 -11.87 6.25
N THR F 157 -36.01 -12.44 7.12
CA THR F 157 -36.49 -13.40 8.10
C THR F 157 -37.36 -12.69 9.15
N ALA F 158 -36.92 -11.51 9.58
CA ALA F 158 -37.64 -10.74 10.57
C ALA F 158 -38.94 -10.22 9.97
N LYS F 159 -38.89 -9.82 8.71
CA LYS F 159 -40.07 -9.30 8.02
C LYS F 159 -41.17 -10.38 8.02
N LYS F 160 -40.79 -11.61 7.67
CA LYS F 160 -41.75 -12.70 7.62
C LYS F 160 -42.25 -13.06 9.01
N LEU F 161 -41.35 -13.16 9.99
CA LEU F 161 -41.78 -13.48 11.36
C LEU F 161 -42.84 -12.46 11.82
N ALA F 162 -42.58 -11.17 11.55
CA ALA F 162 -43.52 -10.13 11.93
C ALA F 162 -44.84 -10.32 11.16
N LEU F 163 -44.71 -10.66 9.88
CA LEU F 163 -45.88 -10.88 9.05
C LEU F 163 -46.80 -11.96 9.61
N ILE F 164 -46.24 -13.16 9.87
CA ILE F 164 -47.03 -14.27 10.41
C ILE F 164 -47.37 -14.07 11.89
N GLY F 165 -47.20 -12.84 12.38
CA GLY F 165 -47.53 -12.52 13.76
C GLY F 165 -46.64 -12.99 14.90
N THR F 166 -45.40 -13.39 14.63
CA THR F 166 -44.51 -13.83 15.69
C THR F 166 -43.19 -13.06 15.69
N PRO F 167 -43.24 -11.73 15.94
CA PRO F 167 -42.06 -10.86 15.97
C PRO F 167 -41.18 -11.17 17.19
N SER F 168 -40.59 -12.36 17.18
CA SER F 168 -39.75 -12.84 18.27
C SER F 168 -38.27 -12.88 17.93
N MET F 169 -37.45 -12.26 18.77
CA MET F 169 -36.02 -12.28 18.54
C MET F 169 -35.53 -13.71 18.71
N ARG F 170 -36.18 -14.45 19.60
CA ARG F 170 -35.81 -15.84 19.87
C ARG F 170 -36.00 -16.65 18.61
N GLU F 171 -37.15 -16.45 17.97
CA GLU F 171 -37.49 -17.15 16.74
C GLU F 171 -36.54 -16.70 15.63
N LEU F 172 -36.29 -15.40 15.58
CA LEU F 172 -35.39 -14.83 14.58
C LEU F 172 -34.02 -15.47 14.72
N PHE F 173 -33.53 -15.55 15.95
CA PHE F 173 -32.23 -16.12 16.22
C PHE F 173 -32.19 -17.61 15.93
N HIS F 174 -33.30 -18.30 16.18
CA HIS F 174 -33.34 -19.74 15.92
C HIS F 174 -33.24 -20.02 14.41
N TRP F 175 -34.07 -19.36 13.63
CA TRP F 175 -34.08 -19.54 12.18
C TRP F 175 -32.76 -19.17 11.52
N THR F 176 -32.20 -18.03 11.91
CA THR F 176 -30.96 -17.55 11.31
C THR F 176 -29.66 -18.21 11.78
N THR F 177 -29.67 -18.93 12.89
CA THR F 177 -28.42 -19.53 13.34
C THR F 177 -28.50 -20.96 13.88
N ILE F 178 -29.71 -21.46 14.12
CA ILE F 178 -29.84 -22.82 14.63
C ILE F 178 -30.52 -23.76 13.65
N ALA F 179 -31.62 -23.31 13.06
CA ALA F 179 -32.35 -24.14 12.09
C ALA F 179 -31.39 -24.65 11.02
N THR F 180 -31.55 -25.90 10.62
CA THR F 180 -30.67 -26.47 9.60
C THR F 180 -30.79 -25.66 8.31
N PHE F 181 -29.71 -25.68 7.54
CA PHE F 181 -29.63 -24.97 6.28
C PHE F 181 -30.89 -25.10 5.45
N ASP F 182 -31.33 -26.34 5.25
CA ASP F 182 -32.51 -26.60 4.45
C ASP F 182 -33.76 -25.96 5.04
N ASP F 183 -34.00 -26.20 6.33
CA ASP F 183 -35.18 -25.62 7.01
C ASP F 183 -35.23 -24.11 6.81
N LEU F 184 -34.07 -23.46 6.99
CA LEU F 184 -34.01 -22.01 6.83
C LEU F 184 -34.42 -21.63 5.41
N ARG F 185 -33.80 -22.27 4.42
CA ARG F 185 -34.13 -21.99 3.03
C ARG F 185 -35.63 -22.13 2.87
N GLY F 186 -36.17 -23.17 3.50
CA GLY F 186 -37.60 -23.41 3.44
C GLY F 186 -38.36 -22.22 4.01
N PHE F 187 -38.01 -21.83 5.22
CA PHE F 187 -38.67 -20.69 5.85
C PHE F 187 -38.54 -19.43 5.01
N LEU F 188 -37.47 -19.33 4.21
CA LEU F 188 -37.28 -18.14 3.39
C LEU F 188 -38.18 -18.13 2.18
N GLU F 189 -38.58 -19.31 1.72
CA GLU F 189 -39.46 -19.39 0.55
C GLU F 189 -40.59 -18.38 0.69
N GLY F 190 -40.74 -17.51 -0.30
CA GLY F 190 -41.79 -16.50 -0.25
C GLY F 190 -41.23 -15.11 0.01
N THR F 191 -40.01 -15.07 0.52
CA THR F 191 -39.36 -13.80 0.81
C THR F 191 -38.40 -13.50 -0.34
N LEU F 192 -37.92 -12.25 -0.40
CA LEU F 192 -36.98 -11.85 -1.43
C LEU F 192 -35.72 -12.70 -1.34
N ALA F 193 -35.48 -13.25 -0.17
CA ALA F 193 -34.30 -14.08 0.08
C ALA F 193 -34.49 -15.51 -0.41
N GLU F 194 -35.64 -15.80 -1.00
CA GLU F 194 -35.92 -17.15 -1.47
C GLU F 194 -34.85 -17.73 -2.39
N SER F 195 -34.68 -17.10 -3.55
CA SER F 195 -33.71 -17.59 -4.51
C SER F 195 -32.29 -17.06 -4.32
N LEU F 196 -32.17 -15.84 -3.78
CA LEU F 196 -30.86 -15.25 -3.57
C LEU F 196 -29.84 -16.16 -2.88
N PHE F 197 -30.30 -16.92 -1.89
CA PHE F 197 -29.42 -17.81 -1.14
C PHE F 197 -29.47 -19.26 -1.62
N ALA F 198 -29.65 -19.47 -2.91
CA ALA F 198 -29.69 -20.83 -3.44
C ALA F 198 -29.40 -20.89 -4.94
N GLY F 199 -28.95 -22.05 -5.41
CA GLY F 199 -28.67 -22.22 -6.82
C GLY F 199 -27.21 -22.35 -7.23
N SER F 200 -26.30 -22.15 -6.30
CA SER F 200 -24.87 -22.25 -6.60
C SER F 200 -24.11 -22.36 -5.31
N ASN F 201 -22.82 -22.68 -5.41
CA ASN F 201 -22.02 -22.76 -4.20
C ASN F 201 -21.92 -21.36 -3.63
N GLU F 202 -21.71 -20.39 -4.51
CA GLU F 202 -21.58 -19.01 -4.09
C GLU F 202 -22.75 -18.62 -3.23
N ALA F 203 -23.95 -18.93 -3.72
CA ALA F 203 -25.18 -18.63 -3.01
C ALA F 203 -25.14 -19.22 -1.60
N SER F 204 -24.77 -20.50 -1.52
CA SER F 204 -24.67 -21.21 -0.26
C SER F 204 -23.61 -20.60 0.64
N LYS F 205 -22.49 -20.23 0.05
CA LYS F 205 -21.41 -19.61 0.80
C LYS F 205 -21.94 -18.31 1.41
N ALA F 206 -22.63 -17.51 0.62
CA ALA F 206 -23.19 -16.25 1.08
C ALA F 206 -24.10 -16.48 2.28
N LEU F 207 -24.97 -17.49 2.20
CA LEU F 207 -25.88 -17.80 3.30
C LEU F 207 -25.06 -18.15 4.54
N THR F 208 -24.02 -18.96 4.36
CA THR F 208 -23.17 -19.34 5.48
C THR F 208 -22.55 -18.10 6.11
N SER F 209 -22.16 -17.14 5.28
CA SER F 209 -21.57 -15.91 5.79
C SER F 209 -22.60 -15.17 6.63
N ALA F 210 -23.81 -15.04 6.10
CA ALA F 210 -24.88 -14.34 6.81
C ALA F 210 -25.10 -14.93 8.19
N ARG F 211 -25.18 -16.26 8.25
CA ARG F 211 -25.39 -16.99 9.51
C ARG F 211 -24.36 -16.58 10.55
N PHE F 212 -23.09 -16.72 10.20
CA PHE F 212 -22.03 -16.36 11.11
C PHE F 212 -22.21 -14.93 11.61
N VAL F 213 -22.37 -13.98 10.70
CA VAL F 213 -22.55 -12.59 11.12
C VAL F 213 -23.64 -12.43 12.17
N LEU F 214 -24.84 -12.89 11.84
CA LEU F 214 -25.97 -12.78 12.77
C LEU F 214 -25.72 -13.54 14.05
N SER F 215 -24.98 -14.65 13.96
CA SER F 215 -24.67 -15.45 15.14
C SER F 215 -23.72 -14.64 16.05
N ASP F 216 -23.04 -13.65 15.48
CA ASP F 216 -22.14 -12.80 16.25
C ASP F 216 -22.84 -11.60 16.84
N LYS F 217 -23.74 -11.01 16.07
CA LYS F 217 -24.45 -9.81 16.53
C LYS F 217 -25.69 -10.05 17.40
N LEU F 218 -26.58 -10.90 16.92
CA LEU F 218 -27.83 -11.18 17.61
C LEU F 218 -27.84 -11.58 19.09
N PRO F 219 -26.97 -12.51 19.51
CA PRO F 219 -26.91 -12.96 20.91
C PRO F 219 -27.42 -12.03 22.02
N GLU F 220 -26.77 -10.89 22.22
CA GLU F 220 -27.22 -9.97 23.27
C GLU F 220 -28.60 -9.40 23.02
N HIS F 221 -29.00 -9.36 21.76
CA HIS F 221 -30.32 -8.85 21.36
C HIS F 221 -31.39 -9.81 21.86
N VAL F 222 -31.09 -11.10 21.75
CA VAL F 222 -32.01 -12.17 22.18
C VAL F 222 -32.20 -12.17 23.70
N THR F 223 -31.09 -12.18 24.44
CA THR F 223 -31.11 -12.19 25.91
C THR F 223 -31.56 -10.88 26.52
N MET F 224 -31.99 -9.95 25.67
CA MET F 224 -32.47 -8.66 26.15
C MET F 224 -33.90 -8.82 26.65
N PRO F 225 -34.20 -8.32 27.85
CA PRO F 225 -35.55 -8.43 28.41
C PRO F 225 -36.54 -7.85 27.43
N ASP F 226 -37.61 -8.60 27.15
CA ASP F 226 -38.61 -8.13 26.21
C ASP F 226 -39.48 -6.99 26.72
N GLY F 227 -39.87 -6.11 25.81
CA GLY F 227 -40.70 -4.99 26.18
C GLY F 227 -41.15 -4.29 24.92
N ASP F 228 -41.94 -3.25 25.08
CA ASP F 228 -42.44 -2.52 23.93
C ASP F 228 -41.81 -1.15 23.81
N PHE F 229 -40.72 -0.93 24.53
CA PHE F 229 -40.07 0.39 24.47
C PHE F 229 -39.54 0.66 23.06
N SER F 230 -39.71 1.90 22.60
CA SER F 230 -39.27 2.29 21.27
C SER F 230 -38.47 3.60 21.33
N ILE F 231 -37.20 3.53 20.94
CA ILE F 231 -36.34 4.70 20.95
C ILE F 231 -36.93 5.78 20.06
N ARG F 232 -37.64 5.35 19.01
CA ARG F 232 -38.27 6.30 18.11
C ARG F 232 -39.35 7.08 18.85
N SER F 233 -40.29 6.34 19.44
CA SER F 233 -41.38 6.94 20.19
C SER F 233 -40.83 7.85 21.28
N TRP F 234 -39.86 7.32 22.03
CA TRP F 234 -39.21 8.05 23.11
C TRP F 234 -38.70 9.42 22.67
N LEU F 235 -38.11 9.48 21.48
CA LEU F 235 -37.59 10.73 20.95
C LEU F 235 -38.73 11.73 20.72
N GLU F 236 -39.88 11.21 20.33
CA GLU F 236 -41.03 12.05 20.05
C GLU F 236 -41.74 12.57 21.30
N ASP F 237 -41.65 11.80 22.39
CA ASP F 237 -42.30 12.20 23.64
C ASP F 237 -41.47 13.24 24.39
N PRO F 238 -41.90 14.52 24.37
CA PRO F 238 -41.16 15.58 25.06
C PRO F 238 -41.00 15.27 26.54
N ASN F 239 -42.10 14.77 27.12
CA ASN F 239 -42.15 14.41 28.53
C ASN F 239 -41.28 13.19 28.86
N GLY F 240 -40.78 12.53 27.83
CA GLY F 240 -39.90 11.41 28.06
C GLY F 240 -38.69 11.99 28.76
N GLY F 241 -37.95 11.16 29.48
CA GLY F 241 -36.78 11.65 30.19
C GLY F 241 -35.51 11.61 29.36
N ASN F 242 -34.42 11.20 30.00
CA ASN F 242 -33.14 11.08 29.33
C ASN F 242 -32.85 9.59 29.22
N LEU F 243 -32.09 9.20 28.20
CA LEU F 243 -31.76 7.80 28.01
C LEU F 243 -30.34 7.49 28.46
N PHE F 244 -30.22 6.52 29.37
CA PHE F 244 -28.91 6.12 29.85
C PHE F 244 -28.59 4.71 29.35
N ILE F 245 -27.58 4.60 28.48
CA ILE F 245 -27.15 3.31 27.97
C ILE F 245 -25.97 2.90 28.83
N THR F 246 -26.19 1.97 29.75
CA THR F 246 -25.13 1.54 30.65
C THR F 246 -24.71 0.07 30.49
N TRP F 247 -23.55 -0.28 31.07
CA TRP F 247 -23.01 -1.63 31.02
C TRP F 247 -21.77 -1.68 31.92
N ARG F 248 -21.45 -2.87 32.43
CA ARG F 248 -20.27 -3.08 33.29
C ARG F 248 -19.07 -3.26 32.35
N GLU F 249 -17.98 -2.56 32.63
CA GLU F 249 -16.80 -2.65 31.82
C GLU F 249 -16.32 -4.04 31.46
N ASP F 250 -16.42 -4.99 32.38
CA ASP F 250 -15.94 -6.33 32.06
C ASP F 250 -16.76 -7.03 30.98
N MET F 251 -17.91 -6.45 30.65
CA MET F 251 -18.78 -7.03 29.61
C MET F 251 -18.80 -6.13 28.37
N GLY F 252 -17.94 -5.11 28.35
CA GLY F 252 -17.87 -4.20 27.22
C GLY F 252 -17.82 -4.91 25.89
N PRO F 253 -16.82 -5.79 25.67
CA PRO F 253 -16.74 -6.49 24.39
C PRO F 253 -17.98 -7.30 24.04
N ALA F 254 -18.62 -7.87 25.05
CA ALA F 254 -19.83 -8.66 24.81
C ALA F 254 -21.01 -7.80 24.37
N LEU F 255 -21.15 -6.62 24.95
CA LEU F 255 -22.25 -5.73 24.62
C LEU F 255 -21.94 -4.73 23.52
N ARG F 256 -20.74 -4.83 22.95
CA ARG F 256 -20.33 -3.90 21.90
C ARG F 256 -21.33 -3.82 20.74
N PRO F 257 -21.71 -4.96 20.15
CA PRO F 257 -22.67 -4.90 19.05
C PRO F 257 -24.08 -4.41 19.42
N LEU F 258 -24.50 -4.61 20.66
CA LEU F 258 -25.82 -4.16 21.07
C LEU F 258 -25.83 -2.66 21.31
N ILE F 259 -24.82 -2.17 22.02
CA ILE F 259 -24.70 -0.75 22.30
C ILE F 259 -24.55 0.03 21.01
N SER F 260 -23.78 -0.54 20.09
CA SER F 260 -23.54 0.08 18.80
C SER F 260 -24.85 0.19 18.04
N ALA F 261 -25.75 -0.74 18.30
CA ALA F 261 -27.05 -0.76 17.64
C ALA F 261 -27.93 0.36 18.20
N TRP F 262 -28.01 0.45 19.52
CA TRP F 262 -28.82 1.49 20.13
C TRP F 262 -28.35 2.87 19.71
N VAL F 263 -27.04 3.09 19.75
CA VAL F 263 -26.51 4.39 19.38
C VAL F 263 -26.86 4.70 17.93
N ASP F 264 -26.74 3.70 17.06
CA ASP F 264 -27.07 3.89 15.66
C ASP F 264 -28.55 4.18 15.48
N VAL F 265 -29.40 3.48 16.22
CA VAL F 265 -30.85 3.67 16.15
C VAL F 265 -31.18 5.13 16.42
N VAL F 266 -30.55 5.69 17.44
CA VAL F 266 -30.77 7.09 17.80
C VAL F 266 -30.36 7.96 16.61
N CYS F 267 -29.25 7.59 15.98
CA CYS F 267 -28.74 8.34 14.85
C CYS F 267 -29.66 8.46 13.64
N THR F 268 -30.25 7.35 13.20
CA THR F 268 -31.14 7.39 12.03
C THR F 268 -32.48 7.97 12.43
N SER F 269 -32.96 7.50 13.57
CA SER F 269 -34.26 7.91 14.08
C SER F 269 -34.46 9.42 14.20
N ILE F 270 -33.45 10.14 14.68
CA ILE F 270 -33.62 11.58 14.82
C ILE F 270 -33.89 12.23 13.46
N LEU F 271 -33.53 11.54 12.39
CA LEU F 271 -33.74 12.05 11.03
C LEU F 271 -35.20 11.96 10.61
N SER F 272 -36.03 11.33 11.44
CA SER F 272 -37.45 11.20 11.13
C SER F 272 -38.33 12.06 12.03
N LEU F 273 -37.76 12.55 13.13
CA LEU F 273 -38.52 13.39 14.05
C LEU F 273 -39.09 14.58 13.31
N PRO F 274 -40.31 15.00 13.70
CA PRO F 274 -41.00 16.14 13.08
C PRO F 274 -40.32 17.49 13.30
N GLU F 275 -40.66 18.42 12.41
CA GLU F 275 -40.12 19.77 12.42
C GLU F 275 -40.31 20.50 13.75
N GLU F 276 -39.25 20.52 14.55
CA GLU F 276 -39.33 21.18 15.84
C GLU F 276 -38.04 21.91 16.20
N PRO F 277 -38.02 23.24 15.99
CA PRO F 277 -36.88 24.14 16.27
C PRO F 277 -36.43 24.18 17.74
N LYS F 278 -37.39 24.11 18.65
CA LYS F 278 -37.07 24.16 20.07
C LYS F 278 -36.40 22.90 20.64
N ARG F 279 -36.33 21.84 19.83
CA ARG F 279 -35.72 20.60 20.33
C ARG F 279 -34.21 20.72 20.54
N ARG F 280 -33.74 20.09 21.61
CA ARG F 280 -32.32 20.06 21.93
C ARG F 280 -32.01 18.68 22.50
N LEU F 281 -31.37 17.85 21.68
CA LEU F 281 -31.04 16.49 22.07
C LEU F 281 -29.53 16.25 21.99
N TRP F 282 -28.91 15.91 23.12
CA TRP F 282 -27.48 15.64 23.14
C TRP F 282 -27.22 14.14 23.02
N LEU F 283 -26.14 13.80 22.34
CA LEU F 283 -25.74 12.40 22.18
C LEU F 283 -24.34 12.34 22.76
N PHE F 284 -24.22 11.84 23.99
CA PHE F 284 -22.93 11.73 24.65
C PHE F 284 -22.32 10.36 24.43
N ILE F 285 -21.19 10.33 23.72
CA ILE F 285 -20.47 9.10 23.46
C ILE F 285 -19.11 9.21 24.13
N ASP F 286 -18.94 8.50 25.25
CA ASP F 286 -17.68 8.56 26.00
C ASP F 286 -16.45 8.20 25.15
N GLU F 287 -16.55 7.12 24.39
CA GLU F 287 -15.44 6.69 23.56
C GLU F 287 -15.89 6.23 22.18
N LEU F 288 -15.87 7.17 21.23
CA LEU F 288 -16.30 6.90 19.87
C LEU F 288 -15.64 5.67 19.24
N ALA F 289 -14.37 5.45 19.55
CA ALA F 289 -13.64 4.33 18.96
C ALA F 289 -14.00 2.96 19.53
N SER F 290 -14.71 2.95 20.65
CA SER F 290 -15.09 1.67 21.28
C SER F 290 -16.36 1.05 20.74
N LEU F 291 -17.06 1.79 19.88
CA LEU F 291 -18.27 1.27 19.27
C LEU F 291 -17.86 0.68 17.92
N GLU F 292 -18.81 0.11 17.20
CA GLU F 292 -18.51 -0.44 15.90
C GLU F 292 -18.59 0.66 14.87
N LYS F 293 -18.39 0.30 13.61
CA LYS F 293 -18.46 1.27 12.52
C LYS F 293 -19.94 1.57 12.34
N LEU F 294 -20.39 2.68 12.91
CA LEU F 294 -21.79 3.08 12.83
C LEU F 294 -22.26 3.51 11.45
N ALA F 295 -23.27 2.83 10.95
CA ALA F 295 -23.82 3.13 9.63
C ALA F 295 -24.50 4.49 9.51
N SER F 296 -24.98 5.03 10.61
CA SER F 296 -25.70 6.30 10.54
C SER F 296 -25.07 7.51 11.21
N LEU F 297 -24.01 7.31 11.97
CA LEU F 297 -23.36 8.42 12.66
C LEU F 297 -23.06 9.59 11.72
N ALA F 298 -22.53 9.28 10.55
CA ALA F 298 -22.18 10.31 9.57
C ALA F 298 -23.36 11.22 9.24
N ASP F 299 -24.45 10.64 8.74
CA ASP F 299 -25.63 11.43 8.38
C ASP F 299 -26.16 12.21 9.57
N ALA F 300 -26.16 11.59 10.76
CA ALA F 300 -26.63 12.23 11.97
C ALA F 300 -25.82 13.49 12.26
N LEU F 301 -24.50 13.39 12.13
CA LEU F 301 -23.61 14.52 12.36
C LEU F 301 -23.74 15.58 11.28
N THR F 302 -24.41 15.24 10.18
CA THR F 302 -24.55 16.18 9.07
C THR F 302 -25.95 16.72 8.83
N LYS F 303 -26.96 15.92 9.15
CA LYS F 303 -28.35 16.33 8.93
C LYS F 303 -29.16 16.36 10.21
N GLY F 304 -28.48 16.39 11.35
CA GLY F 304 -29.20 16.42 12.61
C GLY F 304 -29.53 17.79 13.20
N ARG F 305 -29.16 18.86 12.52
CA ARG F 305 -29.42 20.21 12.98
C ARG F 305 -30.83 20.47 13.19
N LYS F 306 -31.67 20.38 12.15
CA LYS F 306 -33.10 20.63 12.31
C LYS F 306 -33.74 19.80 13.49
N ALA F 307 -33.11 18.73 13.95
CA ALA F 307 -33.74 17.89 14.89
C ALA F 307 -33.11 18.35 16.15
N GLY F 308 -32.12 19.21 16.03
CA GLY F 308 -31.47 19.77 17.18
C GLY F 308 -30.49 18.81 17.88
N LEU F 309 -29.90 17.91 17.08
CA LEU F 309 -28.95 16.91 17.57
C LEU F 309 -27.61 17.55 17.91
N ARG F 310 -27.10 17.23 19.08
CA ARG F 310 -25.82 17.75 19.52
C ARG F 310 -25.00 16.55 19.97
N VAL F 311 -23.94 16.24 19.23
CA VAL F 311 -23.11 15.10 19.57
C VAL F 311 -21.81 15.51 20.21
N VAL F 312 -21.44 14.82 21.27
CA VAL F 312 -20.20 15.06 21.99
C VAL F 312 -19.55 13.69 22.16
N ALA F 313 -18.35 13.53 21.59
CA ALA F 313 -17.67 12.26 21.67
C ALA F 313 -16.25 12.36 22.19
N GLY F 314 -15.86 11.35 22.97
CA GLY F 314 -14.52 11.31 23.50
C GLY F 314 -13.66 10.48 22.56
N LEU F 315 -12.36 10.73 22.57
CA LEU F 315 -11.47 10.01 21.67
C LEU F 315 -10.07 10.04 22.24
N GLN F 316 -9.35 8.91 22.21
CA GLN F 316 -7.99 8.88 22.73
C GLN F 316 -6.95 9.01 21.62
N SER F 317 -6.88 8.01 20.74
CA SER F 317 -5.94 8.04 19.62
C SER F 317 -6.69 8.11 18.29
N THR F 318 -6.14 8.89 17.36
CA THR F 318 -6.76 9.03 16.05
C THR F 318 -6.57 7.69 15.35
N SER F 319 -5.56 6.95 15.78
CA SER F 319 -5.28 5.64 15.19
C SER F 319 -6.42 4.66 15.45
N GLN F 320 -7.15 4.87 16.54
CA GLN F 320 -8.27 3.99 16.87
C GLN F 320 -9.38 4.17 15.84
N LEU F 321 -9.94 5.38 15.78
CA LEU F 321 -11.00 5.68 14.85
C LEU F 321 -10.65 5.18 13.47
N ASP F 322 -9.39 5.38 13.08
CA ASP F 322 -8.89 4.92 11.78
C ASP F 322 -9.06 3.42 11.62
N ASP F 323 -8.64 2.68 12.63
CA ASP F 323 -8.72 1.23 12.59
C ASP F 323 -10.16 0.74 12.52
N VAL F 324 -11.09 1.54 13.03
CA VAL F 324 -12.50 1.15 13.02
C VAL F 324 -13.24 1.56 11.74
N TYR F 325 -13.14 2.83 11.37
CA TYR F 325 -13.81 3.33 10.18
C TYR F 325 -12.94 3.31 8.92
N GLY F 326 -11.63 3.29 9.10
CA GLY F 326 -10.73 3.32 7.96
C GLY F 326 -10.31 4.77 7.83
N VAL F 327 -9.09 5.01 7.36
CA VAL F 327 -8.60 6.37 7.23
C VAL F 327 -9.53 7.38 6.54
N LYS F 328 -9.87 7.13 5.29
CA LYS F 328 -10.74 8.02 4.54
C LYS F 328 -12.02 8.34 5.30
N GLU F 329 -12.70 7.28 5.71
CA GLU F 329 -13.96 7.41 6.42
C GLU F 329 -13.80 8.12 7.77
N ALA F 330 -12.77 7.74 8.52
CA ALA F 330 -12.52 8.34 9.83
C ALA F 330 -12.24 9.83 9.70
N GLN F 331 -11.59 10.22 8.61
CA GLN F 331 -11.28 11.62 8.38
C GLN F 331 -12.58 12.41 8.25
N THR F 332 -13.50 11.86 7.46
CA THR F 332 -14.79 12.50 7.22
C THR F 332 -15.58 12.59 8.52
N LEU F 333 -15.52 11.54 9.32
CA LEU F 333 -16.21 11.50 10.61
C LEU F 333 -15.71 12.63 11.49
N ARG F 334 -14.40 12.66 11.71
CA ARG F 334 -13.80 13.70 12.54
C ARG F 334 -14.13 15.08 12.00
N ALA F 335 -14.02 15.25 10.69
CA ALA F 335 -14.30 16.55 10.07
C ALA F 335 -15.70 17.05 10.38
N SER F 336 -16.59 16.13 10.73
CA SER F 336 -17.97 16.50 11.03
C SER F 336 -18.15 17.20 12.38
N PHE F 337 -17.16 17.05 13.26
CA PHE F 337 -17.19 17.70 14.59
C PHE F 337 -16.48 19.05 14.42
N ARG F 338 -17.26 20.13 14.39
CA ARG F 338 -16.71 21.47 14.20
C ARG F 338 -15.89 22.04 15.38
N SER F 339 -16.26 21.69 16.60
CA SER F 339 -15.54 22.19 17.78
C SER F 339 -14.62 21.11 18.32
N LEU F 340 -13.43 21.51 18.70
CA LEU F 340 -12.41 20.58 19.20
C LEU F 340 -11.86 20.94 20.59
N VAL F 341 -11.51 19.91 21.37
CA VAL F 341 -10.92 20.09 22.69
C VAL F 341 -9.74 19.13 22.76
N VAL F 342 -8.56 19.65 23.05
CA VAL F 342 -7.36 18.84 23.14
C VAL F 342 -6.81 18.79 24.57
N LEU F 343 -6.87 17.61 25.17
CA LEU F 343 -6.43 17.40 26.55
C LEU F 343 -4.99 16.92 26.75
N GLY F 344 -4.18 16.98 25.71
CA GLY F 344 -2.80 16.54 25.86
C GLY F 344 -2.66 15.03 25.97
N GLY F 345 -1.81 14.47 25.12
CA GLY F 345 -1.61 13.04 25.13
C GLY F 345 -0.26 12.56 25.63
N SER F 346 0.02 11.28 25.41
CA SER F 346 1.26 10.67 25.85
C SER F 346 2.42 11.03 24.91
N ARG F 347 3.63 11.05 25.45
CA ARG F 347 4.80 11.37 24.64
C ARG F 347 5.28 10.16 23.87
N THR F 348 4.70 8.99 24.14
CA THR F 348 5.09 7.79 23.43
C THR F 348 4.37 7.74 22.09
N ASP F 349 3.44 8.67 21.89
CA ASP F 349 2.68 8.75 20.65
C ASP F 349 2.79 10.13 20.00
N PRO F 350 3.95 10.43 19.39
CA PRO F 350 4.20 11.71 18.73
C PRO F 350 3.31 12.00 17.52
N LYS F 351 2.76 10.97 16.89
CA LYS F 351 1.89 11.18 15.74
C LYS F 351 0.64 11.94 16.13
N THR F 352 -0.07 11.41 17.11
CA THR F 352 -1.29 12.08 17.55
C THR F 352 -0.96 13.51 18.00
N ASN F 353 0.13 13.68 18.75
CA ASN F 353 0.51 15.01 19.22
C ASN F 353 0.72 15.93 18.04
N GLU F 354 1.23 15.37 16.96
CA GLU F 354 1.46 16.14 15.75
C GLU F 354 0.12 16.51 15.15
N ASP F 355 -0.80 15.54 15.06
CA ASP F 355 -2.13 15.79 14.49
C ASP F 355 -2.85 16.85 15.27
N MET F 356 -2.83 16.72 16.60
CA MET F 356 -3.50 17.67 17.46
C MET F 356 -2.85 19.04 17.32
N SER F 357 -1.52 19.07 17.24
CA SER F 357 -0.82 20.34 17.07
C SER F 357 -1.25 20.98 15.75
N LEU F 358 -1.23 20.20 14.68
CA LEU F 358 -1.61 20.69 13.36
C LEU F 358 -3.08 21.09 13.33
N SER F 359 -3.91 20.35 14.06
CA SER F 359 -5.32 20.66 14.13
C SER F 359 -5.51 22.01 14.79
N LEU F 360 -4.79 22.27 15.86
CA LEU F 360 -4.89 23.55 16.55
C LEU F 360 -4.45 24.68 15.63
N GLY F 361 -3.67 24.33 14.61
CA GLY F 361 -3.23 25.30 13.62
C GLY F 361 -2.01 26.18 13.89
N GLU F 362 -1.53 26.82 12.82
CA GLU F 362 -0.39 27.72 12.88
C GLU F 362 -0.90 29.14 12.82
N HIS F 363 0.02 30.09 13.01
CA HIS F 363 -0.31 31.50 12.92
C HIS F 363 0.88 32.21 12.29
N GLU F 364 0.62 33.30 11.58
CA GLU F 364 1.72 34.04 10.97
C GLU F 364 1.82 35.28 11.83
N VAL F 365 3.04 35.53 12.31
CA VAL F 365 3.26 36.64 13.22
C VAL F 365 4.44 37.54 12.87
N GLU F 366 4.39 38.77 13.39
CA GLU F 366 5.48 39.74 13.15
C GLU F 366 6.26 40.05 14.46
N ARG F 367 7.57 39.76 14.39
CA ARG F 367 8.50 39.86 15.55
C ARG F 367 9.85 40.58 15.32
N ASP F 368 10.53 40.88 16.44
CA ASP F 368 11.87 41.48 16.46
C ASP F 368 12.03 42.76 15.62
N GLU F 385 11.75 38.48 11.71
CA GLU F 385 10.38 39.08 11.90
C GLU F 385 9.08 38.54 11.28
N ARG F 386 9.18 37.87 10.10
CA ARG F 386 7.93 37.24 9.74
C ARG F 386 8.04 35.82 10.07
N VAL F 387 7.11 35.32 10.87
CA VAL F 387 7.22 33.93 11.21
C VAL F 387 5.93 33.12 11.22
N ARG F 388 5.99 31.90 10.71
CA ARG F 388 4.83 31.00 10.70
C ARG F 388 5.20 29.96 11.74
N GLU F 389 4.28 29.64 12.63
CA GLU F 389 4.59 28.67 13.65
C GLU F 389 3.33 28.10 14.26
N ARG F 390 3.45 26.91 14.83
CA ARG F 390 2.32 26.26 15.47
C ARG F 390 2.01 27.05 16.72
N VAL F 391 0.73 27.30 16.97
CA VAL F 391 0.36 28.02 18.17
C VAL F 391 0.63 27.11 19.35
N VAL F 392 0.46 25.81 19.14
CA VAL F 392 0.71 24.83 20.17
C VAL F 392 1.59 23.74 19.59
N MET F 393 2.81 23.61 20.10
CA MET F 393 3.75 22.59 19.62
C MET F 393 3.33 21.19 20.02
N PRO F 394 3.75 20.17 19.25
CA PRO F 394 3.37 18.81 19.62
C PRO F 394 3.90 18.51 21.02
N ALA F 395 5.09 19.02 21.31
CA ALA F 395 5.69 18.84 22.61
C ALA F 395 4.84 19.48 23.70
N GLU F 396 4.28 20.66 23.43
CA GLU F 396 3.44 21.34 24.42
C GLU F 396 2.25 20.45 24.79
N ILE F 397 1.67 19.79 23.79
CA ILE F 397 0.51 18.92 24.03
C ILE F 397 0.92 17.66 24.79
N ALA F 398 2.17 17.23 24.61
CA ALA F 398 2.68 16.04 25.29
C ALA F 398 3.09 16.36 26.73
N ASN F 399 3.19 17.64 27.06
CA ASN F 399 3.58 18.03 28.40
C ASN F 399 2.42 18.58 29.25
N LEU F 400 1.22 18.61 28.67
CA LEU F 400 0.08 19.09 29.41
C LEU F 400 -0.17 18.22 30.64
N PRO F 401 -0.44 18.85 31.79
CA PRO F 401 -0.71 18.07 32.99
C PRO F 401 -2.18 17.66 32.87
N ASP F 402 -2.60 16.62 33.58
CA ASP F 402 -4.00 16.20 33.46
C ASP F 402 -4.93 17.36 33.82
N LEU F 403 -6.20 17.23 33.46
CA LEU F 403 -7.19 18.27 33.74
C LEU F 403 -6.84 19.65 33.19
N THR F 404 -6.13 19.68 32.08
CA THR F 404 -5.77 20.94 31.41
C THR F 404 -6.08 20.74 29.93
N ALA F 405 -6.82 21.66 29.34
CA ALA F 405 -7.21 21.50 27.95
C ALA F 405 -7.24 22.75 27.08
N TYR F 406 -7.01 22.53 25.79
CA TYR F 406 -7.06 23.59 24.81
C TYR F 406 -8.48 23.52 24.27
N VAL F 407 -9.18 24.65 24.31
CA VAL F 407 -10.54 24.71 23.80
C VAL F 407 -10.60 25.53 22.52
N GLY F 408 -11.01 24.87 21.44
CA GLY F 408 -11.12 25.55 20.16
C GLY F 408 -12.49 25.37 19.57
N PHE F 409 -13.39 26.29 19.90
CA PHE F 409 -14.76 26.26 19.40
C PHE F 409 -14.79 26.48 17.90
N ALA F 410 -15.83 25.91 17.27
CA ALA F 410 -16.02 26.01 15.83
C ALA F 410 -16.13 27.46 15.37
N GLY F 411 -15.74 27.72 14.14
CA GLY F 411 -15.84 29.07 13.61
C GLY F 411 -14.65 29.95 13.83
N ASN F 412 -14.89 31.27 13.77
CA ASN F 412 -13.83 32.26 13.94
C ASN F 412 -13.63 32.71 15.38
N ARG F 413 -13.10 31.82 16.22
CA ARG F 413 -12.86 32.15 17.62
C ARG F 413 -11.48 31.67 18.02
N PRO F 414 -10.81 32.39 18.93
CA PRO F 414 -9.48 31.98 19.36
C PRO F 414 -9.54 30.77 20.27
N ILE F 415 -8.43 30.06 20.38
CA ILE F 415 -8.37 28.90 21.25
C ILE F 415 -7.80 29.38 22.57
N ALA F 416 -7.97 28.57 23.61
CA ALA F 416 -7.46 28.94 24.92
C ALA F 416 -7.13 27.72 25.76
N LYS F 417 -6.10 27.85 26.59
CA LYS F 417 -5.68 26.77 27.47
C LYS F 417 -6.39 27.01 28.80
N VAL F 418 -7.34 26.15 29.10
CA VAL F 418 -8.14 26.29 30.32
C VAL F 418 -8.00 25.11 31.29
N PRO F 419 -8.10 25.39 32.61
CA PRO F 419 -7.99 24.35 33.62
C PRO F 419 -9.34 23.67 33.80
N LEU F 420 -9.35 22.34 33.84
CA LEU F 420 -10.59 21.59 34.01
C LEU F 420 -10.77 21.27 35.49
N GLU F 421 -11.84 21.79 36.09
CA GLU F 421 -12.08 21.53 37.50
C GLU F 421 -12.91 20.27 37.77
N ILE F 422 -12.49 19.50 38.77
CA ILE F 422 -13.18 18.28 39.12
C ILE F 422 -14.37 18.57 40.04
N LYS F 423 -15.55 18.76 39.46
CA LYS F 423 -16.72 19.02 40.28
C LYS F 423 -17.24 17.71 40.89
N GLN F 424 -17.75 17.81 42.12
CA GLN F 424 -18.28 16.63 42.81
C GLN F 424 -19.80 16.51 42.69
N PHE F 425 -20.27 15.32 42.34
CA PHE F 425 -21.72 15.10 42.19
C PHE F 425 -22.22 13.99 43.12
N ALA F 426 -23.25 14.30 43.90
CA ALA F 426 -23.83 13.34 44.84
C ALA F 426 -24.48 12.15 44.09
N ASN F 427 -24.26 10.94 44.60
CA ASN F 427 -24.84 9.75 43.97
C ASN F 427 -26.31 9.54 44.28
N ARG F 428 -27.16 10.23 43.54
CA ARG F 428 -28.61 10.17 43.71
C ARG F 428 -29.29 8.96 43.05
N GLN F 429 -28.62 7.81 43.06
CA GLN F 429 -29.18 6.59 42.46
C GLN F 429 -28.08 5.57 42.23
N PRO F 430 -28.39 4.27 42.39
CA PRO F 430 -27.37 3.23 42.18
C PRO F 430 -26.99 3.10 40.69
N ALA F 431 -25.71 2.87 40.44
CA ALA F 431 -25.21 2.74 39.07
C ALA F 431 -25.71 1.48 38.38
N PHE F 432 -25.76 0.39 39.14
CA PHE F 432 -26.18 -0.89 38.60
C PHE F 432 -27.07 -1.60 39.62
N VAL F 433 -28.05 -2.35 39.11
CA VAL F 433 -28.97 -3.12 39.96
C VAL F 433 -29.15 -4.45 39.24
N GLU F 434 -28.32 -5.42 39.61
CA GLU F 434 -28.34 -6.75 38.98
C GLU F 434 -29.75 -7.29 38.75
N GLY F 435 -30.04 -7.63 37.48
CA GLY F 435 -31.36 -8.14 37.14
C GLY F 435 -31.77 -9.40 37.87
#